data_6LQ7
#
_entry.id   6LQ7
#
_cell.length_a   98.070
_cell.length_b   206.769
_cell.length_c   74.023
_cell.angle_alpha   90.000
_cell.angle_beta   90.000
_cell.angle_gamma   90.000
#
_symmetry.space_group_name_H-M   'P 21 21 2'
#
loop_
_entity.id
_entity.type
_entity.pdbx_description
1 polymer 'Acyl-CoA dehydrogenase'
2 non-polymer 'FLAVIN-ADENINE DINUCLEOTIDE'
3 non-polymer 'heptadecanoic acid'
4 non-polymer 'COENZYME A'
5 water water
#
_entity_poly.entity_id   1
_entity_poly.type   'polypeptide(L)'
_entity_poly.pdbx_seq_one_letter_code
;SMSHYKSNVRDQVFNLFEVFGVDKVLGADKFSDLDADTAREMLTEIARLAEGPIAESFVEGDRNPPVFDPETHTVTLPEG
FKKSMRALFDGGWDKVGLAEHLGGIPMPRALQWALIEHILGANPAAYMYAMGPGMSEIFYNNGTDEQKKWATIAAERGWG
ATMVLTEPDAGSDVGAGRTKAVQQPDGTWHIEGVKRFITSADSDDLFENIMHLVLARPEGAGPGTKGLSLFFVPKFHFDH
ETGEIGERNGVFVTNVEHKMGLKVSATCELSLGQHGIPAVGWLVGEVHNGIAQMFDVIEQARMMVGTKAIATLSTGYLNA
LEYAKERVQGADMTQMTDKTAPRVTITHHPDVRRSLMTQKAYAEGLRAIYLYTATFQDAEVAQAVHGVDGDLAARVNDLL
LPIVKGFGSETAYAKLTESLQTLGGSGFLQDYPIEQYIRDSKIDSLYAGTTAIQAQDFFFRKIIRDKGQALAYVAGEIEQ
FIKNENGNGRLKTERELLATALADVQGMAASLTGYLMAAQEDAASIYKVGLGSVRFLMAVGDLLSGWLLARQAAVAIEKL
DAGATGADKSFYEGKIAAASFFAKNMLPLLTSTRQIIENLDNDVMELDEAAF
;
_entity_poly.pdbx_strand_id   A,B
#
loop_
_chem_comp.id
_chem_comp.type
_chem_comp.name
_chem_comp.formula
COA non-polymer 'COENZYME A' 'C21 H36 N7 O16 P3 S'
FAD non-polymer 'FLAVIN-ADENINE DINUCLEOTIDE' 'C27 H33 N9 O15 P2'
X90 non-polymer 'heptadecanoic acid' 'C17 H34 O2'
#
# COMPACT_ATOMS: atom_id res chain seq x y z
N MET A 2 -23.71 1.69 -13.38
CA MET A 2 -22.94 0.70 -14.18
C MET A 2 -22.00 -0.11 -13.26
N SER A 3 -20.90 -0.57 -13.81
CA SER A 3 -20.03 -1.51 -13.13
C SER A 3 -18.95 -0.78 -12.33
N HIS A 4 -18.17 -1.56 -11.57
CA HIS A 4 -16.99 -0.99 -10.94
C HIS A 4 -16.00 -0.46 -11.97
N TYR A 5 -15.95 -1.05 -13.16
CA TYR A 5 -14.86 -0.80 -14.10
C TYR A 5 -15.15 0.47 -14.91
N LYS A 6 -14.27 1.45 -14.81
CA LYS A 6 -14.37 2.68 -15.59
C LYS A 6 -13.19 2.73 -16.55
N SER A 7 -13.50 2.63 -17.85
CA SER A 7 -12.53 2.52 -18.92
C SER A 7 -12.14 3.90 -19.44
N ASN A 8 -11.05 3.95 -20.22
CA ASN A 8 -10.61 5.20 -20.85
C ASN A 8 -10.16 4.93 -22.30
N VAL A 9 -11.12 4.56 -23.15
CA VAL A 9 -10.80 4.40 -24.56
C VAL A 9 -10.27 5.71 -25.15
N ARG A 10 -10.81 6.85 -24.73
CA ARG A 10 -10.38 8.13 -25.29
C ARG A 10 -8.88 8.34 -25.13
N ASP A 11 -8.33 8.03 -23.96
CA ASP A 11 -6.90 8.24 -23.76
C ASP A 11 -6.08 7.20 -24.53
N GLN A 12 -6.61 5.99 -24.69
CA GLN A 12 -5.92 4.99 -25.50
C GLN A 12 -5.81 5.43 -26.97
N VAL A 13 -6.94 5.84 -27.56
CA VAL A 13 -6.94 6.31 -28.94
C VAL A 13 -6.05 7.54 -29.10
N PHE A 14 -6.06 8.44 -28.12
CA PHE A 14 -5.16 9.58 -28.17
C PHE A 14 -3.71 9.11 -28.32
N ASN A 15 -3.27 8.23 -27.42
CA ASN A 15 -1.92 7.67 -27.49
C ASN A 15 -1.68 7.00 -28.83
N LEU A 16 -2.56 6.09 -29.23
CA LEU A 16 -2.26 5.25 -30.38
C LEU A 16 -2.16 6.07 -31.67
N PHE A 17 -3.05 7.03 -31.83
CA PHE A 17 -3.21 7.76 -33.09
C PHE A 17 -2.54 9.13 -33.01
N GLU A 18 -2.91 9.95 -32.01
CA GLU A 18 -2.44 11.32 -32.00
C GLU A 18 -1.00 11.46 -31.51
N VAL A 19 -0.51 10.51 -30.73
CA VAL A 19 0.84 10.63 -30.17
C VAL A 19 1.82 9.72 -30.90
N PHE A 20 1.53 8.42 -30.98
CA PHE A 20 2.48 7.49 -31.57
C PHE A 20 2.24 7.17 -33.04
N GLY A 21 1.05 7.48 -33.56
CA GLY A 21 0.83 7.32 -34.98
C GLY A 21 0.72 5.89 -35.46
N VAL A 22 0.21 5.01 -34.60
CA VAL A 22 0.06 3.60 -34.94
C VAL A 22 -0.88 3.44 -36.13
N ASP A 23 -1.84 4.34 -36.28
CA ASP A 23 -2.72 4.28 -37.43
C ASP A 23 -1.98 4.38 -38.77
N LYS A 24 -0.69 4.78 -38.78
CA LYS A 24 0.06 4.85 -40.03
C LYS A 24 0.40 3.49 -40.60
N VAL A 25 0.36 2.41 -39.80
CA VAL A 25 0.58 1.07 -40.32
C VAL A 25 -0.73 0.33 -40.59
N LEU A 26 -1.87 0.88 -40.14
CA LEU A 26 -3.15 0.23 -40.30
C LEU A 26 -3.60 0.30 -41.76
N GLY A 27 -3.91 -0.85 -42.35
CA GLY A 27 -4.23 -0.92 -43.76
C GLY A 27 -3.07 -1.28 -44.65
N ALA A 28 -1.91 -1.57 -44.09
CA ALA A 28 -0.70 -1.80 -44.87
C ALA A 28 -0.03 -3.08 -44.41
N ASP A 29 0.48 -3.85 -45.37
CA ASP A 29 1.34 -5.01 -45.14
C ASP A 29 0.61 -5.96 -44.20
N LYS A 30 1.21 -6.35 -43.06
CA LYS A 30 0.59 -7.34 -42.18
C LYS A 30 -0.82 -6.93 -41.77
N PHE A 31 -1.03 -5.64 -41.50
CA PHE A 31 -2.33 -5.15 -41.06
C PHE A 31 -3.16 -4.61 -42.22
N SER A 32 -2.98 -5.23 -43.39
CA SER A 32 -3.58 -4.76 -44.63
C SER A 32 -5.10 -4.60 -44.51
N ASP A 33 -5.76 -5.50 -43.80
CA ASP A 33 -7.22 -5.49 -43.73
C ASP A 33 -7.74 -5.14 -42.34
N LEU A 34 -7.04 -4.26 -41.63
CA LEU A 34 -7.54 -3.67 -40.39
C LEU A 34 -7.28 -2.17 -40.44
N ASP A 35 -8.33 -1.38 -40.54
CA ASP A 35 -8.19 0.06 -40.68
C ASP A 35 -8.44 0.77 -39.36
N ALA A 36 -8.19 2.08 -39.38
CA ALA A 36 -8.25 2.86 -38.16
C ALA A 36 -9.65 2.83 -37.56
N ASP A 37 -10.68 2.97 -38.40
CA ASP A 37 -12.04 2.94 -37.88
C ASP A 37 -12.35 1.62 -37.19
N THR A 38 -11.90 0.50 -37.76
CA THR A 38 -12.19 -0.79 -37.16
C THR A 38 -11.43 -0.96 -35.84
N ALA A 39 -10.19 -0.46 -35.77
CA ALA A 39 -9.42 -0.54 -34.54
C ALA A 39 -10.13 0.21 -33.43
N ARG A 40 -10.60 1.42 -33.73
CA ARG A 40 -11.38 2.20 -32.78
C ARG A 40 -12.64 1.46 -32.33
N GLU A 41 -13.32 0.81 -33.27
CA GLU A 41 -14.55 0.10 -32.93
C GLU A 41 -14.28 -1.10 -32.05
N MET A 42 -13.15 -1.78 -32.26
CA MET A 42 -12.79 -2.92 -31.43
C MET A 42 -12.51 -2.50 -29.98
N LEU A 43 -11.80 -1.38 -29.80
CA LEU A 43 -11.52 -0.84 -28.48
C LEU A 43 -12.82 -0.49 -27.76
N THR A 44 -13.72 0.19 -28.45
CA THR A 44 -15.01 0.53 -27.86
C THR A 44 -15.81 -0.72 -27.50
N GLU A 45 -15.78 -1.72 -28.36
CA GLU A 45 -16.57 -2.92 -28.12
C GLU A 45 -16.06 -3.69 -26.91
N ILE A 46 -14.74 -3.90 -26.81
CA ILE A 46 -14.22 -4.67 -25.67
C ILE A 46 -14.28 -3.83 -24.39
N ALA A 47 -14.17 -2.51 -24.50
CA ALA A 47 -14.41 -1.67 -23.32
C ALA A 47 -15.81 -1.90 -22.79
N ARG A 48 -16.79 -2.02 -23.69
CA ARG A 48 -18.17 -2.27 -23.24
C ARG A 48 -18.31 -3.68 -22.68
N LEU A 49 -17.66 -4.66 -23.31
CA LEU A 49 -17.70 -6.01 -22.77
C LEU A 49 -17.10 -6.01 -21.38
N ALA A 50 -16.00 -5.27 -21.19
CA ALA A 50 -15.33 -5.24 -19.91
C ALA A 50 -16.22 -4.58 -18.87
N GLU A 51 -16.80 -3.43 -19.22
CA GLU A 51 -17.68 -2.73 -18.29
C GLU A 51 -18.94 -3.55 -17.99
N GLY A 52 -19.37 -4.39 -18.93
CA GLY A 52 -20.59 -5.16 -18.80
C GLY A 52 -20.34 -6.51 -18.20
N PRO A 53 -20.37 -7.56 -19.02
CA PRO A 53 -20.33 -8.93 -18.45
C PRO A 53 -19.03 -9.31 -17.74
N ILE A 54 -17.89 -8.74 -18.10
CA ILE A 54 -16.64 -9.12 -17.45
C ILE A 54 -16.57 -8.53 -16.03
N ALA A 55 -16.81 -7.22 -15.92
CA ALA A 55 -16.83 -6.59 -14.61
C ALA A 55 -17.93 -7.13 -13.73
N GLU A 56 -18.96 -7.74 -14.31
CA GLU A 56 -20.12 -8.13 -13.53
C GLU A 56 -19.77 -9.10 -12.42
N SER A 57 -18.75 -9.94 -12.60
CA SER A 57 -18.40 -10.95 -11.61
C SER A 57 -17.13 -10.61 -10.83
N PHE A 58 -16.62 -9.39 -10.95
CA PHE A 58 -15.42 -8.98 -10.22
C PHE A 58 -15.57 -9.19 -8.73
N VAL A 59 -16.65 -8.66 -8.17
CA VAL A 59 -16.91 -8.80 -6.75
C VAL A 59 -17.15 -10.25 -6.38
N GLU A 60 -18.02 -10.95 -7.15
CA GLU A 60 -18.36 -12.34 -6.83
C GLU A 60 -17.11 -13.22 -6.78
N GLY A 61 -16.20 -13.04 -7.74
CA GLY A 61 -14.98 -13.84 -7.74
C GLY A 61 -14.15 -13.67 -6.48
N ASP A 62 -14.19 -12.48 -5.90
CA ASP A 62 -13.45 -12.23 -4.67
C ASP A 62 -14.22 -12.73 -3.44
N ARG A 63 -15.54 -12.53 -3.40
CA ARG A 63 -16.30 -12.86 -2.22
C ARG A 63 -16.68 -14.33 -2.12
N ASN A 64 -16.70 -15.04 -3.25
CA ASN A 64 -17.10 -16.45 -3.31
C ASN A 64 -16.01 -17.17 -4.10
N PRO A 65 -14.81 -17.27 -3.52
CA PRO A 65 -13.63 -17.65 -4.29
C PRO A 65 -13.63 -19.13 -4.66
N PRO A 66 -12.71 -19.53 -5.54
CA PRO A 66 -12.63 -20.94 -5.96
C PRO A 66 -12.41 -21.92 -4.81
N VAL A 67 -12.84 -23.15 -5.03
CA VAL A 67 -12.78 -24.20 -4.02
C VAL A 67 -12.04 -25.41 -4.60
N PHE A 68 -11.05 -25.91 -3.87
CA PHE A 68 -10.36 -27.13 -4.26
C PHE A 68 -11.14 -28.35 -3.78
N ASP A 69 -11.29 -29.35 -4.66
CA ASP A 69 -11.98 -30.59 -4.32
C ASP A 69 -10.97 -31.74 -4.24
N PRO A 70 -10.58 -32.18 -3.04
CA PRO A 70 -9.63 -33.31 -2.94
C PRO A 70 -10.19 -34.65 -3.42
N GLU A 71 -11.50 -34.78 -3.58
CA GLU A 71 -12.10 -36.01 -4.07
C GLU A 71 -11.80 -36.23 -5.54
N THR A 72 -11.57 -35.16 -6.28
CA THR A 72 -11.33 -35.24 -7.72
C THR A 72 -10.06 -34.52 -8.16
N HIS A 73 -9.37 -33.83 -7.26
CA HIS A 73 -8.20 -33.04 -7.61
C HIS A 73 -8.55 -32.04 -8.73
N THR A 74 -9.62 -31.30 -8.53
CA THR A 74 -10.04 -30.22 -9.40
C THR A 74 -10.38 -28.98 -8.57
N VAL A 75 -10.61 -27.87 -9.26
CA VAL A 75 -11.02 -26.62 -8.64
C VAL A 75 -12.37 -26.23 -9.25
N THR A 76 -13.28 -25.75 -8.42
CA THR A 76 -14.57 -25.22 -8.85
C THR A 76 -14.53 -23.69 -8.78
N LEU A 77 -15.06 -23.04 -9.80
CA LEU A 77 -15.11 -21.57 -9.90
C LEU A 77 -16.55 -21.09 -9.73
N PRO A 78 -16.75 -19.87 -9.21
CA PRO A 78 -18.10 -19.35 -9.06
C PRO A 78 -18.80 -19.15 -10.40
N GLU A 79 -20.09 -19.47 -10.42
CA GLU A 79 -20.85 -19.53 -11.66
C GLU A 79 -20.81 -18.20 -12.40
N GLY A 80 -20.96 -17.08 -11.68
CA GLY A 80 -20.96 -15.79 -12.36
C GLY A 80 -19.65 -15.50 -13.09
N PHE A 81 -18.54 -15.97 -12.53
CA PHE A 81 -17.26 -15.76 -13.18
C PHE A 81 -17.14 -16.62 -14.44
N LYS A 82 -17.66 -17.85 -14.40
CA LYS A 82 -17.66 -18.69 -15.58
C LYS A 82 -18.50 -18.06 -16.69
N LYS A 83 -19.65 -17.47 -16.32
CA LYS A 83 -20.43 -16.71 -17.29
C LYS A 83 -19.63 -15.56 -17.91
N SER A 84 -18.86 -14.82 -17.10
CA SER A 84 -17.98 -13.79 -17.64
C SER A 84 -16.99 -14.39 -18.64
N MET A 85 -16.36 -15.50 -18.28
CA MET A 85 -15.41 -16.15 -19.20
C MET A 85 -16.08 -16.51 -20.51
N ARG A 86 -17.32 -17.02 -20.45
CA ARG A 86 -18.04 -17.38 -21.69
C ARG A 86 -18.30 -16.14 -22.55
N ALA A 87 -18.55 -14.98 -21.92
CA ALA A 87 -18.72 -13.76 -22.70
C ALA A 87 -17.44 -13.43 -23.44
N LEU A 88 -16.29 -13.67 -22.80
CA LEU A 88 -15.01 -13.39 -23.44
C LEU A 88 -14.76 -14.34 -24.61
N PHE A 89 -15.04 -15.64 -24.40
CA PHE A 89 -14.85 -16.63 -25.45
C PHE A 89 -15.81 -16.40 -26.61
N ASP A 90 -17.10 -16.21 -26.31
CA ASP A 90 -18.11 -16.09 -27.36
C ASP A 90 -17.78 -14.92 -28.30
N GLY A 91 -17.09 -13.91 -27.82
CA GLY A 91 -16.63 -12.82 -28.66
C GLY A 91 -15.27 -12.99 -29.27
N GLY A 92 -14.60 -14.12 -29.02
CA GLY A 92 -13.30 -14.34 -29.62
C GLY A 92 -12.19 -13.49 -29.04
N TRP A 93 -12.39 -12.91 -27.86
CA TRP A 93 -11.37 -12.05 -27.29
C TRP A 93 -10.17 -12.81 -26.78
N ASP A 94 -10.27 -14.14 -26.62
CA ASP A 94 -9.08 -14.92 -26.27
C ASP A 94 -8.15 -15.15 -27.47
N LYS A 95 -8.47 -14.58 -28.64
CA LYS A 95 -7.63 -14.71 -29.83
C LYS A 95 -7.10 -13.35 -30.28
N VAL A 96 -7.16 -12.35 -29.40
CA VAL A 96 -6.64 -11.02 -29.70
C VAL A 96 -5.16 -11.11 -30.00
N GLY A 97 -4.76 -10.69 -31.19
CA GLY A 97 -3.37 -10.72 -31.55
C GLY A 97 -2.81 -12.09 -31.86
N LEU A 98 -3.64 -13.14 -31.78
CA LEU A 98 -3.25 -14.46 -32.25
C LEU A 98 -2.94 -14.43 -33.76
N ALA A 99 -1.97 -15.23 -34.16
CA ALA A 99 -1.62 -15.31 -35.57
C ALA A 99 -2.84 -15.70 -36.39
N GLU A 100 -2.86 -15.25 -37.64
CA GLU A 100 -3.98 -15.54 -38.53
C GLU A 100 -4.17 -17.04 -38.74
N HIS A 101 -3.10 -17.77 -38.96
CA HIS A 101 -3.25 -19.21 -39.22
C HIS A 101 -3.77 -19.97 -38.00
N LEU A 102 -3.72 -19.37 -36.81
CA LEU A 102 -4.29 -19.98 -35.61
C LEU A 102 -5.69 -19.48 -35.33
N GLY A 103 -6.20 -18.55 -36.15
CA GLY A 103 -7.54 -18.05 -35.98
C GLY A 103 -7.65 -16.62 -35.50
N GLY A 104 -6.55 -15.91 -35.36
CA GLY A 104 -6.57 -14.56 -34.87
C GLY A 104 -6.80 -13.51 -35.94
N ILE A 105 -6.87 -12.29 -35.48
CA ILE A 105 -6.95 -11.08 -36.35
C ILE A 105 -5.62 -10.36 -36.23
N PRO A 106 -4.84 -10.29 -37.30
CA PRO A 106 -3.55 -9.57 -37.23
C PRO A 106 -3.75 -8.12 -36.80
N MET A 107 -2.91 -7.66 -35.88
CA MET A 107 -3.01 -6.28 -35.42
C MET A 107 -1.70 -5.88 -34.77
N PRO A 108 -1.41 -4.59 -34.68
CA PRO A 108 -0.24 -4.14 -33.91
C PRO A 108 -0.33 -4.55 -32.45
N ARG A 109 0.82 -4.93 -31.87
CA ARG A 109 0.83 -5.26 -30.45
C ARG A 109 0.33 -4.09 -29.60
N ALA A 110 0.60 -2.86 -30.04
CA ALA A 110 0.09 -1.69 -29.34
C ALA A 110 -1.43 -1.70 -29.25
N LEU A 111 -2.11 -2.10 -30.32
CA LEU A 111 -3.56 -2.21 -30.23
C LEU A 111 -3.97 -3.42 -29.39
N GLN A 112 -3.29 -4.55 -29.58
CA GLN A 112 -3.60 -5.74 -28.79
C GLN A 112 -3.61 -5.44 -27.29
N TRP A 113 -2.53 -4.81 -26.78
CA TRP A 113 -2.43 -4.57 -25.34
C TRP A 113 -3.45 -3.53 -24.89
N ALA A 114 -3.76 -2.54 -25.74
CA ALA A 114 -4.82 -1.60 -25.40
C ALA A 114 -6.16 -2.33 -25.24
N LEU A 115 -6.45 -3.30 -26.12
CA LEU A 115 -7.67 -4.10 -25.96
C LEU A 115 -7.66 -4.89 -24.64
N ILE A 116 -6.52 -5.51 -24.32
CA ILE A 116 -6.41 -6.38 -23.14
C ILE A 116 -6.50 -5.56 -21.86
N GLU A 117 -6.04 -4.30 -21.88
CA GLU A 117 -6.14 -3.42 -20.72
C GLU A 117 -7.55 -3.44 -20.13
N HIS A 118 -8.58 -3.50 -20.98
CA HIS A 118 -9.96 -3.43 -20.50
C HIS A 118 -10.32 -4.66 -19.70
N ILE A 119 -9.91 -5.84 -20.17
CA ILE A 119 -10.17 -7.04 -19.40
C ILE A 119 -9.40 -7.00 -18.10
N LEU A 120 -8.17 -6.47 -18.14
CA LEU A 120 -7.36 -6.45 -16.93
C LEU A 120 -7.90 -5.45 -15.91
N GLY A 121 -8.53 -4.38 -16.36
CA GLY A 121 -9.18 -3.47 -15.42
C GLY A 121 -10.46 -4.04 -14.83
N ALA A 122 -11.22 -4.79 -15.62
CA ALA A 122 -12.55 -5.20 -15.21
C ALA A 122 -12.56 -6.46 -14.35
N ASN A 123 -11.64 -7.39 -14.61
CA ASN A 123 -11.56 -8.70 -13.96
C ASN A 123 -10.29 -9.39 -14.46
N PRO A 124 -9.11 -9.02 -13.94
CA PRO A 124 -7.86 -9.44 -14.63
C PRO A 124 -7.68 -10.95 -14.70
N ALA A 125 -8.18 -11.70 -13.72
CA ALA A 125 -8.02 -13.16 -13.81
C ALA A 125 -8.72 -13.73 -15.02
N ALA A 126 -9.77 -13.06 -15.52
CA ALA A 126 -10.46 -13.57 -16.70
C ALA A 126 -9.54 -13.58 -17.91
N TYR A 127 -8.72 -12.54 -18.08
CA TYR A 127 -7.72 -12.60 -19.14
C TYR A 127 -6.70 -13.71 -18.87
N MET A 128 -6.29 -13.90 -17.61
CA MET A 128 -5.28 -14.92 -17.32
C MET A 128 -5.78 -16.32 -17.72
N TYR A 129 -7.01 -16.66 -17.31
CA TYR A 129 -7.56 -17.95 -17.75
C TYR A 129 -7.66 -18.04 -19.28
N ALA A 130 -7.72 -16.90 -19.99
CA ALA A 130 -7.94 -16.86 -21.43
C ALA A 130 -6.64 -16.81 -22.21
N MET A 131 -5.50 -17.01 -21.57
CA MET A 131 -4.21 -16.90 -22.24
C MET A 131 -3.81 -18.17 -22.98
N GLY A 132 -4.70 -19.16 -23.03
CA GLY A 132 -4.41 -20.44 -23.64
C GLY A 132 -3.98 -20.34 -25.08
N PRO A 133 -4.82 -19.74 -25.94
CA PRO A 133 -4.43 -19.58 -27.35
C PRO A 133 -3.10 -18.87 -27.53
N GLY A 134 -2.83 -17.83 -26.73
CA GLY A 134 -1.55 -17.17 -26.83
C GLY A 134 -0.40 -18.09 -26.52
N MET A 135 -0.58 -18.95 -25.53
CA MET A 135 0.44 -19.96 -25.24
C MET A 135 0.55 -20.98 -26.37
N SER A 136 -0.57 -21.40 -26.94
CA SER A 136 -0.51 -22.30 -28.08
C SER A 136 0.35 -21.72 -29.19
N GLU A 137 0.24 -20.41 -29.43
CA GLU A 137 1.07 -19.78 -30.46
C GLU A 137 2.55 -19.88 -30.09
N ILE A 138 2.88 -19.67 -28.80
CA ILE A 138 4.27 -19.78 -28.40
C ILE A 138 4.74 -21.22 -28.53
N PHE A 139 3.89 -22.19 -28.19
CA PHE A 139 4.22 -23.59 -28.42
C PHE A 139 4.44 -23.86 -29.91
N TYR A 140 3.55 -23.33 -30.75
CA TYR A 140 3.71 -23.42 -32.20
C TYR A 140 5.07 -22.89 -32.67
N ASN A 141 5.43 -21.68 -32.23
CA ASN A 141 6.66 -21.07 -32.70
C ASN A 141 7.88 -21.89 -32.31
N ASN A 142 7.84 -22.54 -31.16
CA ASN A 142 8.97 -23.29 -30.65
C ASN A 142 8.89 -24.77 -30.96
N GLY A 143 7.84 -25.20 -31.64
CA GLY A 143 7.62 -26.61 -31.82
C GLY A 143 8.20 -27.18 -33.09
N THR A 144 8.31 -28.50 -33.09
CA THR A 144 8.58 -29.22 -34.32
C THR A 144 7.38 -29.09 -35.24
N ASP A 145 7.54 -29.61 -36.47
CA ASP A 145 6.43 -29.60 -37.43
C ASP A 145 5.25 -30.42 -36.91
N GLU A 146 5.52 -31.58 -36.30
CA GLU A 146 4.45 -32.37 -35.71
C GLU A 146 3.77 -31.60 -34.57
N GLN A 147 4.57 -30.99 -33.69
CA GLN A 147 4.04 -30.24 -32.55
C GLN A 147 3.22 -29.04 -33.01
N LYS A 148 3.63 -28.41 -34.11
CA LYS A 148 2.83 -27.31 -34.67
C LYS A 148 1.41 -27.77 -34.99
N LYS A 149 1.24 -29.03 -35.39
CA LYS A 149 -0.10 -29.55 -35.63
C LYS A 149 -0.89 -29.62 -34.33
N TRP A 150 -0.23 -29.96 -33.21
CA TRP A 150 -0.94 -30.05 -31.94
C TRP A 150 -1.30 -28.65 -31.45
N ALA A 151 -0.37 -27.70 -31.58
CA ALA A 151 -0.63 -26.32 -31.14
C ALA A 151 -1.78 -25.71 -31.91
N THR A 152 -1.89 -26.03 -33.20
CA THR A 152 -3.01 -25.55 -34.01
C THR A 152 -4.33 -26.04 -33.46
N ILE A 153 -4.40 -27.34 -33.15
CA ILE A 153 -5.59 -27.94 -32.53
C ILE A 153 -5.91 -27.25 -31.21
N ALA A 154 -4.89 -26.98 -30.39
CA ALA A 154 -5.10 -26.42 -29.05
C ALA A 154 -5.68 -25.01 -29.15
N ALA A 155 -5.17 -24.21 -30.08
CA ALA A 155 -5.74 -22.90 -30.34
C ALA A 155 -7.18 -23.01 -30.82
N GLU A 156 -7.43 -23.87 -31.81
CA GLU A 156 -8.75 -23.94 -32.41
C GLU A 156 -9.79 -24.40 -31.39
N ARG A 157 -9.41 -25.33 -30.52
CA ARG A 157 -10.29 -25.80 -29.46
C ARG A 157 -10.26 -24.90 -28.22
N GLY A 158 -9.40 -23.90 -28.18
CA GLY A 158 -9.41 -22.97 -27.06
C GLY A 158 -9.02 -23.56 -25.73
N TRP A 159 -8.09 -24.51 -25.71
CA TRP A 159 -7.57 -25.07 -24.48
C TRP A 159 -6.92 -23.98 -23.62
N GLY A 160 -7.06 -24.15 -22.30
CA GLY A 160 -6.33 -23.33 -21.36
C GLY A 160 -4.86 -23.70 -21.33
N ALA A 161 -4.09 -22.91 -20.57
CA ALA A 161 -2.66 -23.16 -20.49
C ALA A 161 -2.13 -22.61 -19.18
N THR A 162 -0.97 -23.15 -18.82
CA THR A 162 -0.23 -22.73 -17.64
C THR A 162 1.24 -22.64 -18.00
N MET A 163 1.98 -21.86 -17.22
CA MET A 163 3.43 -21.83 -17.30
C MET A 163 3.94 -22.32 -15.95
N VAL A 164 4.76 -23.37 -15.97
CA VAL A 164 5.05 -24.15 -14.78
C VAL A 164 6.55 -24.14 -14.55
N LEU A 165 6.98 -23.21 -13.69
CA LEU A 165 8.39 -23.06 -13.33
C LEU A 165 8.62 -23.29 -11.84
N THR A 166 7.85 -22.62 -11.01
CA THR A 166 8.22 -22.42 -9.62
C THR A 166 8.08 -23.69 -8.80
N GLU A 167 9.00 -23.85 -7.85
CA GLU A 167 8.98 -24.91 -6.83
C GLU A 167 9.19 -24.25 -5.48
N PRO A 168 8.92 -24.97 -4.39
CA PRO A 168 9.10 -24.36 -3.07
C PRO A 168 10.47 -23.75 -2.87
N ASP A 169 11.52 -24.38 -3.39
CA ASP A 169 12.88 -23.89 -3.23
C ASP A 169 13.37 -23.13 -4.45
N ALA A 170 12.54 -22.93 -5.47
CA ALA A 170 12.98 -22.30 -6.72
C ALA A 170 11.92 -21.32 -7.22
N GLY A 171 12.05 -20.07 -6.78
CA GLY A 171 11.14 -19.05 -7.27
C GLY A 171 11.90 -18.05 -8.12
N SER A 172 12.55 -17.09 -7.46
CA SER A 172 13.44 -16.19 -8.19
C SER A 172 14.56 -16.95 -8.86
N ASP A 173 15.13 -17.94 -8.15
CA ASP A 173 16.23 -18.78 -8.67
C ASP A 173 15.62 -20.00 -9.34
N VAL A 174 15.12 -19.76 -10.56
CA VAL A 174 14.48 -20.82 -11.34
C VAL A 174 15.43 -22.00 -11.50
N GLY A 175 16.71 -21.73 -11.62
CA GLY A 175 17.71 -22.77 -11.89
C GLY A 175 17.90 -23.77 -10.79
N ALA A 176 17.37 -23.51 -9.58
CA ALA A 176 17.47 -24.47 -8.50
C ALA A 176 16.40 -25.56 -8.57
N GLY A 177 15.52 -25.51 -9.54
CA GLY A 177 14.46 -26.50 -9.62
C GLY A 177 14.99 -27.92 -9.76
N ARG A 178 14.24 -28.85 -9.15
CA ARG A 178 14.62 -30.25 -9.09
C ARG A 178 13.60 -31.18 -9.74
N THR A 179 12.49 -30.66 -10.25
CA THR A 179 11.60 -31.48 -11.07
C THR A 179 12.42 -32.16 -12.19
N LYS A 180 12.20 -33.46 -12.36
CA LYS A 180 13.05 -34.33 -13.16
C LYS A 180 12.31 -34.77 -14.41
N ALA A 181 13.05 -35.02 -15.49
CA ALA A 181 12.48 -35.53 -16.73
C ALA A 181 13.25 -36.78 -17.14
N VAL A 182 12.53 -37.88 -17.35
CA VAL A 182 13.14 -39.17 -17.70
C VAL A 182 12.62 -39.58 -19.07
N GLN A 183 13.54 -39.72 -20.03
CA GLN A 183 13.14 -40.10 -21.38
C GLN A 183 12.68 -41.56 -21.39
N GLN A 184 11.61 -41.81 -22.09
CA GLN A 184 11.04 -43.13 -22.28
C GLN A 184 11.49 -43.71 -23.60
N PRO A 185 11.36 -45.03 -23.78
CA PRO A 185 11.77 -45.64 -25.08
C PRO A 185 11.14 -44.98 -26.29
N ASP A 186 9.85 -44.59 -26.22
CA ASP A 186 9.17 -44.02 -27.38
C ASP A 186 9.49 -42.56 -27.60
N GLY A 187 10.42 -41.98 -26.83
CA GLY A 187 10.82 -40.61 -27.05
C GLY A 187 10.02 -39.57 -26.27
N THR A 188 8.93 -39.97 -25.62
CA THR A 188 8.28 -39.08 -24.67
C THR A 188 9.12 -39.03 -23.38
N TRP A 189 8.67 -38.21 -22.43
CA TRP A 189 9.35 -38.10 -21.15
C TRP A 189 8.34 -38.24 -20.02
N HIS A 190 8.80 -38.75 -18.88
CA HIS A 190 8.00 -38.81 -17.67
C HIS A 190 8.50 -37.72 -16.74
N ILE A 191 7.61 -36.78 -16.38
CA ILE A 191 7.95 -35.65 -15.54
C ILE A 191 7.59 -35.98 -14.11
N GLU A 192 8.53 -35.77 -13.19
CA GLU A 192 8.31 -36.12 -11.79
C GLU A 192 8.73 -34.93 -10.93
N GLY A 193 7.80 -34.41 -10.15
CA GLY A 193 8.12 -33.28 -9.31
C GLY A 193 6.87 -32.57 -8.82
N VAL A 194 7.12 -31.62 -7.94
CA VAL A 194 6.06 -30.81 -7.35
C VAL A 194 6.34 -29.34 -7.65
N LYS A 195 5.40 -28.67 -8.28
CA LYS A 195 5.51 -27.25 -8.62
C LYS A 195 4.52 -26.46 -7.75
N ARG A 196 4.83 -25.18 -7.53
CA ARG A 196 4.11 -24.36 -6.57
C ARG A 196 3.65 -23.07 -7.24
N PHE A 197 2.55 -22.53 -6.73
CA PHE A 197 2.02 -21.24 -7.16
C PHE A 197 1.70 -21.19 -8.65
N ILE A 198 1.08 -22.23 -9.19
CA ILE A 198 0.81 -22.29 -10.62
C ILE A 198 -0.57 -21.71 -10.90
N THR A 199 -0.60 -20.62 -11.66
CA THR A 199 -1.82 -19.92 -12.05
C THR A 199 -2.62 -20.75 -13.03
N SER A 200 -3.91 -20.89 -12.74
CA SER A 200 -4.86 -21.59 -13.60
C SER A 200 -4.58 -23.09 -13.73
N ALA A 201 -3.92 -23.71 -12.74
CA ALA A 201 -3.48 -25.10 -12.89
C ALA A 201 -4.68 -26.04 -13.00
N ASP A 202 -5.82 -25.64 -12.41
CA ASP A 202 -7.09 -26.19 -12.83
C ASP A 202 -8.09 -25.05 -12.95
N SER A 203 -9.12 -25.27 -13.77
CA SER A 203 -10.04 -24.20 -14.13
C SER A 203 -11.46 -24.75 -14.30
N ASP A 204 -11.83 -25.72 -13.47
CA ASP A 204 -13.22 -26.21 -13.42
C ASP A 204 -13.56 -26.79 -14.81
N ASP A 205 -14.73 -26.49 -15.37
CA ASP A 205 -15.13 -26.97 -16.68
C ASP A 205 -15.06 -25.88 -17.74
N LEU A 206 -14.16 -24.91 -17.56
CA LEU A 206 -14.01 -23.84 -18.55
C LEU A 206 -13.50 -24.38 -19.87
N PHE A 207 -12.61 -25.39 -19.81
CA PHE A 207 -11.94 -25.92 -20.99
C PHE A 207 -12.00 -27.45 -21.04
N GLU A 208 -11.85 -27.98 -22.26
CA GLU A 208 -11.78 -29.43 -22.41
C GLU A 208 -10.38 -29.98 -22.16
N ASN A 209 -9.37 -29.11 -22.16
CA ASN A 209 -8.00 -29.53 -21.90
C ASN A 209 -7.21 -28.32 -21.41
N ILE A 210 -6.08 -28.61 -20.78
CA ILE A 210 -5.13 -27.60 -20.33
C ILE A 210 -3.75 -28.03 -20.80
N MET A 211 -3.02 -27.10 -21.44
CA MET A 211 -1.62 -27.35 -21.76
C MET A 211 -0.75 -26.77 -20.66
N HIS A 212 -0.06 -27.64 -19.93
CA HIS A 212 0.96 -27.21 -18.99
C HIS A 212 2.32 -27.16 -19.69
N LEU A 213 2.94 -26.01 -19.70
CA LEU A 213 4.29 -25.89 -20.24
C LEU A 213 5.26 -25.88 -19.06
N VAL A 214 5.98 -26.99 -18.90
CA VAL A 214 6.66 -27.31 -17.65
C VAL A 214 8.16 -27.29 -17.86
N LEU A 215 8.86 -26.61 -16.96
CA LEU A 215 10.33 -26.69 -16.91
C LEU A 215 10.73 -27.89 -16.05
N ALA A 216 11.66 -28.70 -16.54
CA ALA A 216 12.16 -29.84 -15.76
C ALA A 216 13.56 -30.18 -16.26
N ARG A 217 14.30 -30.92 -15.42
CA ARG A 217 15.71 -31.16 -15.69
C ARG A 217 15.87 -32.60 -16.16
N PRO A 218 16.18 -32.83 -17.42
CA PRO A 218 16.47 -34.21 -17.88
C PRO A 218 17.50 -34.89 -16.99
N GLU A 219 17.29 -36.18 -16.76
CA GLU A 219 18.33 -36.96 -16.08
C GLU A 219 19.67 -36.69 -16.73
N GLY A 220 20.67 -36.40 -15.90
CA GLY A 220 22.02 -36.22 -16.37
C GLY A 220 22.38 -34.83 -16.81
N ALA A 221 21.40 -33.93 -16.94
CA ALA A 221 21.69 -32.60 -17.45
C ALA A 221 22.46 -31.78 -16.42
N GLY A 222 23.05 -30.71 -16.89
CA GLY A 222 23.81 -29.85 -16.03
C GLY A 222 22.92 -29.05 -15.10
N PRO A 223 23.56 -28.23 -14.29
CA PRO A 223 22.84 -27.44 -13.26
C PRO A 223 22.31 -26.11 -13.77
N GLY A 224 21.59 -25.38 -12.89
CA GLY A 224 21.13 -24.04 -13.21
C GLY A 224 20.04 -24.02 -14.28
N THR A 225 19.73 -22.79 -14.73
CA THR A 225 18.71 -22.67 -15.76
C THR A 225 19.17 -23.27 -17.09
N LYS A 226 20.48 -23.26 -17.38
CA LYS A 226 20.93 -23.78 -18.67
C LYS A 226 20.67 -25.28 -18.81
N GLY A 227 20.59 -26.01 -17.70
CA GLY A 227 20.23 -27.42 -17.75
C GLY A 227 18.76 -27.77 -17.82
N LEU A 228 17.88 -26.78 -17.88
CA LEU A 228 16.45 -27.04 -17.89
C LEU A 228 15.96 -27.21 -19.32
N SER A 229 14.97 -28.07 -19.48
CA SER A 229 14.23 -28.21 -20.72
C SER A 229 12.75 -27.95 -20.48
N LEU A 230 12.06 -27.69 -21.58
CA LEU A 230 10.65 -27.31 -21.54
C LEU A 230 9.84 -28.44 -22.15
N PHE A 231 8.76 -28.82 -21.47
CA PHE A 231 7.93 -29.96 -21.86
C PHE A 231 6.46 -29.57 -21.99
N PHE A 232 5.85 -30.05 -23.05
CA PHE A 232 4.40 -29.95 -23.25
C PHE A 232 3.75 -31.11 -22.48
N VAL A 233 3.00 -30.76 -21.44
CA VAL A 233 2.37 -31.73 -20.55
C VAL A 233 0.88 -31.43 -20.50
N PRO A 234 0.07 -32.14 -21.28
CA PRO A 234 -1.36 -31.83 -21.29
C PRO A 234 -2.08 -32.52 -20.13
N LYS A 235 -3.14 -31.88 -19.66
CA LYS A 235 -3.95 -32.46 -18.59
C LYS A 235 -4.53 -33.78 -19.02
N PHE A 236 -5.06 -33.83 -20.24
CA PHE A 236 -5.58 -35.05 -20.84
C PHE A 236 -4.73 -35.40 -22.06
N HIS A 237 -4.37 -36.68 -22.21
CA HIS A 237 -3.89 -37.16 -23.51
C HIS A 237 -4.95 -36.88 -24.57
N PHE A 238 -4.49 -36.73 -25.82
CA PHE A 238 -5.42 -36.51 -26.91
C PHE A 238 -4.85 -37.12 -28.19
N ASP A 239 -5.73 -37.31 -29.17
CA ASP A 239 -5.35 -37.81 -30.48
C ASP A 239 -4.59 -36.74 -31.25
N HIS A 240 -3.31 -36.98 -31.51
CA HIS A 240 -2.45 -35.97 -32.11
C HIS A 240 -2.94 -35.53 -33.50
N GLU A 241 -3.86 -36.25 -34.11
CA GLU A 241 -4.37 -35.92 -35.43
C GLU A 241 -5.71 -35.21 -35.36
N THR A 242 -6.67 -35.79 -34.65
CA THR A 242 -8.02 -35.25 -34.58
C THR A 242 -8.27 -34.38 -33.38
N GLY A 243 -7.43 -34.47 -32.34
CA GLY A 243 -7.63 -33.69 -31.15
C GLY A 243 -8.57 -34.30 -30.13
N GLU A 244 -9.12 -35.49 -30.42
CA GLU A 244 -10.07 -36.11 -29.50
C GLU A 244 -9.42 -36.33 -28.13
N ILE A 245 -10.14 -35.91 -27.10
CA ILE A 245 -9.64 -35.99 -25.73
C ILE A 245 -9.65 -37.45 -25.29
N GLY A 246 -8.52 -37.93 -24.76
CA GLY A 246 -8.37 -39.27 -24.27
C GLY A 246 -8.14 -39.32 -22.77
N GLU A 247 -7.24 -40.21 -22.35
CA GLU A 247 -7.10 -40.52 -20.93
C GLU A 247 -6.45 -39.38 -20.15
N ARG A 248 -6.75 -39.32 -18.87
CA ARG A 248 -6.12 -38.37 -17.97
C ARG A 248 -4.61 -38.62 -17.90
N ASN A 249 -3.86 -37.54 -17.98
CA ASN A 249 -2.42 -37.53 -17.78
C ASN A 249 -2.13 -37.21 -16.32
N GLY A 250 -0.97 -37.65 -15.85
CA GLY A 250 -0.66 -37.68 -14.43
C GLY A 250 -0.15 -36.38 -13.81
N VAL A 251 -0.92 -35.33 -14.01
CA VAL A 251 -0.54 -33.99 -13.56
C VAL A 251 -1.78 -33.44 -12.87
N PHE A 252 -1.69 -33.27 -11.55
CA PHE A 252 -2.84 -33.05 -10.68
C PHE A 252 -2.60 -31.90 -9.71
N VAL A 253 -3.59 -31.02 -9.61
CA VAL A 253 -3.61 -30.01 -8.57
C VAL A 253 -3.82 -30.69 -7.22
N THR A 254 -3.10 -30.22 -6.20
CA THR A 254 -3.20 -30.76 -4.86
C THR A 254 -3.62 -29.74 -3.80
N ASN A 255 -3.83 -28.48 -4.15
CA ASN A 255 -4.01 -27.39 -3.18
C ASN A 255 -4.43 -26.19 -3.98
N VAL A 256 -5.14 -25.26 -3.33
CA VAL A 256 -5.37 -23.93 -3.88
C VAL A 256 -5.04 -22.93 -2.79
N GLU A 257 -4.19 -21.96 -3.13
CA GLU A 257 -3.70 -21.01 -2.14
C GLU A 257 -4.81 -20.03 -1.74
N HIS A 258 -4.74 -19.61 -0.50
CA HIS A 258 -5.61 -18.57 0.05
C HIS A 258 -4.82 -17.27 0.01
N LYS A 259 -5.24 -16.35 -0.84
CA LYS A 259 -4.45 -15.18 -1.20
C LYS A 259 -5.13 -13.89 -0.74
N MET A 260 -4.31 -12.84 -0.65
CA MET A 260 -4.80 -11.53 -0.23
C MET A 260 -5.85 -11.02 -1.21
N GLY A 261 -5.64 -11.30 -2.49
CA GLY A 261 -6.46 -10.80 -3.59
C GLY A 261 -6.25 -11.69 -4.78
N LEU A 262 -6.73 -11.23 -5.93
CA LEU A 262 -6.76 -12.04 -7.15
C LEU A 262 -7.32 -13.42 -6.84
N LYS A 263 -8.31 -13.47 -5.96
CA LYS A 263 -8.75 -14.75 -5.41
C LYS A 263 -9.35 -15.68 -6.46
N VAL A 264 -10.02 -15.14 -7.49
CA VAL A 264 -10.68 -16.01 -8.46
C VAL A 264 -9.70 -16.66 -9.42
N SER A 265 -8.44 -16.26 -9.39
CA SER A 265 -7.37 -16.94 -10.11
C SER A 265 -6.86 -18.10 -9.23
N ALA A 266 -7.19 -19.33 -9.61
CA ALA A 266 -6.76 -20.49 -8.83
C ALA A 266 -5.24 -20.66 -8.95
N THR A 267 -4.56 -20.54 -7.82
CA THR A 267 -3.11 -20.66 -7.73
C THR A 267 -2.77 -21.94 -6.99
N CYS A 268 -2.17 -22.90 -7.71
CA CYS A 268 -2.23 -24.28 -7.22
C CYS A 268 -0.87 -24.93 -7.12
N GLU A 269 -0.72 -25.78 -6.11
CA GLU A 269 0.37 -26.75 -6.14
C GLU A 269 0.04 -27.78 -7.21
N LEU A 270 1.04 -28.12 -8.02
CA LEU A 270 0.83 -28.96 -9.17
C LEU A 270 1.79 -30.14 -9.09
N SER A 271 1.25 -31.33 -8.92
CA SER A 271 2.05 -32.52 -8.74
C SER A 271 2.13 -33.27 -10.06
N LEU A 272 3.35 -33.67 -10.44
CA LEU A 272 3.62 -34.36 -11.69
C LEU A 272 4.17 -35.75 -11.35
N GLY A 273 3.44 -36.78 -11.76
CA GLY A 273 3.86 -38.14 -11.56
C GLY A 273 3.79 -38.65 -10.14
N GLN A 274 2.98 -38.03 -9.29
CA GLN A 274 2.97 -38.41 -7.88
C GLN A 274 1.72 -39.15 -7.45
N HIS A 275 0.79 -39.40 -8.37
CA HIS A 275 -0.53 -39.94 -8.03
C HIS A 275 -0.83 -41.26 -8.73
N GLY A 276 0.20 -41.99 -9.10
CA GLY A 276 0.03 -43.34 -9.59
C GLY A 276 0.03 -43.47 -11.11
N ILE A 277 -0.03 -42.37 -11.85
CA ILE A 277 0.14 -42.46 -13.30
C ILE A 277 1.19 -41.46 -13.74
N PRO A 278 1.94 -41.77 -14.77
CA PRO A 278 2.99 -40.86 -15.23
C PRO A 278 2.41 -39.57 -15.80
N ALA A 279 3.16 -38.49 -15.61
CA ALA A 279 2.91 -37.24 -16.30
C ALA A 279 3.75 -37.27 -17.58
N VAL A 280 3.11 -37.57 -18.69
CA VAL A 280 3.82 -37.66 -19.97
C VAL A 280 4.01 -36.26 -20.52
N GLY A 281 5.24 -35.97 -20.90
CA GLY A 281 5.57 -34.71 -21.51
C GLY A 281 6.33 -34.93 -22.81
N TRP A 282 6.18 -33.95 -23.70
CA TRP A 282 6.89 -33.94 -24.97
C TRP A 282 7.85 -32.76 -24.96
N LEU A 283 9.11 -33.03 -25.31
CA LEU A 283 10.14 -32.00 -25.34
C LEU A 283 9.84 -30.98 -26.42
N VAL A 284 9.74 -29.70 -26.03
CA VAL A 284 9.33 -28.66 -26.97
C VAL A 284 10.42 -28.41 -28.01
N GLY A 285 10.05 -28.45 -29.29
CA GLY A 285 11.01 -28.36 -30.34
C GLY A 285 11.96 -29.53 -30.45
N GLU A 286 11.78 -30.55 -29.61
CA GLU A 286 12.68 -31.69 -29.50
C GLU A 286 14.13 -31.22 -29.39
N VAL A 287 14.34 -30.12 -28.69
CA VAL A 287 15.67 -29.66 -28.32
C VAL A 287 15.66 -29.31 -26.84
N HIS A 288 16.84 -29.31 -26.24
CA HIS A 288 17.02 -28.97 -24.83
C HIS A 288 17.42 -27.50 -24.75
N ASN A 289 16.43 -26.63 -24.55
CA ASN A 289 16.68 -25.20 -24.54
C ASN A 289 15.62 -24.50 -23.69
N GLY A 290 15.40 -25.03 -22.48
CA GLY A 290 14.20 -24.71 -21.72
C GLY A 290 14.09 -23.25 -21.31
N ILE A 291 15.15 -22.68 -20.73
CA ILE A 291 14.95 -21.37 -20.15
C ILE A 291 14.77 -20.33 -21.25
N ALA A 292 15.47 -20.50 -22.38
CA ALA A 292 15.25 -19.59 -23.50
C ALA A 292 13.82 -19.71 -24.04
N GLN A 293 13.36 -20.94 -24.25
CA GLN A 293 11.98 -21.13 -24.71
C GLN A 293 10.97 -20.54 -23.74
N MET A 294 11.09 -20.86 -22.47
CA MET A 294 10.16 -20.38 -21.43
C MET A 294 10.20 -18.85 -21.37
N PHE A 295 11.33 -18.21 -21.67
CA PHE A 295 11.32 -16.75 -21.61
C PHE A 295 10.47 -16.13 -22.71
N ASP A 296 10.17 -16.85 -23.79
CA ASP A 296 9.16 -16.34 -24.70
C ASP A 296 7.86 -16.10 -23.95
N VAL A 297 7.51 -17.01 -23.04
CA VAL A 297 6.31 -16.85 -22.23
C VAL A 297 6.53 -15.81 -21.15
N ILE A 298 7.68 -15.83 -20.47
CA ILE A 298 7.87 -14.90 -19.35
C ILE A 298 7.79 -13.46 -19.83
N GLU A 299 8.27 -13.20 -21.04
CA GLU A 299 8.22 -11.85 -21.59
C GLU A 299 6.78 -11.37 -21.73
N GLN A 300 5.92 -12.22 -22.25
CA GLN A 300 4.53 -11.84 -22.38
C GLN A 300 3.88 -11.70 -21.01
N ALA A 301 4.19 -12.60 -20.08
CA ALA A 301 3.60 -12.49 -18.74
C ALA A 301 4.00 -11.20 -18.04
N ARG A 302 5.27 -10.79 -18.19
CA ARG A 302 5.73 -9.54 -17.58
C ARG A 302 5.03 -8.34 -18.19
N MET A 303 4.82 -8.38 -19.52
CA MET A 303 4.06 -7.30 -20.15
C MET A 303 2.63 -7.27 -19.61
N MET A 304 2.01 -8.44 -19.50
CA MET A 304 0.64 -8.53 -18.98
C MET A 304 0.53 -7.99 -17.55
N VAL A 305 1.48 -8.37 -16.68
CA VAL A 305 1.40 -7.98 -15.27
C VAL A 305 1.50 -6.46 -15.13
N GLY A 306 2.45 -5.84 -15.83
CA GLY A 306 2.54 -4.40 -15.79
C GLY A 306 1.31 -3.71 -16.36
N THR A 307 0.77 -4.24 -17.45
CA THR A 307 -0.43 -3.63 -18.02
C THR A 307 -1.62 -3.79 -17.09
N LYS A 308 -1.71 -4.93 -16.41
CA LYS A 308 -2.75 -5.14 -15.39
C LYS A 308 -2.65 -4.09 -14.29
N ALA A 309 -1.47 -3.92 -13.73
CA ALA A 309 -1.31 -2.93 -12.67
C ALA A 309 -1.70 -1.55 -13.17
N ILE A 310 -1.35 -1.23 -14.42
CA ILE A 310 -1.68 0.10 -14.96
C ILE A 310 -3.18 0.22 -15.19
N ALA A 311 -3.80 -0.85 -15.70
CA ALA A 311 -5.24 -0.84 -15.90
C ALA A 311 -5.99 -0.64 -14.59
N THR A 312 -5.49 -1.25 -13.52
CA THR A 312 -6.15 -1.19 -12.23
C THR A 312 -6.01 0.20 -11.61
N LEU A 313 -4.82 0.81 -11.70
CA LEU A 313 -4.71 2.19 -11.23
C LEU A 313 -5.67 3.10 -11.99
N SER A 314 -5.85 2.87 -13.29
CA SER A 314 -6.69 3.75 -14.08
C SER A 314 -8.13 3.69 -13.61
N THR A 315 -8.69 2.49 -13.41
CA THR A 315 -10.06 2.45 -12.93
C THR A 315 -10.17 2.89 -11.46
N GLY A 316 -9.12 2.66 -10.67
CA GLY A 316 -9.10 3.22 -9.33
C GLY A 316 -9.19 4.74 -9.35
N TYR A 317 -8.39 5.37 -10.22
CA TYR A 317 -8.40 6.82 -10.33
C TYR A 317 -9.77 7.34 -10.75
N LEU A 318 -10.37 6.72 -11.79
CA LEU A 318 -11.62 7.25 -12.33
C LEU A 318 -12.77 7.05 -11.35
N ASN A 319 -12.71 5.97 -10.55
CA ASN A 319 -13.67 5.81 -9.45
C ASN A 319 -13.50 6.92 -8.41
N ALA A 320 -12.28 7.17 -7.98
CA ALA A 320 -12.05 8.23 -7.01
C ALA A 320 -12.49 9.58 -7.55
N LEU A 321 -12.21 9.84 -8.83
CA LEU A 321 -12.57 11.13 -9.42
C LEU A 321 -14.09 11.30 -9.43
N GLU A 322 -14.82 10.25 -9.84
CA GLU A 322 -16.26 10.34 -9.87
C GLU A 322 -16.83 10.56 -8.47
N TYR A 323 -16.25 9.87 -7.47
CA TYR A 323 -16.67 10.08 -6.09
C TYR A 323 -16.39 11.51 -5.64
N ALA A 324 -15.21 12.03 -5.93
CA ALA A 324 -14.85 13.36 -5.45
C ALA A 324 -15.76 14.44 -6.03
N LYS A 325 -16.18 14.29 -7.29
CA LYS A 325 -17.01 15.29 -7.94
C LYS A 325 -18.34 15.47 -7.22
N GLU A 326 -18.77 14.46 -6.48
CA GLU A 326 -20.09 14.49 -5.89
C GLU A 326 -20.07 14.62 -4.39
N ARG A 327 -18.97 14.29 -3.74
CA ARG A 327 -18.90 14.37 -2.29
C ARG A 327 -18.80 15.82 -1.84
N VAL A 328 -19.80 16.27 -1.08
CA VAL A 328 -19.79 17.59 -0.45
C VAL A 328 -19.17 17.45 0.94
N GLN A 329 -18.13 18.24 1.21
CA GLN A 329 -17.59 18.22 2.57
C GLN A 329 -16.71 19.42 2.82
N GLY A 330 -17.11 20.23 3.80
CA GLY A 330 -16.33 21.37 4.21
C GLY A 330 -16.57 22.58 3.32
N ALA A 331 -15.92 23.67 3.68
CA ALA A 331 -15.97 24.92 2.94
C ALA A 331 -14.69 25.13 2.13
N ASP A 332 -14.79 26.01 1.15
CA ASP A 332 -13.60 26.39 0.38
C ASP A 332 -12.52 26.95 1.30
N MET A 333 -11.26 26.57 1.02
CA MET A 333 -10.17 26.98 1.90
C MET A 333 -10.10 28.49 2.04
N THR A 334 -10.50 29.23 1.00
CA THR A 334 -10.51 30.69 1.07
C THR A 334 -11.55 31.23 2.03
N GLN A 335 -12.38 30.38 2.59
CA GLN A 335 -13.43 30.79 3.52
C GLN A 335 -13.36 29.97 4.80
N MET A 336 -12.17 29.46 5.12
CA MET A 336 -12.04 28.43 6.15
C MET A 336 -12.39 28.96 7.54
N THR A 337 -12.18 30.25 7.80
CA THR A 337 -12.51 30.80 9.11
C THR A 337 -13.97 31.22 9.23
N ASP A 338 -14.72 31.21 8.14
CA ASP A 338 -16.16 31.49 8.16
C ASP A 338 -16.89 30.16 8.30
N LYS A 339 -17.39 29.89 9.50
CA LYS A 339 -18.04 28.60 9.75
C LYS A 339 -19.45 28.52 9.17
N THR A 340 -19.94 29.60 8.56
CA THR A 340 -21.20 29.62 7.82
C THR A 340 -21.00 29.58 6.31
N ALA A 341 -19.76 29.45 5.85
CA ALA A 341 -19.49 29.49 4.42
C ALA A 341 -20.18 28.33 3.70
N PRO A 342 -20.48 28.47 2.41
CA PRO A 342 -21.13 27.38 1.69
C PRO A 342 -20.27 26.11 1.70
N ARG A 343 -20.92 24.96 1.78
CA ARG A 343 -20.21 23.69 1.63
C ARG A 343 -19.88 23.46 0.16
N VAL A 344 -18.72 22.82 -0.09
CA VAL A 344 -18.24 22.58 -1.45
C VAL A 344 -17.97 21.10 -1.67
N THR A 345 -17.97 20.71 -2.94
CA THR A 345 -17.50 19.37 -3.29
C THR A 345 -15.99 19.28 -3.09
N ILE A 346 -15.50 18.07 -2.82
CA ILE A 346 -14.14 17.99 -2.30
C ILE A 346 -13.09 18.24 -3.37
N THR A 347 -13.49 18.22 -4.65
CA THR A 347 -12.55 18.61 -5.70
C THR A 347 -12.10 20.05 -5.55
N HIS A 348 -12.78 20.83 -4.71
CA HIS A 348 -12.34 22.19 -4.42
C HIS A 348 -11.18 22.24 -3.41
N HIS A 349 -10.90 21.17 -2.74
CA HIS A 349 -9.86 21.18 -1.71
C HIS A 349 -8.49 20.94 -2.33
N PRO A 350 -7.50 21.77 -2.00
CA PRO A 350 -6.17 21.58 -2.61
C PRO A 350 -5.61 20.18 -2.42
N ASP A 351 -5.71 19.60 -1.22
CA ASP A 351 -5.08 18.29 -1.08
C ASP A 351 -5.74 17.26 -1.99
N VAL A 352 -7.04 17.40 -2.26
CA VAL A 352 -7.75 16.45 -3.09
C VAL A 352 -7.39 16.67 -4.56
N ARG A 353 -7.26 17.94 -4.98
CA ARG A 353 -6.75 18.19 -6.31
C ARG A 353 -5.34 17.66 -6.46
N ARG A 354 -4.48 17.88 -5.45
CA ARG A 354 -3.14 17.27 -5.50
C ARG A 354 -3.24 15.75 -5.66
N SER A 355 -4.08 15.11 -4.84
CA SER A 355 -4.22 13.66 -4.92
C SER A 355 -4.68 13.23 -6.31
N LEU A 356 -5.71 13.88 -6.84
CA LEU A 356 -6.29 13.45 -8.10
C LEU A 356 -5.31 13.64 -9.24
N MET A 357 -4.56 14.75 -9.23
CA MET A 357 -3.61 15.01 -10.31
C MET A 357 -2.43 14.04 -10.22
N THR A 358 -2.05 13.65 -9.01
CA THR A 358 -1.04 12.61 -8.85
C THR A 358 -1.53 11.31 -9.46
N GLN A 359 -2.75 10.91 -9.12
CA GLN A 359 -3.33 9.70 -9.69
C GLN A 359 -3.44 9.80 -11.21
N LYS A 360 -3.94 10.93 -11.70
CA LYS A 360 -4.12 11.11 -13.15
C LYS A 360 -2.78 11.04 -13.88
N ALA A 361 -1.80 11.80 -13.39
CA ALA A 361 -0.53 11.88 -14.11
C ALA A 361 0.15 10.52 -14.15
N TYR A 362 0.11 9.78 -13.04
CA TYR A 362 0.75 8.47 -13.06
C TYR A 362 -0.06 7.47 -13.90
N ALA A 363 -1.39 7.51 -13.82
CA ALA A 363 -2.14 6.56 -14.62
C ALA A 363 -1.90 6.78 -16.11
N GLU A 364 -1.97 8.03 -16.55
CA GLU A 364 -1.82 8.34 -17.97
C GLU A 364 -0.37 8.22 -18.41
N GLY A 365 0.57 8.60 -17.54
CA GLY A 365 1.98 8.37 -17.87
C GLY A 365 2.28 6.89 -18.03
N LEU A 366 1.75 6.07 -17.14
CA LEU A 366 1.97 4.63 -17.24
C LEU A 366 1.29 4.05 -18.46
N ARG A 367 0.11 4.57 -18.84
CA ARG A 367 -0.50 4.07 -20.07
C ARG A 367 0.39 4.40 -21.25
N ALA A 368 0.92 5.61 -21.29
CA ALA A 368 1.82 5.99 -22.36
C ALA A 368 3.04 5.07 -22.41
N ILE A 369 3.59 4.73 -21.25
CA ILE A 369 4.78 3.87 -21.23
C ILE A 369 4.48 2.49 -21.84
N TYR A 370 3.36 1.85 -21.45
CA TYR A 370 3.17 0.48 -21.97
C TYR A 370 2.79 0.50 -23.46
N LEU A 371 2.06 1.51 -23.91
CA LEU A 371 1.79 1.63 -25.35
C LEU A 371 3.06 1.95 -26.11
N TYR A 372 3.89 2.86 -25.59
CA TYR A 372 5.19 3.13 -26.19
C TYR A 372 6.02 1.84 -26.27
N THR A 373 6.10 1.10 -25.16
CA THR A 373 6.83 -0.15 -25.16
C THR A 373 6.30 -1.05 -26.25
N ALA A 374 4.99 -1.11 -26.39
CA ALA A 374 4.38 -2.00 -27.36
C ALA A 374 4.67 -1.59 -28.81
N THR A 375 4.93 -0.30 -29.08
CA THR A 375 5.25 0.10 -30.43
C THR A 375 6.59 -0.48 -30.89
N PHE A 376 7.41 -1.01 -29.99
CA PHE A 376 8.68 -1.64 -30.34
C PHE A 376 8.58 -3.15 -30.49
N GLN A 377 7.39 -3.72 -30.27
CA GLN A 377 7.19 -5.16 -30.32
C GLN A 377 6.83 -5.67 -31.70
N ASP A 378 6.53 -4.78 -32.65
CA ASP A 378 6.40 -5.13 -34.07
C ASP A 378 7.49 -4.40 -34.82
N ALA A 379 8.26 -5.12 -35.66
CA ALA A 379 9.26 -4.45 -36.49
C ALA A 379 8.62 -3.41 -37.41
N GLU A 380 7.47 -3.73 -37.98
CA GLU A 380 6.84 -2.82 -38.93
C GLU A 380 6.38 -1.54 -38.25
N VAL A 381 5.89 -1.64 -37.01
CA VAL A 381 5.41 -0.46 -36.31
C VAL A 381 6.58 0.40 -35.88
N ALA A 382 7.60 -0.22 -35.30
CA ALA A 382 8.80 0.50 -34.89
C ALA A 382 9.43 1.23 -36.09
N GLN A 383 9.55 0.54 -37.22
CA GLN A 383 10.05 1.20 -38.42
C GLN A 383 9.16 2.38 -38.81
N ALA A 384 7.84 2.14 -38.90
CA ALA A 384 6.92 3.19 -39.36
C ALA A 384 6.84 4.37 -38.40
N VAL A 385 6.76 4.12 -37.09
CA VAL A 385 6.49 5.22 -36.17
C VAL A 385 7.74 5.82 -35.56
N HIS A 386 8.85 5.07 -35.51
CA HIS A 386 10.09 5.55 -34.90
C HIS A 386 11.28 5.62 -35.86
N GLY A 387 11.20 4.95 -37.00
CA GLY A 387 12.36 4.89 -37.89
C GLY A 387 13.45 3.99 -37.39
N VAL A 388 13.14 3.00 -36.55
CA VAL A 388 14.16 2.14 -35.98
C VAL A 388 14.00 0.75 -36.57
N ASP A 389 15.13 0.09 -36.81
CA ASP A 389 15.19 -1.21 -37.44
C ASP A 389 14.84 -2.31 -36.44
N GLY A 390 14.74 -3.54 -36.97
CA GLY A 390 14.22 -4.63 -36.17
C GLY A 390 15.10 -4.95 -34.98
N ASP A 391 16.42 -4.93 -35.17
CA ASP A 391 17.33 -5.31 -34.10
C ASP A 391 17.27 -4.33 -32.93
N LEU A 392 17.34 -3.02 -33.23
CA LEU A 392 17.28 -2.01 -32.17
C LEU A 392 15.91 -2.01 -31.49
N ALA A 393 14.85 -2.20 -32.27
CA ALA A 393 13.50 -2.28 -31.71
C ALA A 393 13.37 -3.40 -30.69
N ALA A 394 13.93 -4.57 -30.98
CA ALA A 394 13.83 -5.68 -30.04
C ALA A 394 14.58 -5.36 -28.75
N ARG A 395 15.72 -4.67 -28.87
CA ARG A 395 16.52 -4.31 -27.71
C ARG A 395 15.82 -3.25 -26.87
N VAL A 396 15.16 -2.30 -27.52
CA VAL A 396 14.40 -1.26 -26.82
C VAL A 396 13.20 -1.87 -26.11
N ASN A 397 12.49 -2.78 -26.77
CA ASN A 397 11.40 -3.49 -26.11
C ASN A 397 11.91 -4.24 -24.88
N ASP A 398 13.03 -4.96 -25.03
CA ASP A 398 13.60 -5.69 -23.91
C ASP A 398 14.00 -4.74 -22.77
N LEU A 399 14.51 -3.56 -23.13
CA LEU A 399 14.85 -2.55 -22.13
C LEU A 399 13.61 -2.14 -21.33
N LEU A 400 12.49 -1.90 -22.02
CA LEU A 400 11.31 -1.28 -21.42
C LEU A 400 10.46 -2.29 -20.65
N LEU A 401 10.55 -3.58 -20.97
CA LEU A 401 9.71 -4.56 -20.28
C LEU A 401 9.85 -4.51 -18.76
N PRO A 402 11.05 -4.47 -18.18
CA PRO A 402 11.14 -4.39 -16.71
C PRO A 402 10.64 -3.06 -16.15
N ILE A 403 10.57 -2.02 -16.99
CA ILE A 403 9.94 -0.77 -16.58
C ILE A 403 8.42 -0.96 -16.49
N VAL A 404 7.82 -1.51 -17.54
CA VAL A 404 6.38 -1.77 -17.54
C VAL A 404 6.01 -2.63 -16.33
N LYS A 405 6.76 -3.70 -16.10
CA LYS A 405 6.46 -4.66 -15.04
C LYS A 405 6.85 -4.11 -13.68
N GLY A 406 8.14 -3.79 -13.50
CA GLY A 406 8.63 -3.32 -12.20
C GLY A 406 8.07 -1.97 -11.80
N PHE A 407 8.27 -0.95 -12.63
CA PHE A 407 7.78 0.40 -12.32
C PHE A 407 6.28 0.46 -12.38
N GLY A 408 5.66 -0.23 -13.35
CA GLY A 408 4.21 -0.26 -13.40
C GLY A 408 3.59 -0.87 -12.16
N SER A 409 4.05 -2.06 -11.78
CA SER A 409 3.53 -2.76 -10.60
C SER A 409 3.67 -1.90 -9.33
N GLU A 410 4.85 -1.36 -9.08
CA GLU A 410 5.08 -0.63 -7.81
C GLU A 410 4.32 0.68 -7.76
N THR A 411 4.29 1.40 -8.88
CA THR A 411 3.64 2.69 -8.95
C THR A 411 2.12 2.54 -8.81
N ALA A 412 1.53 1.57 -9.50
CA ALA A 412 0.08 1.43 -9.46
C ALA A 412 -0.41 1.17 -8.04
N TYR A 413 0.21 0.22 -7.35
CA TYR A 413 -0.21 -0.09 -5.98
C TYR A 413 -0.02 1.13 -5.06
N ALA A 414 1.12 1.82 -5.18
CA ALA A 414 1.36 3.01 -4.36
C ALA A 414 0.33 4.10 -4.61
N LYS A 415 -0.01 4.37 -5.88
CA LYS A 415 -0.93 5.49 -6.13
C LYS A 415 -2.38 5.14 -5.88
N LEU A 416 -2.74 3.85 -5.91
CA LEU A 416 -4.08 3.45 -5.47
C LEU A 416 -4.33 3.88 -4.02
N THR A 417 -3.28 4.02 -3.22
CA THR A 417 -3.43 4.56 -1.88
C THR A 417 -4.09 5.94 -1.93
N GLU A 418 -3.68 6.77 -2.89
CA GLU A 418 -4.31 8.08 -3.07
C GLU A 418 -5.76 7.93 -3.52
N SER A 419 -6.03 6.98 -4.43
CA SER A 419 -7.39 6.73 -4.86
C SER A 419 -8.30 6.39 -3.67
N LEU A 420 -7.86 5.49 -2.81
CA LEU A 420 -8.70 5.10 -1.68
C LEU A 420 -8.90 6.27 -0.72
N GLN A 421 -7.82 7.00 -0.43
CA GLN A 421 -7.87 8.15 0.48
C GLN A 421 -8.91 9.16 0.02
N THR A 422 -9.09 9.30 -1.29
CA THR A 422 -10.01 10.28 -1.83
C THR A 422 -11.43 10.02 -1.40
N LEU A 423 -11.77 8.75 -1.12
CA LEU A 423 -13.12 8.41 -0.68
C LEU A 423 -13.32 8.62 0.82
N GLY A 424 -12.28 9.01 1.56
CA GLY A 424 -12.43 9.08 2.97
C GLY A 424 -12.67 7.70 3.58
N GLY A 425 -13.39 7.71 4.70
CA GLY A 425 -13.70 6.46 5.39
C GLY A 425 -14.38 5.45 4.50
N SER A 426 -15.16 5.93 3.54
CA SER A 426 -15.86 5.03 2.62
C SER A 426 -14.90 4.23 1.75
N GLY A 427 -13.69 4.73 1.51
CA GLY A 427 -12.71 3.94 0.76
C GLY A 427 -12.32 2.64 1.41
N PHE A 428 -12.46 2.55 2.72
CA PHE A 428 -12.17 1.34 3.47
C PHE A 428 -13.28 0.29 3.39
N LEU A 429 -14.39 0.61 2.76
CA LEU A 429 -15.52 -0.31 2.65
C LEU A 429 -15.42 -1.16 1.40
N GLN A 430 -15.90 -2.39 1.51
CA GLN A 430 -15.97 -3.27 0.35
C GLN A 430 -17.05 -2.81 -0.61
N ASP A 431 -17.96 -1.94 -0.16
CA ASP A 431 -18.99 -1.36 -1.01
C ASP A 431 -18.39 -0.68 -2.24
N TYR A 432 -17.19 -0.16 -2.12
CA TYR A 432 -16.45 0.47 -3.22
C TYR A 432 -15.31 -0.45 -3.65
N PRO A 433 -14.87 -0.34 -4.91
CA PRO A 433 -13.95 -1.34 -5.45
C PRO A 433 -12.47 -1.09 -5.14
N ILE A 434 -12.12 0.05 -4.54
CA ILE A 434 -10.70 0.41 -4.46
C ILE A 434 -9.95 -0.53 -3.51
N GLU A 435 -10.57 -0.96 -2.43
CA GLU A 435 -9.82 -1.86 -1.54
C GLU A 435 -9.52 -3.20 -2.23
N GLN A 436 -10.41 -3.66 -3.10
CA GLN A 436 -10.12 -4.86 -3.87
C GLN A 436 -9.04 -4.59 -4.93
N TYR A 437 -9.10 -3.42 -5.60
CA TYR A 437 -8.03 -3.03 -6.50
C TYR A 437 -6.65 -3.14 -5.82
N ILE A 438 -6.56 -2.66 -4.58
CA ILE A 438 -5.30 -2.69 -3.84
C ILE A 438 -4.87 -4.14 -3.58
N ARG A 439 -5.81 -4.96 -3.15
CA ARG A 439 -5.47 -6.34 -2.81
C ARG A 439 -5.14 -7.14 -4.06
N ASP A 440 -5.88 -6.89 -5.14
CA ASP A 440 -5.64 -7.61 -6.39
C ASP A 440 -4.31 -7.21 -7.03
N SER A 441 -3.86 -5.97 -6.83
CA SER A 441 -2.66 -5.44 -7.46
C SER A 441 -1.40 -5.65 -6.62
N LYS A 442 -1.52 -6.05 -5.35
CA LYS A 442 -0.31 -6.28 -4.56
C LYS A 442 0.58 -7.38 -5.16
N ILE A 443 -0.03 -8.40 -5.77
CA ILE A 443 0.73 -9.49 -6.35
C ILE A 443 1.58 -9.06 -7.55
N ASP A 444 1.30 -7.91 -8.15
CA ASP A 444 1.99 -7.53 -9.39
C ASP A 444 3.45 -7.18 -9.18
N SER A 445 3.87 -6.92 -7.93
CA SER A 445 5.27 -6.68 -7.62
C SER A 445 6.02 -7.97 -7.35
N LEU A 446 5.33 -9.11 -7.36
CA LEU A 446 5.91 -10.39 -6.93
C LEU A 446 5.94 -11.44 -8.04
N TYR A 447 4.80 -11.85 -8.60
CA TYR A 447 4.82 -12.92 -9.63
C TYR A 447 5.43 -12.35 -10.90
N ALA A 448 5.77 -13.22 -11.84
CA ALA A 448 6.46 -12.87 -13.09
C ALA A 448 7.81 -12.20 -12.82
N GLY A 449 8.38 -12.46 -11.63
CA GLY A 449 9.63 -11.88 -11.22
C GLY A 449 9.44 -10.69 -10.32
N THR A 450 9.99 -10.72 -9.10
CA THR A 450 9.85 -9.61 -8.17
C THR A 450 10.50 -8.35 -8.72
N THR A 451 10.14 -7.21 -8.10
CA THR A 451 10.72 -5.93 -8.49
C THR A 451 12.24 -5.98 -8.48
N ALA A 452 12.84 -6.60 -7.46
CA ALA A 452 14.31 -6.66 -7.43
C ALA A 452 14.86 -7.42 -8.63
N ILE A 453 14.19 -8.52 -9.01
CA ILE A 453 14.57 -9.28 -10.20
C ILE A 453 14.39 -8.42 -11.46
N GLN A 454 13.31 -7.64 -11.53
CA GLN A 454 13.13 -6.72 -12.64
C GLN A 454 14.28 -5.72 -12.72
N ALA A 455 14.63 -5.11 -11.59
CA ALA A 455 15.67 -4.07 -11.57
C ALA A 455 17.04 -4.64 -11.91
N GLN A 456 17.31 -5.88 -11.48
CA GLN A 456 18.55 -6.54 -11.81
C GLN A 456 18.58 -6.88 -13.29
N ASP A 457 17.46 -7.37 -13.85
CA ASP A 457 17.39 -7.62 -15.29
C ASP A 457 17.66 -6.33 -16.07
N PHE A 458 16.97 -5.26 -15.70
CA PHE A 458 17.10 -3.99 -16.39
C PHE A 458 18.55 -3.54 -16.47
N PHE A 459 19.24 -3.57 -15.33
CA PHE A 459 20.60 -3.03 -15.29
C PHE A 459 21.62 -4.01 -15.87
N PHE A 460 21.60 -5.26 -15.40
CA PHE A 460 22.66 -6.20 -15.80
C PHE A 460 22.45 -6.68 -17.22
N ARG A 461 21.23 -7.01 -17.60
CA ARG A 461 20.99 -7.60 -18.91
C ARG A 461 20.57 -6.58 -19.97
N LYS A 462 19.69 -5.65 -19.63
CA LYS A 462 19.14 -4.75 -20.63
C LYS A 462 19.97 -3.48 -20.86
N ILE A 463 20.95 -3.22 -20.00
CA ILE A 463 21.84 -2.09 -20.17
C ILE A 463 23.29 -2.58 -20.34
N ILE A 464 23.83 -3.27 -19.33
CA ILE A 464 25.26 -3.58 -19.36
C ILE A 464 25.57 -4.61 -20.45
N ARG A 465 24.87 -5.74 -20.44
CA ARG A 465 25.06 -6.72 -21.50
C ARG A 465 24.73 -6.15 -22.87
N ASP A 466 23.79 -5.21 -22.93
CA ASP A 466 23.40 -4.53 -24.15
C ASP A 466 24.39 -3.45 -24.55
N LYS A 467 25.37 -3.17 -23.70
CA LYS A 467 26.32 -2.08 -23.83
C LYS A 467 25.61 -0.74 -24.09
N GLY A 468 24.44 -0.62 -23.48
CA GLY A 468 23.76 0.67 -23.41
C GLY A 468 23.17 1.16 -24.70
N GLN A 469 23.03 0.29 -25.71
CA GLN A 469 22.54 0.73 -27.02
C GLN A 469 21.08 1.15 -26.96
N ALA A 470 20.20 0.27 -26.44
CA ALA A 470 18.80 0.63 -26.30
C ALA A 470 18.65 1.84 -25.38
N LEU A 471 19.36 1.83 -24.24
CA LEU A 471 19.29 2.95 -23.31
C LEU A 471 19.72 4.26 -23.97
N ALA A 472 20.81 4.23 -24.74
CA ALA A 472 21.26 5.45 -25.38
C ALA A 472 20.25 5.93 -26.41
N TYR A 473 19.56 4.99 -27.08
CA TYR A 473 18.56 5.40 -28.06
C TYR A 473 17.43 6.18 -27.41
N VAL A 474 16.89 5.65 -26.30
CA VAL A 474 15.77 6.30 -25.65
C VAL A 474 16.21 7.64 -25.12
N ALA A 475 17.39 7.68 -24.49
CA ALA A 475 17.90 8.93 -23.96
C ALA A 475 18.03 9.98 -25.05
N GLY A 476 18.43 9.55 -26.25
CA GLY A 476 18.54 10.48 -27.36
C GLY A 476 17.21 11.05 -27.78
N GLU A 477 16.13 10.26 -27.68
CA GLU A 477 14.82 10.79 -28.03
C GLU A 477 14.35 11.81 -26.99
N ILE A 478 14.64 11.54 -25.71
CA ILE A 478 14.33 12.50 -24.67
C ILE A 478 15.10 13.80 -24.89
N GLU A 479 16.41 13.68 -25.11
CA GLU A 479 17.23 14.86 -25.37
C GLU A 479 16.68 15.65 -26.55
N GLN A 480 16.27 14.97 -27.63
CA GLN A 480 15.72 15.66 -28.78
C GLN A 480 14.48 16.47 -28.42
N PHE A 481 13.56 15.88 -27.64
CA PHE A 481 12.38 16.61 -27.22
C PHE A 481 12.78 17.83 -26.41
N ILE A 482 13.77 17.68 -25.52
CA ILE A 482 14.21 18.79 -24.69
C ILE A 482 14.77 19.91 -25.57
N LYS A 483 15.60 19.55 -26.55
CA LYS A 483 16.25 20.55 -27.42
C LYS A 483 15.24 21.34 -28.23
N ASN A 484 14.19 20.69 -28.71
CA ASN A 484 13.10 21.35 -29.41
C ASN A 484 13.58 22.01 -30.71
N GLY A 489 7.81 27.02 -25.99
CA GLY A 489 7.67 28.17 -25.11
C GLY A 489 6.78 27.93 -23.90
N ARG A 490 5.54 27.53 -24.17
CA ARG A 490 4.65 27.08 -23.11
C ARG A 490 5.15 25.80 -22.44
N LEU A 491 6.11 25.07 -23.07
CA LEU A 491 6.70 23.89 -22.44
C LEU A 491 8.17 24.10 -22.09
N LYS A 492 8.63 25.34 -22.00
CA LYS A 492 10.03 25.59 -21.68
C LYS A 492 10.39 25.12 -20.27
N THR A 493 9.54 25.45 -19.29
CA THR A 493 9.81 25.03 -17.92
C THR A 493 9.81 23.52 -17.79
N GLU A 494 8.85 22.84 -18.41
CA GLU A 494 8.84 21.38 -18.41
C GLU A 494 10.11 20.82 -19.05
N ARG A 495 10.57 21.40 -20.16
CA ARG A 495 11.77 20.89 -20.81
C ARG A 495 13.01 21.10 -19.95
N GLU A 496 13.07 22.22 -19.23
CA GLU A 496 14.16 22.43 -18.29
C GLU A 496 14.14 21.39 -17.18
N LEU A 497 12.95 21.09 -16.62
CA LEU A 497 12.87 20.09 -15.56
C LEU A 497 13.18 18.70 -16.12
N LEU A 498 12.79 18.43 -17.36
CA LEU A 498 13.17 17.17 -17.97
C LEU A 498 14.67 17.05 -18.18
N ALA A 499 15.33 18.16 -18.49
CA ALA A 499 16.77 18.15 -18.70
C ALA A 499 17.50 17.80 -17.40
N THR A 500 17.05 18.37 -16.29
CA THR A 500 17.59 18.00 -14.99
C THR A 500 17.35 16.51 -14.71
N ALA A 501 16.15 16.03 -15.00
CA ALA A 501 15.83 14.64 -14.73
C ALA A 501 16.67 13.69 -15.59
N LEU A 502 16.85 14.01 -16.87
CA LEU A 502 17.70 13.21 -17.74
C LEU A 502 19.12 13.16 -17.21
N ALA A 503 19.67 14.30 -16.84
CA ALA A 503 21.03 14.35 -16.29
C ALA A 503 21.10 13.57 -14.98
N ASP A 504 20.03 13.61 -14.18
CA ASP A 504 20.02 12.83 -12.94
C ASP A 504 20.09 11.34 -13.23
N VAL A 505 19.29 10.85 -14.19
CA VAL A 505 19.33 9.43 -14.52
C VAL A 505 20.67 9.05 -15.13
N GLN A 506 21.23 9.92 -15.98
CA GLN A 506 22.56 9.64 -16.52
C GLN A 506 23.57 9.50 -15.40
N GLY A 507 23.50 10.37 -14.39
CA GLY A 507 24.42 10.29 -13.26
C GLY A 507 24.26 9.01 -12.49
N MET A 508 23.02 8.56 -12.30
CA MET A 508 22.77 7.31 -11.60
C MET A 508 23.37 6.14 -12.35
N ALA A 509 23.14 6.10 -13.68
CA ALA A 509 23.67 5.01 -14.50
C ALA A 509 25.20 4.98 -14.43
N ALA A 510 25.82 6.15 -14.47
CA ALA A 510 27.27 6.23 -14.39
C ALA A 510 27.79 5.77 -13.02
N SER A 511 27.14 6.20 -11.92
CA SER A 511 27.59 5.75 -10.60
C SER A 511 27.48 4.24 -10.47
N LEU A 512 26.32 3.69 -10.84
CA LEU A 512 26.11 2.25 -10.74
C LEU A 512 27.07 1.48 -11.66
N THR A 513 27.33 2.01 -12.85
CA THR A 513 28.28 1.32 -13.73
C THR A 513 29.69 1.33 -13.14
N GLY A 514 30.09 2.45 -12.56
CA GLY A 514 31.34 2.48 -11.83
C GLY A 514 31.40 1.44 -10.73
N TYR A 515 30.32 1.32 -9.94
CA TYR A 515 30.33 0.33 -8.86
C TYR A 515 30.48 -1.07 -9.41
N LEU A 516 29.85 -1.36 -10.56
CA LEU A 516 29.99 -2.70 -11.15
C LEU A 516 31.40 -2.94 -11.66
N MET A 517 31.95 -1.98 -12.40
CA MET A 517 33.26 -2.12 -13.06
C MET A 517 34.36 -2.23 -11.99
N ALA A 518 34.22 -1.51 -10.89
CA ALA A 518 35.18 -1.57 -9.81
C ALA A 518 35.16 -2.91 -9.07
N ALA A 519 34.10 -3.70 -9.26
CA ALA A 519 34.01 -5.00 -8.60
C ALA A 519 35.11 -5.96 -9.06
N GLN A 520 35.69 -5.73 -10.23
CA GLN A 520 36.73 -6.64 -10.71
C GLN A 520 37.94 -6.62 -9.79
N GLU A 521 38.24 -5.47 -9.17
CA GLU A 521 39.32 -5.35 -8.20
C GLU A 521 38.84 -5.37 -6.75
N ASP A 522 37.55 -5.13 -6.49
CA ASP A 522 37.00 -5.04 -5.13
C ASP A 522 35.60 -5.66 -5.18
N ALA A 523 35.55 -6.97 -4.93
CA ALA A 523 34.36 -7.77 -5.19
C ALA A 523 33.11 -7.18 -4.54
N ALA A 524 33.22 -6.73 -3.29
CA ALA A 524 32.08 -6.22 -2.56
C ALA A 524 31.51 -4.96 -3.20
N SER A 525 32.26 -4.33 -4.12
CA SER A 525 31.72 -3.17 -4.81
C SER A 525 30.39 -3.50 -5.48
N ILE A 526 30.22 -4.74 -5.92
CA ILE A 526 29.01 -5.05 -6.68
C ILE A 526 27.78 -4.85 -5.82
N TYR A 527 27.94 -4.88 -4.49
CA TYR A 527 26.74 -4.80 -3.66
C TYR A 527 26.08 -3.43 -3.82
N LYS A 528 26.87 -2.38 -4.13
CA LYS A 528 26.30 -1.05 -4.24
C LYS A 528 25.38 -0.98 -5.44
N VAL A 529 25.66 -1.82 -6.45
CA VAL A 529 24.75 -1.94 -7.58
C VAL A 529 23.41 -2.50 -7.09
N GLY A 530 23.47 -3.53 -6.25
CA GLY A 530 22.25 -4.12 -5.77
C GLY A 530 21.46 -3.16 -4.91
N LEU A 531 22.17 -2.38 -4.10
CA LEU A 531 21.53 -1.44 -3.20
C LEU A 531 20.78 -0.36 -3.96
N GLY A 532 21.33 0.05 -5.11
CA GLY A 532 20.75 1.11 -5.91
C GLY A 532 19.85 0.73 -7.06
N SER A 533 19.78 -0.56 -7.39
CA SER A 533 19.15 -0.98 -8.65
C SER A 533 17.67 -0.64 -8.70
N VAL A 534 16.91 -0.88 -7.63
CA VAL A 534 15.47 -0.65 -7.74
C VAL A 534 15.17 0.85 -7.80
N ARG A 535 15.83 1.65 -6.98
CA ARG A 535 15.69 3.10 -7.08
C ARG A 535 16.04 3.59 -8.49
N PHE A 536 17.03 2.98 -9.12
CA PHE A 536 17.40 3.36 -10.48
C PHE A 536 16.26 3.06 -11.45
N LEU A 537 15.74 1.82 -11.38
CA LEU A 537 14.60 1.44 -12.22
C LEU A 537 13.42 2.40 -12.05
N MET A 538 13.17 2.80 -10.81
CA MET A 538 12.02 3.67 -10.52
C MET A 538 12.30 5.06 -11.10
N ALA A 539 13.53 5.54 -11.00
CA ALA A 539 13.91 6.85 -11.53
C ALA A 539 13.73 6.88 -13.05
N VAL A 540 14.14 5.80 -13.74
CA VAL A 540 13.94 5.75 -15.19
C VAL A 540 12.45 5.80 -15.51
N GLY A 541 11.63 5.08 -14.72
CA GLY A 541 10.20 5.11 -14.95
C GLY A 541 9.61 6.51 -14.78
N ASP A 542 10.01 7.21 -13.72
CA ASP A 542 9.56 8.58 -13.53
C ASP A 542 10.00 9.49 -14.68
N LEU A 543 11.26 9.34 -15.13
CA LEU A 543 11.75 10.13 -16.25
C LEU A 543 10.93 9.85 -17.52
N LEU A 544 10.67 8.58 -17.81
CA LEU A 544 9.88 8.24 -19.00
C LEU A 544 8.47 8.79 -18.89
N SER A 545 7.85 8.68 -17.70
CA SER A 545 6.52 9.23 -17.50
C SER A 545 6.51 10.73 -17.80
N GLY A 546 7.47 11.46 -17.25
CA GLY A 546 7.49 12.89 -17.44
C GLY A 546 7.68 13.26 -18.90
N TRP A 547 8.58 12.54 -19.58
CA TRP A 547 8.83 12.82 -21.00
C TRP A 547 7.58 12.56 -21.83
N LEU A 548 6.97 11.37 -21.67
CA LEU A 548 5.80 11.03 -22.47
C LEU A 548 4.64 11.96 -22.16
N LEU A 549 4.45 12.34 -20.89
CA LEU A 549 3.40 13.31 -20.58
C LEU A 549 3.67 14.66 -21.27
N ALA A 550 4.94 15.10 -21.26
CA ALA A 550 5.29 16.35 -21.91
C ALA A 550 5.06 16.26 -23.42
N ARG A 551 5.44 15.13 -24.02
CA ARG A 551 5.11 14.87 -25.41
C ARG A 551 3.61 14.94 -25.66
N GLN A 552 2.80 14.34 -24.76
CA GLN A 552 1.35 14.46 -24.91
C GLN A 552 0.90 15.91 -24.84
N ALA A 553 1.46 16.67 -23.91
CA ALA A 553 1.09 18.08 -23.77
C ALA A 553 1.45 18.88 -25.03
N ALA A 554 2.59 18.55 -25.66
CA ALA A 554 2.95 19.20 -26.92
C ALA A 554 1.90 18.94 -27.99
N VAL A 555 1.44 17.69 -28.12
CA VAL A 555 0.32 17.41 -29.01
C VAL A 555 -0.95 18.16 -28.59
N ALA A 556 -1.25 18.16 -27.29
CA ALA A 556 -2.47 18.84 -26.84
C ALA A 556 -2.42 20.33 -27.18
N ILE A 557 -1.25 20.96 -27.07
CA ILE A 557 -1.12 22.37 -27.40
C ILE A 557 -1.44 22.58 -28.88
N GLU A 558 -0.94 21.68 -29.74
CA GLU A 558 -1.18 21.77 -31.18
C GLU A 558 -2.68 21.69 -31.48
N LYS A 559 -3.37 20.73 -30.85
CA LYS A 559 -4.81 20.54 -31.07
C LYS A 559 -5.63 21.69 -30.51
N LEU A 560 -5.21 22.28 -29.39
CA LEU A 560 -5.95 23.43 -28.88
C LEU A 560 -5.74 24.63 -29.79
N ASP A 561 -4.50 24.82 -30.27
CA ASP A 561 -4.22 25.90 -31.21
C ASP A 561 -5.00 25.72 -32.51
N ALA A 562 -5.28 24.48 -32.90
CA ALA A 562 -6.07 24.20 -34.08
C ALA A 562 -7.56 24.44 -33.87
N GLY A 563 -8.00 24.71 -32.65
CA GLY A 563 -9.39 25.03 -32.37
C GLY A 563 -10.22 23.98 -31.64
N ALA A 564 -9.62 23.06 -30.90
CA ALA A 564 -10.40 22.06 -30.18
C ALA A 564 -11.43 22.75 -29.28
N THR A 565 -12.58 22.11 -29.13
CA THR A 565 -13.67 22.62 -28.33
C THR A 565 -14.26 21.52 -27.44
N GLY A 566 -15.10 21.93 -26.49
CA GLY A 566 -15.92 20.97 -25.77
C GLY A 566 -15.09 19.94 -25.02
N ALA A 567 -15.54 18.69 -25.08
CA ALA A 567 -14.90 17.62 -24.32
C ALA A 567 -13.47 17.35 -24.80
N ASP A 568 -13.19 17.56 -26.09
CA ASP A 568 -11.81 17.48 -26.57
C ASP A 568 -10.94 18.51 -25.88
N LYS A 569 -11.41 19.75 -25.85
CA LYS A 569 -10.65 20.82 -25.23
C LYS A 569 -10.32 20.49 -23.77
N SER A 570 -11.33 20.05 -23.00
CA SER A 570 -11.06 19.67 -21.62
C SER A 570 -9.97 18.60 -21.55
N PHE A 571 -10.07 17.59 -22.42
CA PHE A 571 -9.07 16.52 -22.42
C PHE A 571 -7.68 17.09 -22.61
N TYR A 572 -7.51 17.92 -23.64
CA TYR A 572 -6.20 18.48 -23.95
C TYR A 572 -5.69 19.38 -22.83
N GLU A 573 -6.59 20.19 -22.24
CA GLU A 573 -6.18 20.98 -21.08
C GLU A 573 -5.67 20.10 -19.95
N GLY A 574 -6.30 18.94 -19.76
CA GLY A 574 -5.86 18.04 -18.71
C GLY A 574 -4.49 17.46 -18.99
N LYS A 575 -4.14 17.28 -20.27
CA LYS A 575 -2.82 16.73 -20.58
C LYS A 575 -1.73 17.73 -20.27
N ILE A 576 -1.99 19.01 -20.55
CA ILE A 576 -1.00 20.05 -20.28
C ILE A 576 -0.80 20.19 -18.78
N ALA A 577 -1.90 20.23 -18.04
CA ALA A 577 -1.84 20.31 -16.57
C ALA A 577 -1.09 19.11 -15.97
N ALA A 578 -1.37 17.90 -16.46
CA ALA A 578 -0.71 16.72 -15.91
C ALA A 578 0.79 16.75 -16.18
N ALA A 579 1.17 17.10 -17.41
CA ALA A 579 2.58 17.20 -17.75
C ALA A 579 3.30 18.20 -16.86
N SER A 580 2.68 19.36 -16.63
CA SER A 580 3.33 20.38 -15.82
C SER A 580 3.36 19.98 -14.36
N PHE A 581 2.28 19.40 -13.85
CA PHE A 581 2.28 18.92 -12.47
C PHE A 581 3.37 17.89 -12.25
N PHE A 582 3.44 16.89 -13.15
CA PHE A 582 4.43 15.82 -12.99
C PHE A 582 5.84 16.39 -13.02
N ALA A 583 6.13 17.26 -14.00
CA ALA A 583 7.48 17.84 -14.08
C ALA A 583 7.84 18.60 -12.81
N LYS A 584 6.87 19.30 -12.21
CA LYS A 584 7.21 20.16 -11.08
C LYS A 584 7.15 19.45 -9.74
N ASN A 585 6.43 18.33 -9.61
CA ASN A 585 6.23 17.68 -8.32
C ASN A 585 6.83 16.29 -8.23
N MET A 586 7.02 15.55 -9.32
CA MET A 586 7.65 14.22 -9.32
C MET A 586 9.10 14.27 -9.80
N LEU A 587 9.43 14.89 -10.93
CA LEU A 587 10.81 14.79 -11.43
C LEU A 587 11.90 15.31 -10.50
N PRO A 588 11.71 16.42 -9.76
CA PRO A 588 12.84 16.95 -8.96
C PRO A 588 13.39 15.99 -7.92
N LEU A 589 12.57 15.07 -7.41
CA LEU A 589 13.02 14.11 -6.40
C LEU A 589 14.18 13.28 -6.92
N LEU A 590 14.25 13.11 -8.24
CA LEU A 590 15.33 12.33 -8.85
C LEU A 590 16.70 12.94 -8.59
N THR A 591 16.76 14.26 -8.36
CA THR A 591 18.05 14.85 -8.04
C THR A 591 18.58 14.32 -6.71
N SER A 592 17.70 14.24 -5.69
CA SER A 592 18.15 13.75 -4.40
C SER A 592 18.49 12.28 -4.49
N THR A 593 17.71 11.53 -5.28
CA THR A 593 17.96 10.11 -5.49
C THR A 593 19.32 9.91 -6.17
N ARG A 594 19.69 10.78 -7.11
CA ARG A 594 21.01 10.62 -7.74
C ARG A 594 22.11 10.79 -6.69
N GLN A 595 21.98 11.81 -5.86
CA GLN A 595 22.97 12.08 -4.84
C GLN A 595 23.04 10.96 -3.82
N ILE A 596 21.88 10.37 -3.47
CA ILE A 596 21.87 9.21 -2.60
C ILE A 596 22.63 8.04 -3.24
N ILE A 597 22.34 7.76 -4.51
CA ILE A 597 23.02 6.69 -5.22
C ILE A 597 24.52 6.95 -5.34
N GLU A 598 24.91 8.23 -5.55
CA GLU A 598 26.34 8.54 -5.65
C GLU A 598 27.07 8.35 -4.33
N ASN A 599 26.36 8.17 -3.21
CA ASN A 599 27.00 8.05 -1.90
C ASN A 599 26.69 6.73 -1.20
N LEU A 600 26.13 5.77 -1.91
CA LEU A 600 25.95 4.43 -1.38
C LEU A 600 27.25 3.84 -0.85
N ASP A 601 27.16 3.18 0.31
CA ASP A 601 28.29 2.48 0.89
C ASP A 601 27.83 1.11 1.36
N ASN A 602 28.79 0.25 1.69
CA ASN A 602 28.52 -1.12 2.10
C ASN A 602 28.36 -1.28 3.62
N ASP A 603 28.11 -0.21 4.36
CA ASP A 603 27.93 -0.36 5.81
C ASP A 603 26.82 -1.37 6.11
N VAL A 604 25.71 -1.29 5.38
CA VAL A 604 24.55 -2.12 5.64
C VAL A 604 24.79 -3.56 5.24
N MET A 605 25.76 -3.80 4.35
CA MET A 605 26.17 -5.16 3.99
C MET A 605 27.12 -5.77 5.01
N GLU A 606 27.93 -4.96 5.69
CA GLU A 606 28.89 -5.43 6.69
C GLU A 606 28.24 -5.71 8.04
N LEU A 607 27.09 -5.10 8.32
CA LEU A 607 26.43 -5.25 9.61
C LEU A 607 26.13 -6.70 9.90
N ASP A 608 26.42 -7.13 11.14
CA ASP A 608 26.03 -8.47 11.55
C ASP A 608 24.53 -8.65 11.34
N GLU A 609 24.15 -9.81 10.79
CA GLU A 609 22.72 -10.11 10.66
C GLU A 609 21.99 -10.03 11.98
N ALA A 610 22.67 -10.36 13.09
CA ALA A 610 22.01 -10.37 14.39
C ALA A 610 21.65 -8.97 14.87
N ALA A 611 22.20 -7.93 14.24
CA ALA A 611 21.90 -6.57 14.64
C ALA A 611 20.59 -6.04 14.07
N PHE A 612 20.02 -6.71 13.08
CA PHE A 612 18.75 -6.25 12.50
C PHE A 612 17.62 -6.43 13.51
N SER B 1 -1.55 -17.63 10.42
CA SER B 1 -0.48 -17.55 11.47
C SER B 1 -1.09 -17.17 12.83
N MET B 2 -1.11 -18.09 13.78
CA MET B 2 -1.67 -17.69 15.07
C MET B 2 -0.67 -16.88 15.89
N SER B 3 0.57 -17.41 16.11
CA SER B 3 1.58 -16.64 16.84
C SER B 3 2.22 -15.59 15.94
N HIS B 4 1.38 -14.83 15.26
CA HIS B 4 1.84 -13.82 14.32
C HIS B 4 2.60 -12.68 15.01
N TYR B 5 2.26 -12.38 16.25
CA TYR B 5 2.75 -11.13 16.84
C TYR B 5 4.17 -11.33 17.36
N LYS B 6 5.08 -10.52 16.87
CA LYS B 6 6.47 -10.51 17.33
C LYS B 6 6.69 -9.16 18.00
N SER B 7 6.98 -9.19 19.32
CA SER B 7 7.10 -8.00 20.14
C SER B 7 8.54 -7.52 20.19
N ASN B 8 8.72 -6.30 20.68
CA ASN B 8 10.04 -5.75 20.90
C ASN B 8 10.14 -4.95 22.21
N VAL B 9 10.06 -5.67 23.34
CA VAL B 9 10.20 -5.02 24.64
C VAL B 9 11.59 -4.39 24.78
N ARG B 10 12.60 -5.05 24.23
CA ARG B 10 13.98 -4.56 24.34
C ARG B 10 14.08 -3.13 23.82
N ASP B 11 13.55 -2.88 22.63
CA ASP B 11 13.60 -1.53 22.08
C ASP B 11 12.77 -0.54 22.91
N GLN B 12 11.64 -1.00 23.46
CA GLN B 12 10.84 -0.13 24.32
C GLN B 12 11.64 0.31 25.56
N VAL B 13 12.25 -0.67 26.23
CA VAL B 13 13.01 -0.38 27.43
C VAL B 13 14.21 0.52 27.09
N PHE B 14 14.85 0.25 25.95
CA PHE B 14 15.94 1.11 25.53
C PHE B 14 15.47 2.56 25.43
N ASN B 15 14.34 2.79 24.76
CA ASN B 15 13.82 4.16 24.65
C ASN B 15 13.45 4.73 26.02
N LEU B 16 12.64 3.98 26.77
CA LEU B 16 12.10 4.50 28.02
C LEU B 16 13.21 4.84 28.99
N PHE B 17 14.23 3.99 29.08
CA PHE B 17 15.20 4.10 30.16
C PHE B 17 16.55 4.62 29.69
N GLU B 18 17.11 4.07 28.60
CA GLU B 18 18.45 4.49 28.22
C GLU B 18 18.45 5.79 27.43
N VAL B 19 17.37 6.11 26.72
CA VAL B 19 17.34 7.31 25.91
C VAL B 19 16.63 8.45 26.63
N PHE B 20 15.37 8.24 27.04
CA PHE B 20 14.58 9.34 27.59
C PHE B 20 14.63 9.44 29.11
N GLY B 21 15.08 8.40 29.80
CA GLY B 21 15.22 8.44 31.23
C GLY B 21 13.91 8.54 32.00
N VAL B 22 12.86 7.91 31.48
CA VAL B 22 11.57 7.94 32.16
C VAL B 22 11.66 7.29 33.53
N ASP B 23 12.67 6.45 33.76
CA ASP B 23 12.82 5.87 35.08
C ASP B 23 13.21 6.90 36.13
N LYS B 24 13.61 8.10 35.72
CA LYS B 24 13.88 9.15 36.69
C LYS B 24 12.65 9.53 37.51
N VAL B 25 11.44 9.39 36.95
CA VAL B 25 10.25 9.77 37.70
C VAL B 25 9.64 8.59 38.43
N LEU B 26 10.06 7.35 38.13
CA LEU B 26 9.50 6.17 38.77
C LEU B 26 9.97 6.07 40.22
N GLY B 27 9.00 5.96 41.13
CA GLY B 27 9.28 6.01 42.54
C GLY B 27 9.29 7.41 43.14
N ALA B 28 8.79 8.40 42.43
CA ALA B 28 8.77 9.77 42.91
C ALA B 28 7.44 10.42 42.57
N ASP B 29 6.86 11.11 43.55
CA ASP B 29 5.66 11.93 43.37
C ASP B 29 4.52 11.04 42.87
N LYS B 30 3.89 11.37 41.74
CA LYS B 30 2.70 10.65 41.29
C LYS B 30 2.97 9.15 41.08
N PHE B 31 4.20 8.79 40.74
CA PHE B 31 4.57 7.40 40.53
C PHE B 31 5.35 6.84 41.70
N SER B 32 5.00 7.33 42.89
CA SER B 32 5.59 6.92 44.16
C SER B 32 5.73 5.40 44.28
N ASP B 33 4.68 4.68 43.93
CA ASP B 33 4.58 3.26 44.24
C ASP B 33 4.83 2.37 43.02
N LEU B 34 5.50 2.90 41.98
CA LEU B 34 5.88 2.10 40.82
C LEU B 34 7.35 2.33 40.54
N ASP B 35 8.15 1.27 40.63
CA ASP B 35 9.58 1.37 40.41
C ASP B 35 9.93 0.79 39.04
N ALA B 36 11.19 1.01 38.64
CA ALA B 36 11.62 0.65 37.29
C ALA B 36 11.56 -0.86 37.05
N ASP B 37 11.90 -1.65 38.07
CA ASP B 37 11.82 -3.10 37.91
C ASP B 37 10.39 -3.55 37.64
N THR B 38 9.42 -2.99 38.37
CA THR B 38 8.02 -3.34 38.13
C THR B 38 7.60 -2.92 36.72
N ALA B 39 7.99 -1.73 36.27
CA ALA B 39 7.64 -1.28 34.93
C ALA B 39 8.14 -2.27 33.89
N ARG B 40 9.39 -2.74 34.03
CA ARG B 40 9.94 -3.70 33.09
C ARG B 40 9.17 -5.02 33.13
N GLU B 41 8.78 -5.46 34.33
CA GLU B 41 8.03 -6.70 34.47
C GLU B 41 6.68 -6.60 33.80
N MET B 42 6.03 -5.43 33.90
CA MET B 42 4.76 -5.20 33.24
C MET B 42 4.88 -5.30 31.72
N LEU B 43 5.92 -4.70 31.15
CA LEU B 43 6.13 -4.78 29.71
C LEU B 43 6.27 -6.22 29.27
N THR B 44 7.12 -6.98 29.95
CA THR B 44 7.32 -8.39 29.63
C THR B 44 6.02 -9.16 29.76
N GLU B 45 5.25 -8.88 30.81
CA GLU B 45 4.00 -9.60 31.04
C GLU B 45 2.98 -9.34 29.93
N ILE B 46 2.75 -8.07 29.59
CA ILE B 46 1.71 -7.84 28.58
C ILE B 46 2.22 -8.29 27.22
N ALA B 47 3.54 -8.23 26.99
CA ALA B 47 4.09 -8.71 25.73
C ALA B 47 3.85 -10.21 25.58
N ARG B 48 4.07 -10.97 26.67
CA ARG B 48 3.79 -12.40 26.64
C ARG B 48 2.31 -12.65 26.40
N LEU B 49 1.44 -11.95 27.16
CA LEU B 49 0.01 -12.14 26.97
C LEU B 49 -0.40 -11.77 25.55
N ALA B 50 0.15 -10.67 25.02
CA ALA B 50 -0.16 -10.28 23.65
C ALA B 50 0.30 -11.36 22.66
N GLU B 51 1.51 -11.86 22.82
CA GLU B 51 1.99 -12.88 21.89
C GLU B 51 1.18 -14.17 21.99
N GLY B 52 0.57 -14.42 23.16
CA GLY B 52 -0.18 -15.64 23.37
C GLY B 52 -1.67 -15.48 23.14
N PRO B 53 -2.41 -15.42 24.25
CA PRO B 53 -3.88 -15.36 24.16
C PRO B 53 -4.48 -14.23 23.32
N ILE B 54 -3.85 -13.04 23.24
CA ILE B 54 -4.46 -11.94 22.49
C ILE B 54 -4.27 -12.14 20.99
N ALA B 55 -3.03 -12.46 20.58
CA ALA B 55 -2.72 -12.74 19.18
C ALA B 55 -3.42 -14.00 18.67
N GLU B 56 -3.74 -14.91 19.58
CA GLU B 56 -4.35 -16.19 19.23
C GLU B 56 -5.56 -16.06 18.29
N SER B 57 -6.34 -14.99 18.45
CA SER B 57 -7.57 -14.81 17.69
C SER B 57 -7.45 -13.76 16.59
N PHE B 58 -6.22 -13.34 16.28
CA PHE B 58 -6.01 -12.31 15.26
C PHE B 58 -6.57 -12.74 13.92
N VAL B 59 -6.19 -13.95 13.49
CA VAL B 59 -6.70 -14.50 12.24
C VAL B 59 -8.21 -14.76 12.34
N GLU B 60 -8.66 -15.36 13.45
CA GLU B 60 -10.09 -15.71 13.57
C GLU B 60 -10.96 -14.48 13.36
N GLY B 61 -10.56 -13.37 13.96
CA GLY B 61 -11.41 -12.18 13.92
C GLY B 61 -11.62 -11.68 12.52
N ASP B 62 -10.63 -11.88 11.66
CA ASP B 62 -10.69 -11.48 10.27
C ASP B 62 -11.37 -12.50 9.38
N ARG B 63 -11.14 -13.81 9.63
CA ARG B 63 -11.72 -14.84 8.78
C ARG B 63 -13.16 -15.19 9.16
N ASN B 64 -13.54 -15.00 10.43
CA ASN B 64 -14.87 -15.35 10.95
C ASN B 64 -15.43 -14.10 11.62
N PRO B 65 -15.76 -13.09 10.80
CA PRO B 65 -16.01 -11.75 11.34
C PRO B 65 -17.38 -11.63 11.99
N PRO B 66 -17.61 -10.53 12.68
CA PRO B 66 -18.87 -10.35 13.39
C PRO B 66 -20.08 -10.41 12.48
N VAL B 67 -21.17 -10.91 13.02
CA VAL B 67 -22.42 -11.04 12.28
C VAL B 67 -23.49 -10.23 12.99
N PHE B 68 -24.24 -9.46 12.20
CA PHE B 68 -25.24 -8.55 12.71
C PHE B 68 -26.62 -9.19 12.61
N ASP B 69 -27.40 -9.08 13.69
CA ASP B 69 -28.81 -9.47 13.65
C ASP B 69 -29.63 -8.19 13.62
N PRO B 70 -30.26 -7.83 12.50
CA PRO B 70 -30.93 -6.51 12.44
C PRO B 70 -32.20 -6.43 13.28
N GLU B 71 -32.77 -7.56 13.69
CA GLU B 71 -33.98 -7.55 14.50
C GLU B 71 -33.68 -7.32 15.97
N THR B 72 -32.56 -7.84 16.46
CA THR B 72 -32.13 -7.54 17.81
C THR B 72 -31.21 -6.34 17.90
N HIS B 73 -30.73 -5.83 16.76
CA HIS B 73 -29.78 -4.71 16.74
C HIS B 73 -28.52 -5.06 17.53
N THR B 74 -28.06 -6.31 17.43
CA THR B 74 -26.84 -6.68 18.11
C THR B 74 -25.88 -7.40 17.16
N VAL B 75 -24.61 -7.44 17.57
CA VAL B 75 -23.55 -8.12 16.82
C VAL B 75 -23.10 -9.31 17.63
N THR B 76 -22.79 -10.42 16.94
CA THR B 76 -22.13 -11.58 17.53
C THR B 76 -20.66 -11.57 17.15
N LEU B 77 -19.80 -11.62 18.13
CA LEU B 77 -18.38 -11.69 17.88
C LEU B 77 -17.91 -13.15 17.92
N PRO B 78 -16.89 -13.51 17.15
CA PRO B 78 -16.35 -14.89 17.24
C PRO B 78 -15.82 -15.22 18.64
N GLU B 79 -15.99 -16.50 19.02
CA GLU B 79 -15.71 -16.94 20.38
C GLU B 79 -14.25 -16.76 20.77
N GLY B 80 -13.33 -17.14 19.88
CA GLY B 80 -11.91 -16.98 20.18
C GLY B 80 -11.53 -15.53 20.48
N PHE B 81 -12.14 -14.59 19.76
CA PHE B 81 -11.85 -13.18 20.02
C PHE B 81 -12.39 -12.75 21.40
N LYS B 82 -13.58 -13.21 21.77
CA LYS B 82 -14.09 -12.90 23.10
C LYS B 82 -13.22 -13.52 24.18
N LYS B 83 -12.66 -14.69 23.94
CA LYS B 83 -11.72 -15.26 24.90
C LYS B 83 -10.47 -14.39 25.03
N SER B 84 -9.96 -13.86 23.92
CA SER B 84 -8.87 -12.88 23.99
C SER B 84 -9.26 -11.66 24.81
N MET B 85 -10.46 -11.13 24.58
CA MET B 85 -10.90 -9.99 25.38
C MET B 85 -10.91 -10.31 26.87
N ARG B 86 -11.37 -11.52 27.23
CA ARG B 86 -11.43 -11.86 28.65
C ARG B 86 -10.03 -11.95 29.26
N ALA B 87 -9.05 -12.44 28.50
CA ALA B 87 -7.69 -12.43 28.98
C ALA B 87 -7.21 -11.00 29.25
N LEU B 88 -7.56 -10.09 28.35
CA LEU B 88 -7.25 -8.69 28.56
C LEU B 88 -7.87 -8.18 29.86
N PHE B 89 -9.17 -8.45 30.06
CA PHE B 89 -9.85 -7.97 31.27
C PHE B 89 -9.28 -8.62 32.53
N ASP B 90 -9.02 -9.93 32.48
CA ASP B 90 -8.56 -10.64 33.68
C ASP B 90 -7.20 -10.18 34.15
N GLY B 91 -6.40 -9.61 33.26
CA GLY B 91 -5.15 -9.02 33.66
C GLY B 91 -5.21 -7.55 34.00
N GLY B 92 -6.39 -6.92 33.94
CA GLY B 92 -6.51 -5.50 34.17
C GLY B 92 -5.95 -4.60 33.09
N TRP B 93 -5.72 -5.10 31.89
CA TRP B 93 -5.06 -4.33 30.85
C TRP B 93 -5.96 -3.30 30.20
N ASP B 94 -7.25 -3.31 30.49
CA ASP B 94 -8.13 -2.20 30.13
C ASP B 94 -8.05 -1.04 31.11
N LYS B 95 -7.20 -1.12 32.13
CA LYS B 95 -7.08 -0.05 33.11
C LYS B 95 -5.66 0.49 33.23
N VAL B 96 -4.81 0.17 32.26
CA VAL B 96 -3.47 0.74 32.15
C VAL B 96 -3.55 2.25 32.18
N GLY B 97 -2.92 2.88 33.16
CA GLY B 97 -2.89 4.33 33.24
C GLY B 97 -4.18 4.97 33.68
N LEU B 98 -5.20 4.19 34.02
CA LEU B 98 -6.42 4.74 34.59
C LEU B 98 -6.10 5.36 35.94
N ALA B 99 -6.76 6.48 36.24
CA ALA B 99 -6.58 7.12 37.54
C ALA B 99 -6.78 6.13 38.69
N GLU B 100 -5.95 6.29 39.72
CA GLU B 100 -6.01 5.42 40.89
C GLU B 100 -7.41 5.36 41.49
N HIS B 101 -8.09 6.51 41.60
CA HIS B 101 -9.43 6.49 42.18
C HIS B 101 -10.46 5.78 41.31
N LEU B 102 -10.15 5.48 40.04
CA LEU B 102 -11.01 4.67 39.20
C LEU B 102 -10.56 3.21 39.14
N GLY B 103 -9.50 2.85 39.86
CA GLY B 103 -9.02 1.49 39.90
C GLY B 103 -7.76 1.22 39.11
N GLY B 104 -7.11 2.25 38.60
CA GLY B 104 -5.94 2.07 37.78
C GLY B 104 -4.65 2.05 38.59
N ILE B 105 -3.56 1.82 37.88
CA ILE B 105 -2.21 1.91 38.43
C ILE B 105 -1.57 3.17 37.83
N PRO B 106 -1.24 4.17 38.64
CA PRO B 106 -0.65 5.39 38.07
C PRO B 106 0.68 5.10 37.40
N MET B 107 0.91 5.72 36.26
CA MET B 107 2.15 5.48 35.54
C MET B 107 2.36 6.59 34.52
N PRO B 108 3.61 6.85 34.14
CA PRO B 108 3.87 7.77 33.02
C PRO B 108 3.10 7.32 31.78
N ARG B 109 2.61 8.29 31.01
CA ARG B 109 1.94 7.96 29.75
C ARG B 109 2.88 7.24 28.80
N ALA B 110 4.18 7.51 28.88
CA ALA B 110 5.13 6.81 27.99
C ALA B 110 5.14 5.30 28.26
N LEU B 111 5.08 4.91 29.53
CA LEU B 111 4.94 3.50 29.87
C LEU B 111 3.59 2.94 29.44
N GLN B 112 2.52 3.69 29.68
CA GLN B 112 1.18 3.26 29.31
C GLN B 112 1.10 2.92 27.83
N TRP B 113 1.57 3.83 26.96
CA TRP B 113 1.46 3.56 25.53
C TRP B 113 2.39 2.43 25.11
N ALA B 114 3.54 2.27 25.76
CA ALA B 114 4.41 1.14 25.45
C ALA B 114 3.72 -0.19 25.81
N LEU B 115 2.97 -0.21 26.90
CA LEU B 115 2.21 -1.40 27.26
C LEU B 115 1.14 -1.69 26.22
N ILE B 116 0.38 -0.65 25.86
CA ILE B 116 -0.71 -0.79 24.91
C ILE B 116 -0.20 -1.20 23.53
N GLU B 117 1.02 -0.77 23.17
CA GLU B 117 1.58 -1.12 21.88
C GLU B 117 1.43 -2.62 21.62
N HIS B 118 1.70 -3.44 22.65
CA HIS B 118 1.64 -4.88 22.48
C HIS B 118 0.24 -5.33 22.12
N ILE B 119 -0.79 -4.75 22.72
CA ILE B 119 -2.13 -5.15 22.35
C ILE B 119 -2.43 -4.72 20.92
N LEU B 120 -1.98 -3.52 20.54
CA LEU B 120 -2.25 -2.97 19.22
C LEU B 120 -1.52 -3.78 18.14
N GLY B 121 -0.35 -4.32 18.46
CA GLY B 121 0.34 -5.18 17.51
C GLY B 121 -0.30 -6.56 17.40
N ALA B 122 -0.79 -7.09 18.51
CA ALA B 122 -1.32 -8.47 18.52
C ALA B 122 -2.74 -8.58 18.00
N ASN B 123 -3.58 -7.59 18.22
CA ASN B 123 -5.00 -7.68 17.91
C ASN B 123 -5.61 -6.31 18.20
N PRO B 124 -5.38 -5.30 17.35
CA PRO B 124 -5.67 -3.92 17.76
C PRO B 124 -7.12 -3.66 18.09
N ALA B 125 -8.06 -4.35 17.43
CA ALA B 125 -9.46 -4.17 17.76
C ALA B 125 -9.76 -4.52 19.22
N ALA B 126 -8.99 -5.46 19.80
CA ALA B 126 -9.18 -5.80 21.21
C ALA B 126 -8.91 -4.60 22.11
N TYR B 127 -7.86 -3.83 21.82
CA TYR B 127 -7.65 -2.63 22.62
C TYR B 127 -8.80 -1.65 22.41
N MET B 128 -9.24 -1.50 21.16
CA MET B 128 -10.31 -0.54 20.89
C MET B 128 -11.57 -0.89 21.69
N TYR B 129 -11.98 -2.16 21.69
CA TYR B 129 -13.12 -2.56 22.51
C TYR B 129 -12.88 -2.29 23.99
N ALA B 130 -11.62 -2.31 24.42
CA ALA B 130 -11.23 -2.18 25.81
C ALA B 130 -11.01 -0.75 26.25
N MET B 131 -11.35 0.24 25.43
CA MET B 131 -11.10 1.64 25.80
C MET B 131 -12.20 2.25 26.69
N GLY B 132 -13.17 1.47 27.14
CA GLY B 132 -14.26 1.97 27.96
C GLY B 132 -13.82 2.70 29.22
N PRO B 133 -13.02 2.04 30.04
CA PRO B 133 -12.55 2.73 31.25
C PRO B 133 -11.80 4.01 30.95
N GLY B 134 -10.97 4.01 29.90
CA GLY B 134 -10.35 5.25 29.47
C GLY B 134 -11.36 6.33 29.20
N MET B 135 -12.42 5.99 28.46
CA MET B 135 -13.51 6.93 28.24
C MET B 135 -14.17 7.36 29.55
N SER B 136 -14.41 6.39 30.45
CA SER B 136 -15.00 6.74 31.74
C SER B 136 -14.18 7.80 32.45
N GLU B 137 -12.84 7.72 32.36
CA GLU B 137 -12.01 8.72 33.02
C GLU B 137 -12.20 10.08 32.37
N ILE B 138 -12.31 10.11 31.03
CA ILE B 138 -12.57 11.38 30.36
C ILE B 138 -13.93 11.94 30.77
N PHE B 139 -14.95 11.08 30.84
CA PHE B 139 -16.27 11.49 31.31
C PHE B 139 -16.18 12.03 32.72
N TYR B 140 -15.51 11.30 33.61
CA TYR B 140 -15.24 11.79 34.96
C TYR B 140 -14.64 13.19 34.95
N ASN B 141 -13.57 13.40 34.18
CA ASN B 141 -12.88 14.68 34.22
C ASN B 141 -13.76 15.84 33.78
N ASN B 142 -14.67 15.59 32.83
CA ASN B 142 -15.55 16.62 32.29
C ASN B 142 -16.92 16.66 32.97
N GLY B 143 -17.18 15.82 33.94
CA GLY B 143 -18.52 15.66 34.47
C GLY B 143 -18.80 16.51 35.69
N THR B 144 -20.10 16.66 35.97
CA THR B 144 -20.56 17.13 37.27
C THR B 144 -20.17 16.12 38.35
N ASP B 145 -20.31 16.56 39.61
CA ASP B 145 -20.07 15.64 40.73
C ASP B 145 -20.94 14.41 40.61
N GLU B 146 -22.22 14.56 40.26
CA GLU B 146 -23.08 13.40 40.08
C GLU B 146 -22.58 12.50 38.96
N GLN B 147 -22.20 13.09 37.84
CA GLN B 147 -21.69 12.29 36.71
C GLN B 147 -20.43 11.54 37.07
N LYS B 148 -19.56 12.16 37.87
CA LYS B 148 -18.36 11.49 38.35
C LYS B 148 -18.68 10.20 39.09
N LYS B 149 -19.80 10.16 39.82
CA LYS B 149 -20.24 8.92 40.46
C LYS B 149 -20.59 7.86 39.41
N TRP B 150 -21.30 8.24 38.37
CA TRP B 150 -21.61 7.29 37.31
C TRP B 150 -20.34 6.81 36.63
N ALA B 151 -19.41 7.73 36.32
CA ALA B 151 -18.15 7.38 35.68
C ALA B 151 -17.32 6.42 36.52
N THR B 152 -17.33 6.60 37.85
CA THR B 152 -16.68 5.65 38.74
C THR B 152 -17.31 4.27 38.66
N ILE B 153 -18.65 4.21 38.65
CA ILE B 153 -19.34 2.93 38.47
C ILE B 153 -18.93 2.29 37.14
N ALA B 154 -18.99 3.07 36.04
CA ALA B 154 -18.70 2.53 34.71
C ALA B 154 -17.29 1.96 34.63
N ALA B 155 -16.33 2.63 35.25
CA ALA B 155 -14.96 2.13 35.27
C ALA B 155 -14.86 0.84 36.09
N GLU B 156 -15.46 0.83 37.29
CA GLU B 156 -15.38 -0.35 38.13
C GLU B 156 -16.07 -1.55 37.49
N ARG B 157 -17.16 -1.31 36.77
CA ARG B 157 -17.86 -2.39 36.10
C ARG B 157 -17.31 -2.67 34.71
N GLY B 158 -16.34 -1.89 34.23
CA GLY B 158 -15.69 -2.18 32.96
C GLY B 158 -16.57 -2.00 31.74
N TRP B 159 -17.51 -1.06 31.82
CA TRP B 159 -18.38 -0.77 30.70
C TRP B 159 -17.58 -0.37 29.45
N GLY B 160 -18.10 -0.79 28.29
CA GLY B 160 -17.56 -0.34 27.04
C GLY B 160 -17.95 1.09 26.72
N ALA B 161 -17.39 1.63 25.64
CA ALA B 161 -17.73 3.00 25.29
C ALA B 161 -17.49 3.23 23.81
N THR B 162 -18.17 4.26 23.29
CA THR B 162 -18.06 4.75 21.93
C THR B 162 -17.92 6.27 21.93
N MET B 163 -17.30 6.78 20.86
CA MET B 163 -17.33 8.21 20.52
C MET B 163 -18.16 8.36 19.24
N VAL B 164 -19.19 9.20 19.30
CA VAL B 164 -20.24 9.22 18.28
C VAL B 164 -20.32 10.64 17.71
N LEU B 165 -19.61 10.85 16.60
CA LEU B 165 -19.55 12.12 15.91
C LEU B 165 -20.13 12.04 14.50
N THR B 166 -19.67 11.06 13.72
CA THR B 166 -19.83 11.08 12.29
C THR B 166 -21.27 10.79 11.86
N GLU B 167 -21.66 11.46 10.80
CA GLU B 167 -22.91 11.20 10.06
C GLU B 167 -22.54 11.10 8.59
N PRO B 168 -23.46 10.59 7.76
CA PRO B 168 -23.13 10.47 6.33
C PRO B 168 -22.63 11.77 5.73
N ASP B 169 -23.20 12.91 6.13
CA ASP B 169 -22.81 14.22 5.60
C ASP B 169 -21.78 14.94 6.45
N ALA B 170 -21.33 14.35 7.55
CA ALA B 170 -20.46 15.05 8.50
C ALA B 170 -19.38 14.07 8.97
N GLY B 171 -18.27 14.07 8.23
CA GLY B 171 -17.11 13.25 8.53
C GLY B 171 -15.95 14.12 8.95
N SER B 172 -15.18 14.62 7.97
CA SER B 172 -14.17 15.62 8.30
C SER B 172 -14.83 16.87 8.86
N ASP B 173 -15.97 17.25 8.30
CA ASP B 173 -16.69 18.46 8.72
C ASP B 173 -17.69 18.07 9.79
N VAL B 174 -17.17 17.86 11.01
CA VAL B 174 -18.02 17.45 12.13
C VAL B 174 -19.15 18.46 12.35
N GLY B 175 -18.85 19.74 12.14
CA GLY B 175 -19.78 20.83 12.36
C GLY B 175 -21.02 20.79 11.47
N ALA B 176 -21.04 19.92 10.47
CA ALA B 176 -22.21 19.74 9.61
C ALA B 176 -23.23 18.76 10.17
N GLY B 177 -22.96 18.14 11.32
CA GLY B 177 -23.89 17.14 11.83
C GLY B 177 -25.26 17.73 12.13
N ARG B 178 -26.29 16.93 11.89
CA ARG B 178 -27.67 17.33 12.14
C ARG B 178 -28.36 16.59 13.27
N THR B 179 -27.73 15.58 13.87
CA THR B 179 -28.33 14.93 15.03
C THR B 179 -28.71 16.00 16.04
N LYS B 180 -29.91 15.89 16.59
CA LYS B 180 -30.45 16.95 17.43
C LYS B 180 -30.66 16.47 18.86
N ALA B 181 -30.73 17.44 19.77
CA ALA B 181 -30.99 17.17 21.17
C ALA B 181 -32.13 18.06 21.64
N VAL B 182 -33.15 17.43 22.20
CA VAL B 182 -34.41 18.06 22.59
C VAL B 182 -34.47 18.05 24.11
N GLN B 183 -34.49 19.23 24.72
CA GLN B 183 -34.40 19.30 26.16
C GLN B 183 -35.75 18.89 26.78
N GLN B 184 -35.67 18.11 27.86
CA GLN B 184 -36.84 17.70 28.62
C GLN B 184 -37.00 18.57 29.86
N PRO B 185 -38.22 18.69 30.38
CA PRO B 185 -38.39 19.51 31.60
C PRO B 185 -37.47 19.07 32.74
N ASP B 186 -37.31 17.77 32.97
CA ASP B 186 -36.44 17.33 34.08
C ASP B 186 -34.93 17.49 33.80
N GLY B 187 -34.50 18.16 32.73
CA GLY B 187 -33.09 18.41 32.49
C GLY B 187 -32.36 17.36 31.68
N THR B 188 -32.96 16.20 31.43
CA THR B 188 -32.37 15.27 30.48
C THR B 188 -32.64 15.75 29.05
N TRP B 189 -32.09 15.04 28.07
CA TRP B 189 -32.27 15.37 26.66
C TRP B 189 -32.67 14.11 25.89
N HIS B 190 -33.43 14.29 24.82
CA HIS B 190 -33.74 13.22 23.89
C HIS B 190 -32.97 13.49 22.59
N ILE B 191 -32.17 12.50 22.18
CA ILE B 191 -31.27 12.60 21.04
C ILE B 191 -31.91 11.90 19.87
N GLU B 192 -31.95 12.60 18.72
CA GLU B 192 -32.64 12.15 17.52
C GLU B 192 -31.70 12.34 16.34
N GLY B 193 -31.27 11.24 15.75
CA GLY B 193 -30.45 11.29 14.55
C GLY B 193 -29.84 9.94 14.29
N VAL B 194 -29.19 9.86 13.14
CA VAL B 194 -28.55 8.64 12.68
C VAL B 194 -27.08 8.98 12.50
N LYS B 195 -26.22 8.26 13.21
CA LYS B 195 -24.77 8.38 13.13
C LYS B 195 -24.21 7.19 12.34
N ARG B 196 -23.02 7.40 11.75
CA ARG B 196 -22.41 6.38 10.90
C ARG B 196 -20.94 6.11 11.27
N PHE B 197 -20.53 4.87 11.01
CA PHE B 197 -19.16 4.43 11.19
C PHE B 197 -18.74 4.36 12.65
N ILE B 198 -19.66 4.07 13.56
CA ILE B 198 -19.34 4.15 14.99
C ILE B 198 -18.66 2.85 15.42
N THR B 199 -17.41 2.96 15.87
CA THR B 199 -16.66 1.80 16.32
C THR B 199 -17.20 1.28 17.66
N SER B 200 -17.49 -0.01 17.70
CA SER B 200 -17.88 -0.74 18.91
C SER B 200 -19.29 -0.40 19.39
N ALA B 201 -20.15 0.14 18.52
CA ALA B 201 -21.46 0.62 18.96
C ALA B 201 -22.32 -0.51 19.48
N ASP B 202 -22.08 -1.75 19.03
CA ASP B 202 -22.45 -2.94 19.78
C ASP B 202 -21.26 -3.87 19.85
N SER B 203 -21.24 -4.73 20.88
CA SER B 203 -20.06 -5.54 21.17
C SER B 203 -20.48 -6.86 21.80
N ASP B 204 -21.58 -7.43 21.33
CA ASP B 204 -22.01 -8.77 21.74
C ASP B 204 -22.16 -8.70 23.27
N ASP B 205 -21.75 -9.73 24.01
CA ASP B 205 -21.91 -9.78 25.46
C ASP B 205 -20.60 -9.48 26.19
N LEU B 206 -19.70 -8.71 25.58
CA LEU B 206 -18.45 -8.40 26.27
C LEU B 206 -18.70 -7.60 27.53
N PHE B 207 -19.69 -6.69 27.50
CA PHE B 207 -19.93 -5.73 28.57
C PHE B 207 -21.39 -5.77 29.01
N GLU B 208 -21.63 -5.31 30.25
CA GLU B 208 -23.01 -5.17 30.69
C GLU B 208 -23.65 -3.86 30.26
N ASN B 209 -22.85 -2.87 29.86
CA ASN B 209 -23.36 -1.61 29.35
C ASN B 209 -22.31 -0.99 28.41
N ILE B 210 -22.78 -0.10 27.56
CA ILE B 210 -21.92 0.72 26.72
C ILE B 210 -22.28 2.18 26.93
N MET B 211 -21.27 3.03 27.14
CA MET B 211 -21.46 4.48 27.20
C MET B 211 -21.20 5.08 25.83
N HIS B 212 -22.24 5.61 25.19
CA HIS B 212 -22.11 6.34 23.94
C HIS B 212 -21.94 7.81 24.31
N LEU B 213 -20.80 8.39 23.94
CA LEU B 213 -20.57 9.82 24.08
C LEU B 213 -20.91 10.44 22.74
N VAL B 214 -22.04 11.16 22.69
CA VAL B 214 -22.69 11.53 21.45
C VAL B 214 -22.67 13.05 21.26
N LEU B 215 -22.16 13.51 20.12
CA LEU B 215 -22.29 14.91 19.74
C LEU B 215 -23.64 15.13 19.08
N ALA B 216 -24.37 16.16 19.52
CA ALA B 216 -25.65 16.52 18.94
C ALA B 216 -25.87 18.01 19.14
N ARG B 217 -26.77 18.57 18.35
CA ARG B 217 -26.99 20.01 18.33
C ARG B 217 -28.28 20.35 19.09
N PRO B 218 -28.22 20.98 20.26
CA PRO B 218 -29.47 21.37 20.92
C PRO B 218 -30.34 22.15 19.97
N GLU B 219 -31.64 21.91 20.04
CA GLU B 219 -32.58 22.70 19.27
C GLU B 219 -32.30 24.17 19.45
N GLY B 220 -32.22 24.90 18.34
CA GLY B 220 -32.00 26.34 18.36
C GLY B 220 -30.56 26.76 18.54
N ALA B 221 -29.63 25.83 18.73
CA ALA B 221 -28.22 26.18 18.86
C ALA B 221 -27.68 26.64 17.50
N GLY B 222 -26.56 27.35 17.54
CA GLY B 222 -25.96 27.87 16.34
C GLY B 222 -25.25 26.77 15.54
N PRO B 223 -24.72 27.14 14.38
CA PRO B 223 -24.19 26.15 13.43
C PRO B 223 -22.74 25.79 13.75
N GLY B 224 -22.23 24.81 12.98
CA GLY B 224 -20.82 24.44 13.08
C GLY B 224 -20.55 23.65 14.35
N THR B 225 -19.26 23.40 14.60
CA THR B 225 -18.87 22.65 15.79
C THR B 225 -19.17 23.42 17.06
N LYS B 226 -19.11 24.76 17.03
CA LYS B 226 -19.32 25.52 18.26
C LYS B 226 -20.75 25.37 18.79
N GLY B 227 -21.71 25.01 17.92
CA GLY B 227 -23.07 24.75 18.35
C GLY B 227 -23.35 23.37 18.90
N LEU B 228 -22.38 22.46 18.87
CA LEU B 228 -22.59 21.10 19.31
C LEU B 228 -22.37 20.98 20.81
N SER B 229 -23.16 20.09 21.41
CA SER B 229 -23.00 19.67 22.79
C SER B 229 -22.72 18.17 22.84
N LEU B 230 -22.18 17.71 23.95
CA LEU B 230 -21.76 16.32 24.14
C LEU B 230 -22.65 15.68 25.20
N PHE B 231 -23.14 14.48 24.91
CA PHE B 231 -24.14 13.80 25.74
C PHE B 231 -23.73 12.38 26.10
N PHE B 232 -23.96 12.04 27.37
CA PHE B 232 -23.81 10.69 27.89
C PHE B 232 -25.08 9.91 27.56
N VAL B 233 -24.96 8.93 26.68
CA VAL B 233 -26.12 8.19 26.19
C VAL B 233 -25.84 6.72 26.40
N PRO B 234 -26.25 6.16 27.54
CA PRO B 234 -25.96 4.74 27.81
C PRO B 234 -26.86 3.82 26.99
N LYS B 235 -26.30 2.67 26.64
CA LYS B 235 -27.07 1.64 25.96
C LYS B 235 -28.25 1.21 26.82
N PHE B 236 -28.00 1.00 28.10
CA PHE B 236 -29.04 0.68 29.06
C PHE B 236 -29.10 1.80 30.10
N HIS B 237 -30.32 2.23 30.43
CA HIS B 237 -30.53 2.94 31.68
C HIS B 237 -30.00 2.12 32.84
N PHE B 238 -29.62 2.81 33.89
CA PHE B 238 -29.07 2.11 35.04
C PHE B 238 -29.39 2.89 36.30
N ASP B 239 -29.22 2.19 37.41
CA ASP B 239 -29.42 2.77 38.74
C ASP B 239 -28.25 3.69 39.06
N HIS B 240 -28.51 5.00 39.11
CA HIS B 240 -27.44 5.95 39.30
C HIS B 240 -26.71 5.77 40.63
N GLU B 241 -27.28 5.03 41.57
CA GLU B 241 -26.59 4.79 42.85
C GLU B 241 -25.76 3.51 42.85
N THR B 242 -26.34 2.40 42.39
CA THR B 242 -25.67 1.11 42.47
C THR B 242 -25.06 0.64 41.15
N GLY B 243 -25.48 1.21 40.03
CA GLY B 243 -25.04 0.73 38.75
C GLY B 243 -25.86 -0.41 38.17
N GLU B 244 -26.86 -0.90 38.91
CA GLU B 244 -27.68 -2.00 38.43
C GLU B 244 -28.33 -1.65 37.09
N ILE B 245 -28.28 -2.60 36.16
CA ILE B 245 -28.70 -2.32 34.79
C ILE B 245 -30.22 -2.35 34.69
N GLY B 246 -30.77 -1.38 33.96
CA GLY B 246 -32.20 -1.22 33.81
C GLY B 246 -32.71 -1.37 32.39
N GLU B 247 -33.65 -0.51 32.04
CA GLU B 247 -34.34 -0.61 30.76
C GLU B 247 -33.44 -0.19 29.60
N ARG B 248 -33.62 -0.88 28.46
CA ARG B 248 -32.89 -0.53 27.25
C ARG B 248 -33.24 0.89 26.81
N ASN B 249 -32.21 1.72 26.62
CA ASN B 249 -32.31 3.08 26.11
C ASN B 249 -32.42 3.06 24.59
N GLY B 250 -32.96 4.14 24.03
CA GLY B 250 -33.41 4.18 22.65
C GLY B 250 -32.34 4.39 21.61
N VAL B 251 -31.24 3.61 21.69
CA VAL B 251 -30.08 3.82 20.82
C VAL B 251 -29.70 2.45 20.28
N PHE B 252 -29.90 2.25 18.97
CA PHE B 252 -29.81 0.93 18.36
C PHE B 252 -28.92 0.93 17.11
N VAL B 253 -28.03 -0.06 17.05
CA VAL B 253 -27.27 -0.30 15.83
C VAL B 253 -28.22 -0.81 14.75
N THR B 254 -28.16 -0.18 13.58
CA THR B 254 -28.99 -0.51 12.43
C THR B 254 -28.18 -0.97 11.22
N ASN B 255 -26.85 -1.00 11.29
CA ASN B 255 -26.06 -1.61 10.22
C ASN B 255 -24.65 -1.83 10.75
N VAL B 256 -23.94 -2.77 10.13
CA VAL B 256 -22.55 -3.06 10.45
C VAL B 256 -21.79 -3.17 9.14
N GLU B 257 -20.73 -2.39 9.00
CA GLU B 257 -20.06 -2.25 7.71
C GLU B 257 -19.21 -3.48 7.38
N HIS B 258 -19.08 -3.74 6.08
CA HIS B 258 -18.15 -4.73 5.53
C HIS B 258 -16.89 -4.00 5.06
N LYS B 259 -15.75 -4.24 5.73
CA LYS B 259 -14.54 -3.43 5.59
C LYS B 259 -13.41 -4.25 4.97
N MET B 260 -12.42 -3.52 4.43
CA MET B 260 -11.22 -4.17 3.89
C MET B 260 -10.43 -4.92 4.95
N GLY B 261 -10.35 -4.36 6.14
CA GLY B 261 -9.65 -4.92 7.26
C GLY B 261 -10.25 -4.48 8.59
N LEU B 262 -9.54 -4.70 9.68
CA LEU B 262 -10.05 -4.42 11.03
C LEU B 262 -11.47 -4.99 11.20
N LYS B 263 -11.71 -6.15 10.57
CA LYS B 263 -13.07 -6.66 10.44
C LYS B 263 -13.69 -6.99 11.78
N VAL B 264 -12.91 -7.41 12.78
CA VAL B 264 -13.52 -7.81 14.05
C VAL B 264 -14.00 -6.62 14.88
N SER B 265 -13.65 -5.39 14.47
CA SER B 265 -14.18 -4.17 15.07
C SER B 265 -15.50 -3.82 14.39
N ALA B 266 -16.60 -4.01 15.10
CA ALA B 266 -17.92 -3.70 14.54
C ALA B 266 -18.06 -2.20 14.31
N THR B 267 -18.25 -1.83 13.06
CA THR B 267 -18.32 -0.42 12.63
C THR B 267 -19.75 -0.17 12.20
N CYS B 268 -20.45 0.68 12.95
CA CYS B 268 -21.91 0.60 12.99
C CYS B 268 -22.61 1.90 12.63
N GLU B 269 -23.71 1.76 11.90
CA GLU B 269 -24.70 2.80 11.85
C GLU B 269 -25.48 2.77 13.17
N LEU B 270 -25.66 3.93 13.81
CA LEU B 270 -26.26 4.00 15.14
C LEU B 270 -27.45 4.96 15.12
N SER B 271 -28.65 4.43 15.33
CA SER B 271 -29.88 5.21 15.25
C SER B 271 -30.33 5.61 16.64
N LEU B 272 -30.51 6.91 16.85
CA LEU B 272 -30.89 7.45 18.14
C LEU B 272 -32.33 7.97 18.06
N GLY B 273 -33.19 7.42 18.92
CA GLY B 273 -34.58 7.86 18.97
C GLY B 273 -35.36 7.62 17.70
N GLN B 274 -35.02 6.60 16.92
CA GLN B 274 -35.70 6.31 15.67
C GLN B 274 -36.67 5.14 15.75
N HIS B 275 -36.71 4.42 16.87
CA HIS B 275 -37.49 3.20 17.00
C HIS B 275 -38.60 3.35 18.06
N GLY B 276 -39.13 4.57 18.21
CA GLY B 276 -40.22 4.82 19.15
C GLY B 276 -39.85 4.78 20.61
N ILE B 277 -38.56 4.72 20.94
CA ILE B 277 -38.07 4.74 22.30
C ILE B 277 -37.11 5.91 22.38
N PRO B 278 -37.27 6.86 23.31
CA PRO B 278 -36.31 7.97 23.35
C PRO B 278 -34.89 7.50 23.67
N ALA B 279 -33.93 8.15 23.03
CA ALA B 279 -32.53 8.02 23.36
C ALA B 279 -32.23 9.11 24.36
N VAL B 280 -32.29 8.77 25.65
CA VAL B 280 -32.06 9.77 26.69
C VAL B 280 -30.56 10.05 26.81
N GLY B 281 -30.21 11.32 26.80
CA GLY B 281 -28.85 11.74 27.04
C GLY B 281 -28.76 12.75 28.17
N TRP B 282 -27.63 12.71 28.87
CA TRP B 282 -27.29 13.69 29.89
C TRP B 282 -26.17 14.58 29.38
N LEU B 283 -26.37 15.89 29.47
CA LEU B 283 -25.39 16.87 29.02
C LEU B 283 -24.11 16.77 29.83
N VAL B 284 -22.99 16.44 29.17
CA VAL B 284 -21.75 16.19 29.91
C VAL B 284 -21.31 17.47 30.59
N GLY B 285 -21.05 17.37 31.89
CA GLY B 285 -20.67 18.48 32.73
C GLY B 285 -21.78 19.50 32.89
N GLU B 286 -22.96 19.18 32.36
CA GLU B 286 -24.10 20.10 32.33
C GLU B 286 -23.69 21.48 31.82
N VAL B 287 -22.81 21.50 30.83
CA VAL B 287 -22.49 22.70 30.07
C VAL B 287 -22.54 22.37 28.59
N HIS B 288 -22.68 23.40 27.77
CA HIS B 288 -22.71 23.32 26.29
C HIS B 288 -21.30 23.62 25.79
N ASN B 289 -20.46 22.60 25.61
CA ASN B 289 -19.05 22.73 25.15
C ASN B 289 -18.62 21.45 24.42
N GLY B 290 -19.46 20.95 23.52
CA GLY B 290 -19.31 19.66 22.86
C GLY B 290 -17.99 19.42 22.18
N ILE B 291 -17.58 20.28 21.25
CA ILE B 291 -16.40 19.96 20.46
C ILE B 291 -15.14 20.01 21.33
N ALA B 292 -15.08 20.96 22.26
CA ALA B 292 -13.97 20.98 23.19
C ALA B 292 -13.94 19.70 24.03
N GLN B 293 -15.08 19.32 24.62
CA GLN B 293 -15.09 18.09 25.43
C GLN B 293 -14.71 16.86 24.60
N MET B 294 -15.29 16.73 23.41
CA MET B 294 -15.01 15.57 22.58
C MET B 294 -13.55 15.51 22.13
N PHE B 295 -12.89 16.67 21.98
CA PHE B 295 -11.48 16.59 21.59
C PHE B 295 -10.59 16.00 22.68
N ASP B 296 -11.03 16.00 23.96
CA ASP B 296 -10.30 15.18 24.92
C ASP B 296 -10.25 13.73 24.45
N VAL B 297 -11.34 13.27 23.84
CA VAL B 297 -11.40 11.89 23.36
C VAL B 297 -10.64 11.77 22.04
N ILE B 298 -10.82 12.73 21.15
CA ILE B 298 -10.17 12.67 19.84
C ILE B 298 -8.67 12.63 19.99
N GLU B 299 -8.12 13.41 20.93
CA GLU B 299 -6.69 13.46 21.11
C GLU B 299 -6.14 12.09 21.48
N GLN B 300 -6.85 11.37 22.37
CA GLN B 300 -6.45 10.01 22.73
C GLN B 300 -6.60 9.04 21.57
N ALA B 301 -7.68 9.17 20.80
CA ALA B 301 -7.89 8.28 19.66
C ALA B 301 -6.82 8.49 18.60
N ARG B 302 -6.38 9.73 18.40
CA ARG B 302 -5.37 9.99 17.40
C ARG B 302 -4.04 9.40 17.82
N MET B 303 -3.73 9.48 19.12
CA MET B 303 -2.54 8.85 19.66
C MET B 303 -2.61 7.34 19.48
N MET B 304 -3.77 6.75 19.78
CA MET B 304 -3.93 5.31 19.65
C MET B 304 -3.78 4.85 18.20
N VAL B 305 -4.37 5.59 17.25
CA VAL B 305 -4.29 5.17 15.85
C VAL B 305 -2.85 5.22 15.35
N GLY B 306 -2.14 6.30 15.68
CA GLY B 306 -0.73 6.35 15.31
C GLY B 306 0.06 5.22 15.95
N THR B 307 -0.17 4.97 17.24
CA THR B 307 0.57 3.92 17.92
C THR B 307 0.19 2.55 17.35
N LYS B 308 -1.07 2.38 16.97
CA LYS B 308 -1.50 1.15 16.29
C LYS B 308 -0.71 0.92 15.01
N ALA B 309 -0.64 1.94 14.15
CA ALA B 309 0.09 1.79 12.90
C ALA B 309 1.53 1.41 13.15
N ILE B 310 2.17 2.09 14.12
CA ILE B 310 3.58 1.85 14.43
C ILE B 310 3.77 0.45 14.96
N ALA B 311 2.86 0.01 15.86
CA ALA B 311 2.93 -1.35 16.39
C ALA B 311 2.82 -2.39 15.30
N THR B 312 1.97 -2.12 14.30
CA THR B 312 1.77 -3.08 13.22
C THR B 312 2.96 -3.14 12.28
N LEU B 313 3.56 -1.99 11.98
CA LEU B 313 4.79 -2.02 11.19
C LEU B 313 5.90 -2.79 11.92
N SER B 314 6.01 -2.61 13.23
CA SER B 314 7.06 -3.32 13.96
C SER B 314 6.92 -4.83 13.82
N THR B 315 5.72 -5.37 14.05
CA THR B 315 5.58 -6.83 13.96
C THR B 315 5.63 -7.32 12.51
N GLY B 316 5.26 -6.46 11.56
CA GLY B 316 5.47 -6.82 10.16
C GLY B 316 6.94 -6.95 9.82
N TYR B 317 7.74 -5.99 10.27
CA TYR B 317 9.17 -6.03 10.05
C TYR B 317 9.79 -7.28 10.67
N LEU B 318 9.47 -7.56 11.93
CA LEU B 318 10.10 -8.69 12.60
C LEU B 318 9.68 -10.01 11.97
N ASN B 319 8.45 -10.09 11.48
CA ASN B 319 8.04 -11.27 10.71
C ASN B 319 8.84 -11.37 9.43
N ALA B 320 9.01 -10.25 8.71
CA ALA B 320 9.79 -10.28 7.47
C ALA B 320 11.23 -10.68 7.75
N LEU B 321 11.84 -10.09 8.78
CA LEU B 321 13.23 -10.41 9.13
C LEU B 321 13.38 -11.90 9.43
N GLU B 322 12.49 -12.45 10.25
CA GLU B 322 12.64 -13.87 10.61
C GLU B 322 12.49 -14.76 9.39
N TYR B 323 11.57 -14.44 8.47
CA TYR B 323 11.49 -15.16 7.20
C TYR B 323 12.78 -15.02 6.42
N ALA B 324 13.26 -13.79 6.25
CA ALA B 324 14.46 -13.55 5.44
C ALA B 324 15.66 -14.34 5.95
N LYS B 325 15.76 -14.50 7.28
CA LYS B 325 16.92 -15.17 7.85
C LYS B 325 16.96 -16.64 7.46
N GLU B 326 15.80 -17.23 7.16
CA GLU B 326 15.73 -18.65 6.86
C GLU B 326 15.53 -18.97 5.39
N ARG B 327 15.12 -18.02 4.56
CA ARG B 327 14.80 -18.31 3.17
C ARG B 327 16.06 -18.35 2.32
N VAL B 328 16.39 -19.53 1.78
CA VAL B 328 17.52 -19.70 0.86
C VAL B 328 17.03 -19.43 -0.56
N GLN B 329 17.68 -18.50 -1.26
CA GLN B 329 17.33 -18.27 -2.65
C GLN B 329 18.46 -17.53 -3.34
N GLY B 330 19.07 -18.17 -4.31
CA GLY B 330 20.06 -17.52 -5.16
C GLY B 330 21.46 -17.53 -4.57
N ALA B 331 22.40 -17.02 -5.37
CA ALA B 331 23.79 -16.96 -4.98
C ALA B 331 24.13 -15.57 -4.43
N ASP B 332 25.25 -15.49 -3.72
CA ASP B 332 25.73 -14.18 -3.33
C ASP B 332 26.03 -13.36 -4.59
N MET B 333 25.80 -12.05 -4.51
CA MET B 333 25.97 -11.26 -5.71
C MET B 333 27.41 -11.25 -6.17
N THR B 334 28.37 -11.43 -5.24
CA THR B 334 29.76 -11.54 -5.65
C THR B 334 30.06 -12.82 -6.44
N GLN B 335 29.09 -13.74 -6.54
CA GLN B 335 29.27 -14.98 -7.28
C GLN B 335 28.17 -15.18 -8.32
N MET B 336 27.48 -14.11 -8.71
CA MET B 336 26.30 -14.21 -9.56
C MET B 336 26.62 -14.91 -10.89
N THR B 337 27.84 -14.75 -11.39
CA THR B 337 28.22 -15.30 -12.70
C THR B 337 28.37 -16.81 -12.63
N ASP B 338 28.71 -17.33 -11.46
CA ASP B 338 29.00 -18.75 -11.25
C ASP B 338 27.68 -19.44 -10.91
N LYS B 339 27.09 -20.11 -11.89
CA LYS B 339 25.82 -20.80 -11.68
C LYS B 339 25.97 -22.08 -10.86
N THR B 340 27.16 -22.43 -10.38
CA THR B 340 27.31 -23.49 -9.40
C THR B 340 27.71 -22.91 -8.03
N ALA B 341 27.62 -21.59 -7.76
CA ALA B 341 27.99 -21.05 -6.46
C ALA B 341 27.03 -21.56 -5.37
N PRO B 342 27.47 -21.53 -4.12
CA PRO B 342 26.57 -21.88 -3.01
C PRO B 342 25.33 -20.98 -2.99
N ARG B 343 24.19 -21.55 -2.67
CA ARG B 343 22.98 -20.77 -2.44
C ARG B 343 23.07 -20.10 -1.07
N VAL B 344 22.50 -18.90 -0.96
CA VAL B 344 22.60 -18.14 0.28
C VAL B 344 21.20 -17.78 0.76
N THR B 345 21.10 -17.49 2.06
CA THR B 345 19.85 -16.93 2.59
C THR B 345 19.71 -15.49 2.13
N ILE B 346 18.46 -15.01 2.06
CA ILE B 346 18.21 -13.82 1.26
C ILE B 346 18.67 -12.56 1.95
N THR B 347 18.96 -12.62 3.26
CA THR B 347 19.58 -11.50 3.96
C THR B 347 20.96 -11.18 3.37
N HIS B 348 21.53 -12.04 2.55
CA HIS B 348 22.78 -11.73 1.89
C HIS B 348 22.58 -10.82 0.69
N HIS B 349 21.36 -10.66 0.20
CA HIS B 349 21.18 -9.87 -1.00
C HIS B 349 21.05 -8.40 -0.67
N PRO B 350 21.76 -7.53 -1.40
CA PRO B 350 21.64 -6.09 -1.10
C PRO B 350 20.22 -5.55 -1.09
N ASP B 351 19.39 -5.90 -2.07
CA ASP B 351 18.08 -5.28 -2.05
C ASP B 351 17.30 -5.69 -0.80
N VAL B 352 17.47 -6.93 -0.33
CA VAL B 352 16.78 -7.38 0.87
C VAL B 352 17.29 -6.67 2.12
N ARG B 353 18.61 -6.47 2.23
CA ARG B 353 19.15 -5.69 3.33
C ARG B 353 18.70 -4.23 3.27
N ARG B 354 18.61 -3.67 2.06
CA ARG B 354 18.02 -2.34 1.89
C ARG B 354 16.60 -2.34 2.42
N SER B 355 15.79 -3.28 1.94
CA SER B 355 14.42 -3.38 2.39
C SER B 355 14.35 -3.50 3.91
N LEU B 356 15.14 -4.43 4.48
CA LEU B 356 15.05 -4.70 5.91
C LEU B 356 15.48 -3.49 6.72
N MET B 357 16.54 -2.80 6.30
CA MET B 357 16.98 -1.63 7.06
C MET B 357 16.01 -0.47 6.91
N THR B 358 15.34 -0.35 5.76
CA THR B 358 14.28 0.63 5.61
C THR B 358 13.14 0.33 6.58
N GLN B 359 12.73 -0.92 6.67
CA GLN B 359 11.69 -1.32 7.60
C GLN B 359 12.10 -1.04 9.03
N LYS B 360 13.34 -1.42 9.37
CA LYS B 360 13.85 -1.29 10.73
C LYS B 360 13.92 0.16 11.15
N ALA B 361 14.56 1.00 10.32
CA ALA B 361 14.78 2.38 10.69
C ALA B 361 13.46 3.12 10.87
N TYR B 362 12.49 2.86 10.00
CA TYR B 362 11.20 3.51 10.16
C TYR B 362 10.42 2.95 11.34
N ALA B 363 10.45 1.62 11.55
CA ALA B 363 9.74 1.05 12.70
C ALA B 363 10.30 1.62 14.00
N GLU B 364 11.62 1.61 14.14
CA GLU B 364 12.24 2.09 15.38
C GLU B 364 12.19 3.61 15.49
N GLY B 365 12.31 4.33 14.38
CA GLY B 365 12.19 5.77 14.46
C GLY B 365 10.78 6.18 14.86
N LEU B 366 9.78 5.44 14.35
CA LEU B 366 8.41 5.71 14.71
C LEU B 366 8.15 5.36 16.18
N ARG B 367 8.69 4.24 16.67
CA ARG B 367 8.56 3.96 18.11
C ARG B 367 9.14 5.10 18.94
N ALA B 368 10.33 5.57 18.58
CA ALA B 368 10.91 6.69 19.30
C ALA B 368 10.00 7.92 19.24
N ILE B 369 9.31 8.13 18.12
CA ILE B 369 8.45 9.31 18.01
C ILE B 369 7.24 9.22 18.95
N TYR B 370 6.56 8.08 19.00
CA TYR B 370 5.37 8.04 19.85
C TYR B 370 5.75 8.08 21.32
N LEU B 371 6.87 7.45 21.70
CA LEU B 371 7.33 7.50 23.08
C LEU B 371 7.84 8.90 23.44
N TYR B 372 8.62 9.54 22.58
CA TYR B 372 8.97 10.95 22.76
C TYR B 372 7.71 11.79 22.98
N THR B 373 6.71 11.62 22.12
CA THR B 373 5.47 12.38 22.24
C THR B 373 4.87 12.18 23.61
N ALA B 374 4.82 10.92 24.06
CA ALA B 374 4.22 10.60 25.35
C ALA B 374 4.99 11.23 26.51
N THR B 375 6.29 11.52 26.35
CA THR B 375 7.02 12.10 27.47
C THR B 375 6.56 13.52 27.78
N PHE B 376 5.83 14.16 26.85
CA PHE B 376 5.28 15.49 27.06
C PHE B 376 3.83 15.44 27.55
N GLN B 377 3.27 14.25 27.72
CA GLN B 377 1.87 14.12 28.14
C GLN B 377 1.68 14.11 29.66
N ASP B 378 2.76 14.05 30.43
CA ASP B 378 2.74 14.31 31.87
C ASP B 378 3.66 15.49 32.16
N ALA B 379 3.14 16.51 32.86
CA ALA B 379 4.02 17.62 33.26
C ALA B 379 5.24 17.12 34.04
N GLU B 380 5.04 16.16 34.96
CA GLU B 380 6.14 15.66 35.77
C GLU B 380 7.23 15.00 34.94
N VAL B 381 6.85 14.26 33.91
CA VAL B 381 7.85 13.64 33.03
C VAL B 381 8.55 14.68 32.18
N ALA B 382 7.77 15.57 31.55
CA ALA B 382 8.36 16.61 30.71
C ALA B 382 9.36 17.47 31.50
N GLN B 383 9.05 17.72 32.78
CA GLN B 383 9.97 18.48 33.62
C GLN B 383 11.23 17.66 33.92
N ALA B 384 11.06 16.42 34.35
CA ALA B 384 12.21 15.65 34.78
C ALA B 384 13.11 15.26 33.60
N VAL B 385 12.53 14.93 32.45
CA VAL B 385 13.38 14.41 31.39
C VAL B 385 13.79 15.48 30.36
N HIS B 386 13.02 16.55 30.20
CA HIS B 386 13.32 17.59 29.20
C HIS B 386 13.54 18.97 29.81
N GLY B 387 13.17 19.17 31.06
CA GLY B 387 13.24 20.47 31.69
C GLY B 387 12.29 21.51 31.18
N VAL B 388 11.13 21.12 30.65
CA VAL B 388 10.15 22.08 30.17
C VAL B 388 8.93 22.09 31.08
N ASP B 389 8.36 23.28 31.26
CA ASP B 389 7.23 23.44 32.17
C ASP B 389 5.94 22.92 31.52
N GLY B 390 4.86 22.94 32.30
CA GLY B 390 3.64 22.29 31.89
C GLY B 390 3.00 22.91 30.66
N ASP B 391 3.07 24.25 30.54
CA ASP B 391 2.40 24.87 29.41
C ASP B 391 3.07 24.50 28.08
N LEU B 392 4.39 24.58 28.02
CA LEU B 392 5.12 24.20 26.81
C LEU B 392 4.96 22.72 26.52
N ALA B 393 4.96 21.88 27.57
CA ALA B 393 4.80 20.44 27.35
C ALA B 393 3.49 20.14 26.62
N ALA B 394 2.40 20.79 27.06
CA ALA B 394 1.10 20.58 26.43
C ALA B 394 1.13 21.03 24.99
N ARG B 395 1.78 22.15 24.71
CA ARG B 395 1.83 22.64 23.33
C ARG B 395 2.68 21.74 22.46
N VAL B 396 3.73 21.15 23.02
CA VAL B 396 4.57 20.25 22.25
C VAL B 396 3.83 18.95 22.00
N ASN B 397 3.18 18.40 23.02
CA ASN B 397 2.37 17.21 22.81
C ASN B 397 1.34 17.46 21.71
N ASP B 398 0.69 18.64 21.74
CA ASP B 398 -0.31 18.96 20.72
C ASP B 398 0.32 19.08 19.34
N LEU B 399 1.54 19.61 19.26
CA LEU B 399 2.26 19.67 18.00
C LEU B 399 2.51 18.27 17.44
N LEU B 400 2.93 17.33 18.31
CA LEU B 400 3.41 16.02 17.88
C LEU B 400 2.29 15.05 17.56
N LEU B 401 1.10 15.26 18.09
CA LEU B 401 0.02 14.29 17.88
C LEU B 401 -0.32 14.10 16.41
N PRO B 402 -0.47 15.16 15.60
CA PRO B 402 -0.68 14.91 14.16
C PRO B 402 0.50 14.25 13.48
N ILE B 403 1.72 14.38 14.01
CA ILE B 403 2.83 13.58 13.48
C ILE B 403 2.62 12.09 13.80
N VAL B 404 2.43 11.77 15.07
CA VAL B 404 2.17 10.39 15.46
C VAL B 404 1.06 9.81 14.60
N LYS B 405 -0.05 10.52 14.49
CA LYS B 405 -1.21 9.98 13.77
C LYS B 405 -1.01 10.02 12.25
N GLY B 406 -0.71 11.21 11.70
CA GLY B 406 -0.64 11.34 10.25
C GLY B 406 0.59 10.68 9.65
N PHE B 407 1.77 11.03 10.16
CA PHE B 407 3.02 10.44 9.68
C PHE B 407 3.12 8.95 10.09
N GLY B 408 2.68 8.60 11.29
CA GLY B 408 2.72 7.20 11.68
C GLY B 408 1.88 6.31 10.77
N SER B 409 0.63 6.72 10.52
CA SER B 409 -0.29 5.90 9.73
C SER B 409 0.20 5.76 8.29
N GLU B 410 0.58 6.88 7.66
CA GLU B 410 1.01 6.80 6.27
C GLU B 410 2.31 6.03 6.13
N THR B 411 3.27 6.27 7.02
CA THR B 411 4.56 5.57 6.92
C THR B 411 4.39 4.07 7.15
N ALA B 412 3.65 3.67 8.19
CA ALA B 412 3.55 2.24 8.52
C ALA B 412 2.98 1.44 7.35
N TYR B 413 1.86 1.93 6.80
CA TYR B 413 1.23 1.29 5.65
C TYR B 413 2.18 1.20 4.46
N ALA B 414 2.94 2.26 4.19
CA ALA B 414 3.82 2.25 3.03
C ALA B 414 4.99 1.28 3.23
N LYS B 415 5.54 1.21 4.44
CA LYS B 415 6.69 0.35 4.67
C LYS B 415 6.29 -1.10 4.88
N LEU B 416 5.04 -1.37 5.27
CA LEU B 416 4.57 -2.76 5.24
C LEU B 416 4.65 -3.33 3.84
N THR B 417 4.61 -2.48 2.81
CA THR B 417 4.81 -2.96 1.46
C THR B 417 6.16 -3.63 1.33
N GLU B 418 7.19 -3.06 1.97
CA GLU B 418 8.51 -3.69 1.99
C GLU B 418 8.51 -5.00 2.78
N SER B 419 7.84 -5.03 3.91
CA SER B 419 7.73 -6.27 4.67
C SER B 419 7.12 -7.39 3.83
N LEU B 420 5.99 -7.13 3.18
CA LEU B 420 5.38 -8.17 2.36
C LEU B 420 6.32 -8.61 1.24
N GLN B 421 6.98 -7.65 0.59
CA GLN B 421 7.88 -7.95 -0.52
C GLN B 421 9.00 -8.90 -0.12
N THR B 422 9.46 -8.81 1.13
CA THR B 422 10.56 -9.63 1.62
C THR B 422 10.23 -11.11 1.60
N LEU B 423 8.95 -11.45 1.69
CA LEU B 423 8.51 -12.83 1.66
C LEU B 423 8.34 -13.36 0.25
N GLY B 424 8.54 -12.52 -0.77
CA GLY B 424 8.26 -13.01 -2.11
C GLY B 424 6.79 -13.35 -2.29
N GLY B 425 6.52 -14.31 -3.17
CA GLY B 425 5.14 -14.69 -3.45
C GLY B 425 4.40 -15.15 -2.20
N SER B 426 5.12 -15.70 -1.24
CA SER B 426 4.47 -16.15 0.00
C SER B 426 3.85 -15.00 0.76
N GLY B 427 4.35 -13.77 0.57
CA GLY B 427 3.81 -12.61 1.26
C GLY B 427 2.41 -12.27 0.83
N PHE B 428 2.00 -12.73 -0.35
CA PHE B 428 0.65 -12.56 -0.85
C PHE B 428 -0.31 -13.58 -0.26
N LEU B 429 0.17 -14.53 0.52
CA LEU B 429 -0.68 -15.56 1.11
C LEU B 429 -1.21 -15.12 2.48
N GLN B 430 -2.47 -15.48 2.74
CA GLN B 430 -3.03 -15.31 4.07
C GLN B 430 -2.37 -16.20 5.10
N ASP B 431 -1.60 -17.21 4.68
CA ASP B 431 -0.85 -18.04 5.62
C ASP B 431 0.10 -17.20 6.47
N TYR B 432 0.57 -16.08 5.93
CA TYR B 432 1.43 -15.15 6.63
C TYR B 432 0.62 -13.90 7.01
N PRO B 433 1.00 -13.22 8.09
CA PRO B 433 0.12 -12.14 8.61
C PRO B 433 0.29 -10.79 7.93
N ILE B 434 1.24 -10.63 7.01
CA ILE B 434 1.54 -9.30 6.51
C ILE B 434 0.38 -8.74 5.71
N GLU B 435 -0.27 -9.58 4.90
CA GLU B 435 -1.36 -9.03 4.11
C GLU B 435 -2.50 -8.54 4.99
N GLN B 436 -2.74 -9.18 6.14
CA GLN B 436 -3.73 -8.67 7.07
C GLN B 436 -3.23 -7.41 7.77
N TYR B 437 -1.94 -7.34 8.08
CA TYR B 437 -1.39 -6.10 8.64
C TYR B 437 -1.67 -4.92 7.71
N ILE B 438 -1.53 -5.15 6.40
CA ILE B 438 -1.75 -4.08 5.41
C ILE B 438 -3.21 -3.68 5.38
N ARG B 439 -4.11 -4.67 5.29
CA ARG B 439 -5.54 -4.38 5.30
C ARG B 439 -5.99 -3.74 6.61
N ASP B 440 -5.50 -4.26 7.74
CA ASP B 440 -5.91 -3.73 9.03
C ASP B 440 -5.42 -2.29 9.23
N SER B 441 -4.31 -1.93 8.59
CA SER B 441 -3.67 -0.64 8.82
C SER B 441 -4.06 0.42 7.80
N LYS B 442 -4.71 0.05 6.69
CA LYS B 442 -5.12 1.07 5.72
C LYS B 442 -6.07 2.10 6.35
N ILE B 443 -6.89 1.68 7.30
CA ILE B 443 -7.88 2.57 7.91
C ILE B 443 -7.23 3.66 8.72
N ASP B 444 -5.98 3.48 9.13
CA ASP B 444 -5.33 4.43 10.04
C ASP B 444 -5.07 5.79 9.43
N SER B 445 -4.97 5.91 8.09
CA SER B 445 -4.89 7.20 7.43
C SER B 445 -6.25 7.92 7.33
N LEU B 446 -7.33 7.30 7.80
CA LEU B 446 -8.68 7.77 7.53
C LEU B 446 -9.48 8.11 8.79
N TYR B 447 -9.66 7.16 9.70
CA TYR B 447 -10.46 7.42 10.92
C TYR B 447 -9.63 8.29 11.88
N ALA B 448 -10.30 8.82 12.89
CA ALA B 448 -9.71 9.83 13.77
C ALA B 448 -9.11 11.00 12.98
N GLY B 449 -9.64 11.24 11.79
CA GLY B 449 -9.25 12.38 10.97
C GLY B 449 -8.21 12.06 9.90
N THR B 450 -8.52 12.42 8.66
CA THR B 450 -7.70 11.95 7.55
C THR B 450 -6.35 12.64 7.61
N THR B 451 -5.40 12.11 6.85
CA THR B 451 -4.08 12.71 6.80
C THR B 451 -4.13 14.18 6.46
N ALA B 452 -5.00 14.57 5.51
CA ALA B 452 -5.10 15.98 5.14
C ALA B 452 -5.58 16.79 6.33
N ILE B 453 -6.52 16.23 7.10
CA ILE B 453 -7.00 16.92 8.29
C ILE B 453 -5.88 17.00 9.33
N GLN B 454 -5.07 15.95 9.46
CA GLN B 454 -3.92 16.03 10.38
C GLN B 454 -2.94 17.13 9.96
N ALA B 455 -2.67 17.23 8.66
CA ALA B 455 -1.69 18.21 8.18
C ALA B 455 -2.22 19.64 8.32
N GLN B 456 -3.53 19.83 8.12
CA GLN B 456 -4.15 21.14 8.33
C GLN B 456 -4.13 21.52 9.81
N ASP B 457 -4.40 20.57 10.70
CA ASP B 457 -4.29 20.79 12.14
C ASP B 457 -2.86 21.17 12.52
N PHE B 458 -1.88 20.41 12.02
CA PHE B 458 -0.47 20.66 12.33
C PHE B 458 -0.08 22.08 11.94
N PHE B 459 -0.40 22.51 10.73
CA PHE B 459 0.08 23.82 10.29
C PHE B 459 -0.69 24.95 10.95
N PHE B 460 -2.00 24.98 10.78
CA PHE B 460 -2.78 26.14 11.20
C PHE B 460 -2.97 26.22 12.70
N ARG B 461 -3.24 25.11 13.37
CA ARG B 461 -3.50 25.16 14.79
C ARG B 461 -2.24 24.94 15.62
N LYS B 462 -1.40 23.99 15.25
CA LYS B 462 -0.27 23.63 16.10
C LYS B 462 1.02 24.41 15.79
N ILE B 463 1.08 25.11 14.66
CA ILE B 463 2.20 26.02 14.36
C ILE B 463 1.74 27.50 14.38
N ILE B 464 0.83 27.87 13.47
CA ILE B 464 0.47 29.28 13.33
C ILE B 464 -0.25 29.78 14.58
N ARG B 465 -1.35 29.14 14.97
CA ARG B 465 -2.08 29.61 16.14
C ARG B 465 -1.22 29.50 17.39
N ASP B 466 -0.28 28.56 17.43
CA ASP B 466 0.67 28.42 18.53
C ASP B 466 1.79 29.46 18.48
N LYS B 467 1.81 30.30 17.44
CA LYS B 467 2.92 31.26 17.20
C LYS B 467 4.27 30.56 17.15
N GLY B 468 4.28 29.30 16.74
CA GLY B 468 5.51 28.60 16.50
C GLY B 468 6.30 28.21 17.73
N GLN B 469 5.76 28.34 18.93
CA GLN B 469 6.60 28.16 20.11
C GLN B 469 6.96 26.68 20.32
N ALA B 470 5.99 25.76 20.17
CA ALA B 470 6.34 24.35 20.31
C ALA B 470 7.29 23.90 19.20
N LEU B 471 7.04 24.35 17.97
CA LEU B 471 7.90 23.96 16.85
C LEU B 471 9.31 24.50 17.06
N ALA B 472 9.42 25.74 17.53
CA ALA B 472 10.72 26.32 17.80
C ALA B 472 11.46 25.57 18.90
N TYR B 473 10.74 25.11 19.92
CA TYR B 473 11.36 24.30 20.95
C TYR B 473 11.97 23.04 20.35
N VAL B 474 11.22 22.29 19.55
CA VAL B 474 11.75 21.04 19.02
C VAL B 474 12.92 21.31 18.09
N ALA B 475 12.78 22.33 17.24
CA ALA B 475 13.88 22.71 16.35
C ALA B 475 15.15 23.02 17.14
N GLY B 476 15.01 23.72 18.27
CA GLY B 476 16.15 24.03 19.10
C GLY B 476 16.84 22.81 19.66
N GLU B 477 16.08 21.76 19.98
CA GLU B 477 16.69 20.52 20.47
C GLU B 477 17.43 19.82 19.34
N ILE B 478 16.86 19.85 18.14
CA ILE B 478 17.53 19.23 17.00
C ILE B 478 18.83 19.97 16.73
N GLU B 479 18.77 21.30 16.75
CA GLU B 479 19.96 22.12 16.51
C GLU B 479 21.04 21.85 17.55
N GLN B 480 20.64 21.70 18.82
CA GLN B 480 21.62 21.46 19.87
C GLN B 480 22.30 20.11 19.67
N PHE B 481 21.55 19.09 19.26
CA PHE B 481 22.17 17.80 18.94
C PHE B 481 23.17 17.97 17.81
N ILE B 482 22.79 18.67 16.73
CA ILE B 482 23.72 18.87 15.63
C ILE B 482 25.00 19.55 16.08
N LYS B 483 24.88 20.55 16.96
CA LYS B 483 26.04 21.33 17.38
C LYS B 483 26.95 20.56 18.35
N ASN B 484 26.44 19.62 19.12
CA ASN B 484 27.31 18.83 19.99
C ASN B 484 28.19 17.90 19.14
N ASN B 488 33.10 13.19 20.36
CA ASN B 488 33.22 12.25 19.25
C ASN B 488 32.83 12.90 17.91
N GLY B 489 33.48 12.47 16.83
CA GLY B 489 33.03 12.79 15.49
C GLY B 489 32.59 11.59 14.68
N ARG B 490 32.26 10.48 15.34
CA ARG B 490 31.75 9.30 14.64
C ARG B 490 30.33 9.49 14.11
N LEU B 491 29.62 10.55 14.52
CA LEU B 491 28.31 10.88 13.95
C LEU B 491 28.38 12.19 13.15
N LYS B 492 29.58 12.51 12.64
CA LYS B 492 29.76 13.78 11.95
C LYS B 492 28.92 13.85 10.70
N THR B 493 28.94 12.78 9.89
CA THR B 493 28.17 12.75 8.66
C THR B 493 26.67 12.78 8.95
N GLU B 494 26.22 12.02 9.95
CA GLU B 494 24.81 12.06 10.31
C GLU B 494 24.38 13.46 10.76
N ARG B 495 25.21 14.13 11.55
CA ARG B 495 24.86 15.48 12.00
C ARG B 495 24.86 16.49 10.84
N GLU B 496 25.75 16.33 9.88
CA GLU B 496 25.70 17.15 8.68
C GLU B 496 24.41 16.92 7.90
N LEU B 497 24.04 15.65 7.74
CA LEU B 497 22.79 15.34 7.05
C LEU B 497 21.60 15.90 7.82
N LEU B 498 21.61 15.77 9.15
CA LEU B 498 20.50 16.32 9.93
C LEU B 498 20.43 17.83 9.80
N ALA B 499 21.57 18.50 9.76
CA ALA B 499 21.56 19.96 9.62
C ALA B 499 20.92 20.37 8.30
N THR B 500 21.25 19.68 7.22
CA THR B 500 20.62 19.97 5.94
C THR B 500 19.12 19.70 6.01
N ALA B 501 18.71 18.60 6.67
CA ALA B 501 17.29 18.30 6.77
C ALA B 501 16.55 19.34 7.61
N LEU B 502 17.15 19.76 8.74
CA LEU B 502 16.57 20.83 9.55
C LEU B 502 16.38 22.12 8.73
N ALA B 503 17.42 22.52 8.00
CA ALA B 503 17.31 23.69 7.14
C ALA B 503 16.23 23.48 6.08
N ASP B 504 16.08 22.25 5.57
CA ASP B 504 15.03 22.00 4.58
C ASP B 504 13.64 22.21 5.20
N VAL B 505 13.40 21.64 6.38
CA VAL B 505 12.08 21.79 7.02
C VAL B 505 11.83 23.24 7.39
N GLN B 506 12.84 23.95 7.91
CA GLN B 506 12.68 25.38 8.15
C GLN B 506 12.31 26.09 6.87
N GLY B 507 12.95 25.72 5.75
CA GLY B 507 12.62 26.33 4.47
C GLY B 507 11.20 26.06 4.07
N MET B 508 10.72 24.83 4.30
CA MET B 508 9.32 24.52 4.01
C MET B 508 8.39 25.37 4.86
N ALA B 509 8.68 25.48 6.16
CA ALA B 509 7.83 26.26 7.06
C ALA B 509 7.75 27.72 6.62
N ALA B 510 8.90 28.27 6.21
CA ALA B 510 8.96 29.66 5.74
C ALA B 510 8.17 29.86 4.46
N SER B 511 8.28 28.92 3.49
CA SER B 511 7.53 29.06 2.24
C SER B 511 6.03 29.02 2.50
N LEU B 512 5.58 28.06 3.31
CA LEU B 512 4.16 27.92 3.57
C LEU B 512 3.61 29.13 4.32
N THR B 513 4.34 29.59 5.36
CA THR B 513 3.98 30.81 6.07
C THR B 513 3.93 32.00 5.11
N GLY B 514 4.86 32.04 4.16
CA GLY B 514 4.82 33.06 3.12
C GLY B 514 3.53 33.02 2.31
N TYR B 515 3.10 31.83 1.92
CA TYR B 515 1.85 31.73 1.16
C TYR B 515 0.67 32.17 2.01
N LEU B 516 0.68 31.83 3.29
CA LEU B 516 -0.38 32.29 4.18
C LEU B 516 -0.41 33.82 4.26
N MET B 517 0.73 34.48 4.39
CA MET B 517 0.69 35.94 4.47
C MET B 517 0.24 36.55 3.16
N ALA B 518 0.69 35.96 2.03
CA ALA B 518 0.26 36.45 0.73
C ALA B 518 -1.26 36.37 0.60
N ALA B 519 -1.90 35.44 1.31
CA ALA B 519 -3.34 35.32 1.19
C ALA B 519 -4.07 36.51 1.77
N GLN B 520 -3.40 37.36 2.55
CA GLN B 520 -3.98 38.64 2.96
C GLN B 520 -4.36 39.49 1.75
N GLU B 521 -3.61 39.35 0.66
CA GLU B 521 -3.77 40.13 -0.56
C GLU B 521 -4.48 39.38 -1.67
N ASP B 522 -4.18 38.10 -1.84
CA ASP B 522 -4.82 37.29 -2.87
C ASP B 522 -5.28 36.03 -2.16
N ALA B 523 -6.58 35.96 -1.86
CA ALA B 523 -7.10 34.85 -1.06
C ALA B 523 -6.65 33.48 -1.55
N ALA B 524 -6.55 33.32 -2.88
CA ALA B 524 -6.26 32.02 -3.46
C ALA B 524 -4.86 31.52 -3.14
N SER B 525 -3.95 32.41 -2.68
CA SER B 525 -2.62 31.98 -2.29
C SER B 525 -2.69 30.96 -1.15
N ILE B 526 -3.77 30.97 -0.37
CA ILE B 526 -3.86 30.00 0.72
C ILE B 526 -3.89 28.57 0.17
N TYR B 527 -4.36 28.41 -1.06
CA TYR B 527 -4.40 27.05 -1.63
C TYR B 527 -3.00 26.43 -1.65
N LYS B 528 -1.96 27.23 -1.86
CA LYS B 528 -0.62 26.64 -1.90
C LYS B 528 -0.26 26.01 -0.55
N VAL B 529 -0.74 26.60 0.56
CA VAL B 529 -0.58 25.96 1.87
C VAL B 529 -1.22 24.58 1.84
N GLY B 530 -2.47 24.52 1.35
CA GLY B 530 -3.14 23.24 1.22
C GLY B 530 -2.36 22.25 0.36
N LEU B 531 -1.80 22.71 -0.75
CA LEU B 531 -1.09 21.77 -1.64
C LEU B 531 0.17 21.20 -0.98
N GLY B 532 0.83 22.00 -0.16
CA GLY B 532 2.05 21.56 0.48
C GLY B 532 1.90 20.94 1.85
N SER B 533 0.71 21.03 2.46
CA SER B 533 0.60 20.76 3.89
C SER B 533 0.97 19.31 4.24
N VAL B 534 0.48 18.33 3.46
CA VAL B 534 0.77 16.93 3.80
C VAL B 534 2.25 16.63 3.59
N ARG B 535 2.85 17.15 2.50
CA ARG B 535 4.28 16.89 2.30
C ARG B 535 5.09 17.50 3.43
N PHE B 536 4.65 18.64 3.97
CA PHE B 536 5.36 19.26 5.09
C PHE B 536 5.24 18.38 6.34
N LEU B 537 4.05 17.88 6.62
CA LEU B 537 3.86 17.00 7.78
C LEU B 537 4.80 15.80 7.72
N MET B 538 4.86 15.20 6.53
CA MET B 538 5.68 14.00 6.32
C MET B 538 7.17 14.37 6.46
N ALA B 539 7.55 15.53 5.98
CA ALA B 539 8.92 15.99 6.09
C ALA B 539 9.33 16.14 7.55
N VAL B 540 8.47 16.76 8.38
CA VAL B 540 8.78 16.90 9.79
C VAL B 540 8.90 15.54 10.45
N GLY B 541 8.05 14.59 10.07
CA GLY B 541 8.17 13.25 10.60
C GLY B 541 9.48 12.59 10.23
N ASP B 542 9.90 12.72 8.97
CA ASP B 542 11.19 12.18 8.57
C ASP B 542 12.33 12.82 9.38
N LEU B 543 12.27 14.15 9.59
CA LEU B 543 13.31 14.82 10.34
C LEU B 543 13.37 14.31 11.76
N LEU B 544 12.20 14.21 12.40
CA LEU B 544 12.14 13.69 13.76
C LEU B 544 12.66 12.27 13.83
N SER B 545 12.27 11.43 12.86
CA SER B 545 12.78 10.07 12.84
C SER B 545 14.29 10.06 12.78
N GLY B 546 14.88 10.85 11.88
CA GLY B 546 16.32 10.85 11.74
C GLY B 546 17.03 11.40 12.96
N TRP B 547 16.49 12.47 13.56
CA TRP B 547 17.06 13.01 14.79
C TRP B 547 16.99 11.99 15.91
N LEU B 548 15.81 11.39 16.14
CA LEU B 548 15.70 10.48 17.27
C LEU B 548 16.54 9.22 17.06
N LEU B 549 16.62 8.74 15.83
CA LEU B 549 17.53 7.62 15.57
C LEU B 549 18.98 8.01 15.86
N ALA B 550 19.38 9.23 15.47
CA ALA B 550 20.75 9.69 15.77
C ALA B 550 21.01 9.82 17.26
N ARG B 551 20.01 10.29 18.02
CA ARG B 551 20.14 10.29 19.48
C ARG B 551 20.33 8.86 19.99
N GLN B 552 19.56 7.93 19.45
CA GLN B 552 19.71 6.54 19.87
C GLN B 552 21.10 6.03 19.52
N ALA B 553 21.61 6.44 18.36
CA ALA B 553 22.95 6.02 17.95
C ALA B 553 24.01 6.53 18.93
N ALA B 554 23.85 7.78 19.39
CA ALA B 554 24.81 8.33 20.34
C ALA B 554 24.79 7.57 21.65
N VAL B 555 23.61 7.20 22.13
CA VAL B 555 23.53 6.35 23.33
C VAL B 555 24.16 4.99 23.05
N ALA B 556 23.88 4.41 21.90
CA ALA B 556 24.43 3.10 21.54
C ALA B 556 25.95 3.12 21.47
N ILE B 557 26.52 4.21 20.95
CA ILE B 557 27.97 4.35 20.89
C ILE B 557 28.56 4.38 22.29
N GLU B 558 27.92 5.10 23.20
CA GLU B 558 28.38 5.10 24.59
C GLU B 558 28.38 3.70 25.19
N LYS B 559 27.29 2.96 24.99
CA LYS B 559 27.19 1.64 25.60
C LYS B 559 28.20 0.67 24.96
N LEU B 560 28.43 0.79 23.66
CA LEU B 560 29.44 -0.04 23.02
C LEU B 560 30.84 0.31 23.51
N ASP B 561 31.15 1.62 23.58
CA ASP B 561 32.44 2.05 24.09
C ASP B 561 32.69 1.50 25.50
N ALA B 562 31.65 1.41 26.32
CA ALA B 562 31.79 0.94 27.70
C ALA B 562 32.01 -0.56 27.81
N GLY B 563 31.75 -1.32 26.74
CA GLY B 563 32.08 -2.72 26.72
C GLY B 563 30.94 -3.69 26.50
N ALA B 564 29.86 -3.21 25.89
CA ALA B 564 28.73 -4.07 25.59
C ALA B 564 29.20 -5.30 24.82
N THR B 565 28.58 -6.45 25.10
CA THR B 565 28.92 -7.73 24.49
C THR B 565 27.64 -8.43 24.03
N GLY B 566 27.82 -9.46 23.23
CA GLY B 566 26.73 -10.35 22.87
C GLY B 566 25.53 -9.64 22.28
N ALA B 567 24.35 -10.04 22.75
CA ALA B 567 23.11 -9.56 22.16
C ALA B 567 22.93 -8.07 22.37
N ASP B 568 23.40 -7.53 23.50
CA ASP B 568 23.41 -6.08 23.69
C ASP B 568 24.24 -5.40 22.62
N LYS B 569 25.45 -5.93 22.37
CA LYS B 569 26.32 -5.35 21.35
C LYS B 569 25.62 -5.32 19.99
N SER B 570 24.96 -6.43 19.62
CA SER B 570 24.29 -6.50 18.33
C SER B 570 23.17 -5.47 18.29
N PHE B 571 22.40 -5.37 19.38
CA PHE B 571 21.35 -4.35 19.46
C PHE B 571 21.93 -2.96 19.21
N TYR B 572 22.99 -2.61 19.93
CA TYR B 572 23.52 -1.25 19.78
C TYR B 572 24.08 -1.03 18.38
N GLU B 573 24.72 -2.05 17.81
CA GLU B 573 25.27 -1.91 16.46
C GLU B 573 24.17 -1.59 15.46
N GLY B 574 23.00 -2.23 15.63
CA GLY B 574 21.89 -2.00 14.74
C GLY B 574 21.32 -0.61 14.80
N LYS B 575 21.34 0.01 16.00
CA LYS B 575 20.94 1.41 16.16
C LYS B 575 21.87 2.34 15.39
N ILE B 576 23.18 2.13 15.49
CA ILE B 576 24.11 2.97 14.73
C ILE B 576 23.82 2.83 13.24
N ALA B 577 23.67 1.58 12.77
CA ALA B 577 23.44 1.35 11.34
C ALA B 577 22.13 1.96 10.90
N ALA B 578 21.10 1.87 11.74
CA ALA B 578 19.82 2.46 11.36
C ALA B 578 19.93 3.96 11.24
N ALA B 579 20.54 4.61 12.23
CA ALA B 579 20.64 6.07 12.18
C ALA B 579 21.44 6.49 10.96
N SER B 580 22.52 5.77 10.66
CA SER B 580 23.34 6.14 9.52
C SER B 580 22.60 5.88 8.20
N PHE B 581 21.86 4.76 8.13
CA PHE B 581 21.13 4.45 6.90
C PHE B 581 20.05 5.48 6.64
N PHE B 582 19.30 5.83 7.69
CA PHE B 582 18.20 6.79 7.53
C PHE B 582 18.71 8.16 7.11
N ALA B 583 19.79 8.63 7.75
CA ALA B 583 20.35 9.93 7.37
C ALA B 583 20.78 9.94 5.90
N LYS B 584 21.35 8.84 5.42
CA LYS B 584 21.92 8.83 4.08
C LYS B 584 20.93 8.48 2.98
N ASN B 585 19.80 7.85 3.30
CA ASN B 585 18.91 7.36 2.26
C ASN B 585 17.51 7.97 2.32
N MET B 586 17.09 8.48 3.48
CA MET B 586 15.80 9.11 3.62
C MET B 586 15.88 10.62 3.73
N LEU B 587 16.81 11.15 4.51
CA LEU B 587 16.74 12.57 4.80
C LEU B 587 17.03 13.44 3.58
N PRO B 588 17.94 13.05 2.68
CA PRO B 588 18.26 13.97 1.56
C PRO B 588 17.07 14.31 0.67
N LEU B 589 16.09 13.41 0.54
CA LEU B 589 14.90 13.66 -0.26
C LEU B 589 14.18 14.94 0.18
N LEU B 590 14.35 15.33 1.44
CA LEU B 590 13.69 16.54 1.94
C LEU B 590 14.19 17.78 1.22
N THR B 591 15.41 17.74 0.68
CA THR B 591 15.91 18.89 -0.07
C THR B 591 15.07 19.13 -1.32
N SER B 592 14.77 18.05 -2.06
CA SER B 592 13.92 18.17 -3.23
C SER B 592 12.50 18.57 -2.85
N THR B 593 11.98 18.01 -1.76
CA THR B 593 10.66 18.42 -1.32
C THR B 593 10.61 19.89 -0.96
N ARG B 594 11.63 20.42 -0.29
CA ARG B 594 11.65 21.87 -0.03
C ARG B 594 11.59 22.66 -1.35
N GLN B 595 12.42 22.29 -2.32
CA GLN B 595 12.40 23.02 -3.60
C GLN B 595 11.05 22.89 -4.30
N ILE B 596 10.40 21.73 -4.19
CA ILE B 596 9.06 21.56 -4.76
C ILE B 596 8.07 22.51 -4.08
N ILE B 597 8.08 22.52 -2.75
CA ILE B 597 7.19 23.40 -1.99
C ILE B 597 7.46 24.86 -2.30
N GLU B 598 8.73 25.21 -2.50
CA GLU B 598 9.04 26.61 -2.84
C GLU B 598 8.51 27.03 -4.20
N ASN B 599 8.07 26.10 -5.02
CA ASN B 599 7.61 26.41 -6.36
C ASN B 599 6.18 26.01 -6.63
N LEU B 600 5.40 25.69 -5.59
CA LEU B 600 4.01 25.38 -5.78
C LEU B 600 3.32 26.53 -6.50
N ASP B 601 2.29 26.19 -7.28
CA ASP B 601 1.46 27.23 -7.89
C ASP B 601 0.03 26.72 -7.99
N ASN B 602 -0.85 27.62 -8.44
CA ASN B 602 -2.28 27.34 -8.44
C ASN B 602 -2.81 26.83 -9.77
N ASP B 603 -1.93 26.45 -10.71
CA ASP B 603 -2.39 25.88 -11.96
C ASP B 603 -3.38 24.74 -11.72
N VAL B 604 -3.05 23.84 -10.79
CA VAL B 604 -3.88 22.67 -10.57
C VAL B 604 -5.18 23.06 -9.89
N MET B 605 -5.21 24.22 -9.24
CA MET B 605 -6.44 24.75 -8.66
C MET B 605 -7.31 25.40 -9.73
N GLU B 606 -6.70 26.02 -10.75
CA GLU B 606 -7.47 26.75 -11.76
C GLU B 606 -7.99 25.84 -12.85
N LEU B 607 -7.43 24.65 -13.00
CA LEU B 607 -7.86 23.72 -14.03
C LEU B 607 -9.35 23.40 -13.91
N ASP B 608 -10.05 23.36 -15.05
CA ASP B 608 -11.46 22.97 -15.04
C ASP B 608 -11.60 21.56 -14.48
N GLU B 609 -12.56 21.35 -13.58
CA GLU B 609 -12.82 20.00 -13.09
C GLU B 609 -13.02 19.03 -14.25
N ALA B 610 -13.64 19.47 -15.34
CA ALA B 610 -13.85 18.61 -16.50
C ALA B 610 -12.54 18.10 -17.13
N ALA B 611 -11.41 18.73 -16.84
CA ALA B 611 -10.15 18.30 -17.45
C ALA B 611 -9.52 17.09 -16.75
N PHE B 612 -9.93 16.79 -15.53
CA PHE B 612 -9.35 15.65 -14.81
C PHE B 612 -9.73 14.35 -15.53
PA FAD C . 11.83 -15.54 -3.36
O1A FAD C . 12.58 -15.81 -4.61
O2A FAD C . 12.14 -16.50 -2.20
O5B FAD C . 12.11 -14.04 -2.96
C5B FAD C . 12.04 -13.61 -1.59
C4B FAD C . 12.67 -12.27 -1.48
O4B FAD C . 14.08 -12.36 -1.81
C3B FAD C . 12.08 -11.24 -2.46
O3B FAD C . 12.11 -9.95 -1.89
C2B FAD C . 13.05 -11.29 -3.63
O2B FAD C . 13.03 -10.07 -4.35
C1B FAD C . 14.37 -11.49 -2.89
N9A FAD C . 15.38 -12.09 -3.71
C8A FAD C . 15.42 -13.39 -4.16
N7A FAD C . 16.45 -13.65 -4.93
C5A FAD C . 17.13 -12.44 -5.00
C6A FAD C . 18.31 -12.06 -5.65
N6A FAD C . 19.06 -12.88 -6.39
N1A FAD C . 18.71 -10.77 -5.51
C2A FAD C . 17.98 -9.94 -4.76
N3A FAD C . 16.85 -10.21 -4.10
C4A FAD C . 16.48 -11.48 -4.26
N1 FAD C . 5.23 -19.27 -10.89
C2 FAD C . 5.09 -20.01 -12.03
O2 FAD C . 6.03 -20.64 -12.51
N3 FAD C . 3.88 -20.02 -12.70
C4 FAD C . 2.72 -19.37 -12.28
O4 FAD C . 1.68 -19.46 -12.93
C4X FAD C . 2.87 -18.61 -11.05
N5 FAD C . 1.82 -17.95 -10.58
C5X FAD C . 1.94 -17.29 -9.39
C6 FAD C . 0.82 -16.65 -8.86
C7 FAD C . 0.90 -15.99 -7.65
C7M FAD C . -0.33 -15.30 -7.11
C8 FAD C . 2.13 -15.95 -6.96
C8M FAD C . 2.27 -15.17 -5.68
C9 FAD C . 3.24 -16.56 -7.50
C9A FAD C . 3.17 -17.22 -8.71
N10 FAD C . 4.28 -17.91 -9.26
C10 FAD C . 4.16 -18.61 -10.43
C1' FAD C . 5.58 -17.88 -8.61
C2' FAD C . 6.17 -16.47 -8.58
O2' FAD C . 6.78 -16.14 -9.83
C3' FAD C . 7.22 -16.37 -7.47
O3' FAD C . 6.55 -16.14 -6.24
C4' FAD C . 8.23 -15.22 -7.65
O4' FAD C . 9.13 -15.42 -8.74
C5' FAD C . 9.05 -14.98 -6.40
O5' FAD C . 9.63 -16.23 -5.95
P FAD C . 9.49 -16.70 -4.45
O1P FAD C . 7.99 -16.60 -4.11
O2P FAD C . 10.14 -18.02 -4.28
O3P FAD C . 10.28 -15.57 -3.62
H51A FAD C . 12.48 -14.22 -1.03
H52A FAD C . 11.12 -13.56 -1.32
H4B FAD C . 12.62 -11.94 -0.61
H3B FAD C . 11.21 -11.52 -2.70
HO3A FAD C . 11.37 -9.77 -1.57
H2B FAD C . 12.89 -12.02 -4.21
HO2A FAD C . 13.16 -9.43 -3.82
H1B FAD C . 14.67 -10.67 -2.55
H8A FAD C . 14.77 -14.01 -3.94
H61A FAD C . 18.83 -13.72 -6.47
H62A FAD C . 19.76 -12.58 -6.80
H2A FAD C . 18.29 -9.08 -4.69
HN3 FAD C . 3.84 -20.46 -13.45
H6 FAD C . 0.10 -16.76 -9.43
HM71 FAD C . -0.71 -15.84 -6.43
HM72 FAD C . -0.96 -15.19 -7.80
HM73 FAD C . -0.10 -14.47 -6.77
HM81 FAD C . 2.99 -14.56 -5.76
HM82 FAD C . 2.44 -15.76 -4.97
HM83 FAD C . 1.48 -14.70 -5.51
H9 FAD C . 3.95 -16.14 -7.07
H1'1 FAD C . 6.17 -18.45 -9.07
H1'2 FAD C . 5.49 -18.19 -7.72
H2' FAD C . 5.48 -15.87 -8.40
HO2' FAD C . 6.21 -16.13 -10.43
H3' FAD C . 7.69 -17.18 -7.45
HO3' FAD C . 6.88 -16.61 -5.64
H4' FAD C . 7.70 -14.48 -7.86
HO4' FAD C . 8.71 -15.76 -9.38
H5'1 FAD C . 8.50 -14.63 -5.72
H5'2 FAD C . 9.73 -14.37 -6.59
O19 X90 D . 4.98 -15.88 -12.07
C21 X90 D . 4.58 -16.38 -13.09
C22 X90 D . 3.23 -16.10 -13.80
C23 X90 D . 2.49 -14.85 -13.25
C24 X90 D . 1.31 -14.50 -14.24
C25 X90 D . 0.52 -15.78 -14.61
C26 X90 D . -0.55 -15.40 -15.69
C27 X90 D . -0.06 -15.92 -17.06
C28 X90 D . -0.27 -17.46 -17.11
C29 X90 D . -1.04 -17.82 -18.42
C30 X90 D . 0.35 -18.93 -20.37
C31 X90 D . 0.60 -17.45 -20.78
C32 X90 D . 1.40 -17.41 -22.11
C33 X90 D . 1.47 -15.95 -22.62
C34 X90 D . 0.37 -15.76 -23.71
C35 X90 D . 0.70 -14.49 -24.52
C36 X90 D . -0.52 -13.54 -24.47
C39 X90 D . -0.42 -19.12 -19.01
H22 X90 D . 3.40 -15.96 -14.74
H22A X90 D . 2.65 -16.87 -13.68
H23 X90 D . 2.12 -15.04 -12.37
H23A X90 D . 3.10 -14.10 -13.19
H24 X90 D . 1.68 -14.11 -15.05
H24A X90 D . 0.72 -13.86 -13.82
H25 X90 D . 0.08 -16.12 -13.81
H25A X90 D . 1.12 -16.45 -14.96
H26 X90 D . -1.40 -15.80 -15.47
H26A X90 D . -0.65 -14.43 -15.73
H27 X90 D . -0.56 -15.50 -17.76
H27A X90 D . 0.89 -15.71 -17.16
H28 X90 D . -0.78 -17.75 -16.34
H28A X90 D . 0.60 -17.91 -17.11
H29 X90 D . -0.95 -17.09 -19.06
H29A X90 D . -1.97 -17.95 -18.22
H30 X90 D . 1.22 -19.35 -20.28
H30A X90 D . -0.15 -19.37 -21.06
H31 X90 D . -0.27 -17.01 -20.91
H31A X90 D . 1.08 -16.99 -20.08
H32 X90 D . 2.29 -17.74 -21.95
H32A X90 D . 0.96 -17.97 -22.77
H33 X90 D . 1.31 -15.34 -21.88
H33A X90 D . 2.35 -15.78 -23.00
H34 X90 D . -0.49 -15.67 -23.29
H34A X90 D . 0.37 -16.53 -24.31
H35 X90 D . 1.47 -14.05 -24.13
H35A X90 D . 0.89 -14.73 -25.44
H36A X90 D . -1.30 -13.99 -24.84
H36B X90 D . -0.70 -13.29 -23.55
H39 X90 D . -1.14 -19.75 -19.16
H39A X90 D . 0.19 -19.49 -18.36
N1A COA E . 14.64 -12.12 -21.39
C2A COA E . 14.83 -13.20 -22.20
N3A COA E . 15.63 -14.21 -21.80
C4A COA E . 16.24 -14.16 -20.61
C5A COA E . 16.08 -13.12 -19.80
C6A COA E . 15.27 -12.07 -20.21
N6A COA E . 14.92 -10.85 -19.52
N7A COA E . 16.80 -13.32 -18.68
C8A COA E . 17.41 -14.51 -18.82
N9A COA E . 17.06 -15.03 -20.01
C1B COA E . 17.46 -16.29 -20.60
C2B COA E . 18.43 -16.33 -21.47
O2B COA E . 18.06 -17.53 -22.35
C3B COA E . 19.71 -16.55 -20.73
O3B COA E . 20.68 -17.17 -21.47
P3B COA E . 21.77 -16.16 -22.20
O7A COA E . 21.08 -15.39 -23.29
O8A COA E . 22.36 -15.12 -21.29
O9A COA E . 22.88 -17.02 -22.75
C4B COA E . 19.20 -17.47 -19.57
O4B COA E . 17.99 -17.12 -19.28
C5B COA E . 20.13 -17.28 -18.34
O5B COA E . 20.28 -15.87 -18.13
P1A COA E . 20.90 -15.52 -16.64
O1A COA E . 22.24 -16.20 -16.42
O2A COA E . 20.95 -14.02 -16.42
O3A COA E . 19.80 -16.13 -15.56
P2A COA E . 20.05 -17.17 -14.30
O4A COA E . 20.46 -18.54 -14.83
O5A COA E . 21.01 -16.61 -13.29
O6A COA E . 18.52 -17.25 -13.68
CBP COA E . 16.63 -15.72 -13.59
CCP COA E . 18.06 -16.01 -13.14
CDP COA E . 16.64 -15.26 -15.03
CEP COA E . 15.74 -16.96 -13.44
CAP COA E . 16.10 -14.65 -12.66
OAP COA E . 16.79 -13.45 -12.83
C9P COA E . 14.62 -14.39 -12.90
O9P COA E . 14.18 -13.84 -13.87
N8P COA E . 13.74 -14.83 -11.81
C7P COA E . 12.30 -14.63 -11.87
C6P COA E . 11.77 -15.79 -12.70
C5P COA E . 10.32 -15.53 -13.15
O5P COA E . 10.00 -14.56 -13.74
N4P COA E . 9.32 -16.55 -12.80
C3P COA E . 7.93 -16.36 -13.25
C2P COA E . 7.13 -17.66 -12.90
S1P COA E . 5.62 -17.62 -13.93
H2A COA E . 14.41 -13.23 -23.03
H61A COA E . 15.54 -10.27 -19.34
H62A COA E . 14.11 -10.70 -19.28
H8A COA E . 17.97 -14.91 -18.20
H1B COA E . 16.73 -16.66 -21.13
H2B COA E . 18.54 -15.49 -21.95
HO2A COA E . 17.78 -17.25 -23.10
H3B COA E . 20.10 -15.72 -20.43
H4B COA E . 19.18 -18.40 -19.86
H51A COA E . 19.73 -17.69 -17.56
H52A COA E . 21.00 -17.67 -18.51
H121 COA E . 18.09 -16.07 -12.16
H122 COA E . 18.65 -15.30 -13.43
H131 COA E . 16.98 -15.96 -15.60
H132 COA E . 15.73 -15.04 -15.30
H133 COA E . 17.20 -14.47 -15.11
H10 COA E . 16.23 -14.97 -11.76
HO1 COA E . 16.74 -12.99 -12.13
HN8 COA E . 14.09 -15.23 -11.14
H71 COA E . 12.09 -13.78 -12.28
H72 COA E . 11.92 -14.64 -10.97
H61 COA E . 11.79 -16.60 -12.16
H62 COA E . 12.32 -15.90 -13.48
HN4 COA E . 9.56 -17.25 -12.36
H31 COA E . 7.91 -16.21 -14.20
H32 COA E . 7.55 -15.60 -12.79
H21 COA E . 7.65 -18.44 -13.10
H22 COA E . 6.89 -17.66 -11.96
PA FAD F . -14.69 12.86 3.92
O1A FAD F . -14.66 13.89 4.98
O2A FAD F . -15.84 12.88 2.89
O5B FAD F . -13.32 12.96 3.13
C5B FAD F . -13.22 12.57 1.74
C4B FAD F . -11.91 13.13 1.20
O4B FAD F . -11.95 14.58 1.21
C3B FAD F . -10.68 12.72 2.00
O3B FAD F . -9.52 12.60 1.19
C2B FAD F . -10.46 13.92 2.92
O2B FAD F . -9.14 14.15 3.38
C1B FAD F . -10.86 15.06 1.98
N9A FAD F . -11.28 16.26 2.68
C8A FAD F . -12.43 16.46 3.39
N7A FAD F . -12.53 17.66 3.93
C5A FAD F . -11.35 18.28 3.56
C6A FAD F . -10.82 19.56 3.82
N6A FAD F . -11.46 20.50 4.52
N1A FAD F . -9.61 19.86 3.30
C2A FAD F . -8.97 18.94 2.57
N3A FAD F . -9.38 17.71 2.25
C4A FAD F . -10.57 17.44 2.79
N1 FAD F . -16.32 8.32 13.49
C2 FAD F . -16.76 8.47 14.79
O2 FAD F . -17.24 9.54 15.20
N3 FAD F . -16.64 7.43 15.67
C4 FAD F . -16.10 6.18 15.38
O4 FAD F . -16.04 5.33 16.25
C4X FAD F . -15.65 6.04 14.02
N5 FAD F . -15.12 4.88 13.66
C5X FAD F . -14.74 4.73 12.36
C6 FAD F . -14.26 3.48 11.96
C7 FAD F . -13.86 3.26 10.66
C7M FAD F . -13.29 1.91 10.29
C8 FAD F . -13.96 4.30 9.72
C8M FAD F . -13.51 4.11 8.31
C9 FAD F . -14.46 5.54 10.10
C9A FAD F . -14.85 5.77 11.41
N10 FAD F . -15.36 7.01 11.85
C10 FAD F . -15.79 7.18 13.15
C1' FAD F . -15.50 8.15 10.91
C2' FAD F . -14.16 8.62 10.35
O2' FAD F . -13.53 9.50 11.27
C3' FAD F . -14.40 9.38 9.05
O3' FAD F . -14.52 8.39 8.03
C4' FAD F . -13.25 10.33 8.68
O4' FAD F . -13.27 11.49 9.51
C5' FAD F . -13.35 10.86 7.26
O5' FAD F . -14.68 11.37 7.05
P FAD F . -15.53 10.89 5.82
O1P FAD F . -15.43 9.37 5.69
O2P FAD F . -16.89 11.46 5.77
O3P FAD F . -14.66 11.42 4.57
H51A FAD F . -13.93 12.91 1.25
H52A FAD F . -13.21 11.63 1.68
H4B FAD F . -11.80 12.87 0.30
H3B FAD F . -10.88 11.93 2.46
HO3A FAD F . -9.40 11.80 0.99
H2B FAD F . -11.04 13.82 3.66
HO2A FAD F . -8.64 13.55 3.09
H1B FAD F . -10.15 15.25 1.39
H8A FAD F . -13.09 15.81 3.47
H61A FAD F . -12.25 20.33 4.85
H62A FAD F . -11.08 21.26 4.68
H2A FAD F . -8.15 19.20 2.23
HN3 FAD F . -16.88 7.58 16.49
H6 FAD F . -14.26 2.89 12.68
HM71 FAD F . -13.43 1.76 9.37
HM72 FAD F . -13.75 1.24 10.77
HM73 FAD F . -12.38 1.88 10.48
HM81 FAD F . -12.92 4.80 8.07
HM82 FAD F . -14.26 4.12 7.73
HM83 FAD F . -13.07 3.27 8.22
H9 FAD F . -14.16 6.11 9.45
H1'1 FAD F . -15.91 8.86 11.36
H1'2 FAD F . -16.05 7.87 10.20
H2' FAD F . -13.62 7.88 10.19
HO2' FAD F . -13.27 9.06 11.94
H3' FAD F . -15.19 9.89 9.10
HO3' FAD F . -15.18 8.56 7.55
H4' FAD F . -12.47 9.83 8.82
HO4' FAD F . -13.36 11.27 10.30
H5'1 FAD F . -13.17 10.17 6.65
H5'2 FAD F . -12.72 11.55 7.14
O19 X90 G . -12.84 8.33 13.78
C21 X90 G . -13.09 8.14 14.94
C22 X90 G . -12.70 6.94 15.82
C23 X90 G . -11.35 6.33 15.41
C24 X90 G . -10.93 5.19 16.39
C25 X90 G . -12.11 4.64 17.23
C26 X90 G . -11.51 3.78 18.40
C27 X90 G . -12.65 3.49 19.41
C28 X90 G . -12.31 4.31 20.70
C29 X90 G . -13.61 4.94 21.22
C30 X90 G . -13.65 5.64 23.68
C31 X90 G . -12.17 6.15 23.57
C32 X90 G . -11.74 6.84 24.90
C33 X90 G . -10.23 7.12 24.92
C34 X90 G . -9.48 6.26 25.99
C35 X90 G . -8.13 6.93 26.30
C36 X90 G . -7.00 5.94 26.63
C39 X90 G . -13.87 4.46 22.68
H22 X90 G . -12.64 7.23 16.74
H22A X90 G . -13.38 6.25 15.73
H23 X90 G . -10.67 7.02 15.42
H23A X90 G . -11.42 5.96 14.52
H24 X90 G . -10.26 5.53 16.99
H24A X90 G . -10.56 4.46 15.88
H25 X90 G . -12.62 5.38 17.60
H25A X90 G . -12.69 4.09 16.69
H26 X90 G . -11.16 2.95 18.05
H26A X90 G . -10.79 4.27 18.83
H27 X90 G . -12.66 2.53 19.62
H27A X90 G . -13.50 3.75 19.05
H28 X90 G . -11.94 3.72 21.37
H28A X90 G . -11.67 5.00 20.47
H29 X90 G . -13.53 5.92 21.20
H29A X90 G . -14.36 4.68 20.65
H30 X90 G . -14.26 6.36 23.48
H30A X90 G . -13.80 5.32 24.59
H31 X90 G . -12.11 6.79 22.84
H31A X90 G . -11.58 5.41 23.38
H32 X90 G . -11.96 6.25 25.65
H32A X90 G . -12.22 7.68 25.00
H33 X90 G . -10.08 8.06 25.11
H33A X90 G . -9.86 6.91 24.04
H34 X90 G . -10.02 6.23 26.80
H34A X90 G . -9.35 5.37 25.66
H35 X90 G . -7.86 7.45 25.53
H35A X90 G . -8.24 7.53 27.05
H36A X90 G . -6.57 5.63 25.82
H36B X90 G . -7.38 5.18 27.10
H39 X90 G . -13.26 3.73 22.88
H39A X90 G . -14.79 4.15 22.75
N1A COA H . -7.22 19.63 19.51
C2A COA H . -8.09 20.02 20.46
N3A COA H . -9.18 20.78 20.17
C4A COA H . -9.39 21.10 18.89
C5A COA H . -8.53 20.73 17.93
C6A COA H . -7.42 19.98 18.26
N6A COA H . -6.36 19.41 17.44
N7A COA H . -8.99 21.21 16.76
C8A COA H . -10.12 21.88 17.03
N9A COA H . -10.34 21.81 18.36
C1B COA H . -11.45 22.36 19.13
C2B COA H . -11.29 23.51 19.70
O2B COA H . -12.28 23.46 20.87
C3B COA H . -11.73 24.55 18.74
O3B COA H . -12.15 25.70 19.34
P3B COA H . -11.04 26.91 19.59
O7A COA H . -10.06 26.43 20.64
O8A COA H . -10.30 27.16 18.31
O9A COA H . -11.80 28.11 20.09
C4B COA H . -12.91 23.80 18.03
O4B COA H . -12.61 22.53 17.99
C5B COA H . -13.10 24.43 16.63
O5B COA H . -11.78 24.40 16.06
P1A COA H . -11.75 24.72 14.45
O1A COA H . -12.51 26.00 14.19
O2A COA H . -10.35 24.70 13.94
O3A COA H . -12.58 23.45 13.80
P2A COA H . -13.90 23.43 12.80
O4A COA H . -15.14 23.97 13.49
O5A COA H . -13.49 24.17 11.55
O6A COA H . -14.08 21.79 12.58
CBP COA H . -12.57 19.87 12.54
CCP COA H . -13.01 21.19 11.86
CDP COA H . -11.81 20.14 13.83
CEP COA H . -13.78 18.98 12.83
CAP COA H . -11.66 19.16 11.56
OAP COA H . -10.46 19.86 11.40
C9P COA H . -11.34 17.75 12.06
O9P COA H . -10.59 17.55 12.98
N8P COA H . -11.99 16.67 11.37
C7P COA H . -11.74 15.28 11.75
C6P COA H . -12.70 14.96 12.89
C5P COA H . -12.35 13.62 13.58
O5P COA H . -11.26 13.38 14.00
N4P COA H . -13.44 12.66 13.73
C3P COA H . -13.17 11.39 14.42
C2P COA H . -14.47 10.55 14.54
S1P COA H . -14.06 9.36 15.88
H2A COA H . -7.94 19.77 21.35
H61A COA H . -6.20 18.57 17.46
H62A COA H . -5.89 19.94 16.94
H8A COA H . -10.66 22.32 16.41
H1B COA H . -11.65 21.81 19.90
H2B COA H . -10.36 23.68 19.95
HO2A COA H . -11.85 23.45 21.60
H3B COA H . -11.01 24.82 18.13
H4B COA H . -13.72 23.86 18.57
H51A COA H . -13.42 25.34 16.70
H52A COA H . -13.71 23.90 16.10
H121 COA H . -13.30 20.99 10.96
H122 COA H . -12.25 21.80 11.83
H131 COA H . -11.04 20.69 13.63
H132 COA H . -12.40 20.61 14.45
H133 COA H . -11.53 19.30 14.21
H10 COA H . -12.12 19.09 10.70
HO1 COA H . -10.20 19.78 10.60
HN8 COA H . -12.53 16.84 10.73
H71 COA H . -11.92 14.69 10.99
H72 COA H . -10.83 15.17 12.03
H61 COA H . -12.66 15.68 13.55
H62 COA H . -13.60 14.91 12.53
HN4 COA H . -14.22 12.83 13.41
H31 COA H . -12.52 10.89 13.91
H32 COA H . -12.83 11.58 15.30
H21 COA H . -14.66 10.09 13.71
H22 COA H . -15.23 11.11 14.79
#